data_1T0Y
#
_entry.id   1T0Y
#
_cell.length_a   1.000
_cell.length_b   1.000
_cell.length_c   1.000
_cell.angle_alpha   90.00
_cell.angle_beta   90.00
_cell.angle_gamma   90.00
#
_symmetry.space_group_name_H-M   'P 1'
#
_entity_poly.entity_id   1
_entity_poly.type   'polypeptide(L)'
_entity_poly.pdbx_seq_one_letter_code
;GSMTEVYDLEITTNATDFPMEKKYPAGMSLNDLKKKLELVVGTTVDSMRIQLFDGDDQLKGELTDGAKSLKDLGVRDGYR
IHAVDVTGGNEDFKDESMVEKYEMSDDTYGKRTDSVRAWKKK
;
_entity_poly.pdbx_strand_id   A
#
# COMPACT_ATOMS: atom_id res chain seq x y z
N MET A 3 18.33 -12.44 4.25
CA MET A 3 17.62 -13.03 5.40
C MET A 3 16.28 -12.34 5.60
N THR A 4 16.30 -11.06 5.88
CA THR A 4 15.08 -10.31 6.02
C THR A 4 14.68 -9.80 4.63
N GLU A 5 13.43 -9.90 4.29
CA GLU A 5 12.98 -9.55 3.01
C GLU A 5 12.41 -8.17 3.05
N VAL A 6 12.89 -7.34 2.20
CA VAL A 6 12.42 -5.99 2.13
C VAL A 6 12.10 -5.65 0.69
N TYR A 7 11.05 -4.92 0.51
CA TYR A 7 10.58 -4.56 -0.80
C TYR A 7 10.46 -3.04 -0.90
N ASP A 8 10.84 -2.51 -2.03
CA ASP A 8 10.84 -1.07 -2.26
C ASP A 8 9.59 -0.65 -3.00
N LEU A 9 8.94 0.36 -2.48
CA LEU A 9 7.68 0.81 -3.01
C LEU A 9 7.64 2.28 -3.36
N GLU A 10 6.74 2.60 -4.26
CA GLU A 10 6.33 3.97 -4.48
C GLU A 10 4.90 4.05 -3.98
N ILE A 11 4.69 4.86 -3.01
CA ILE A 11 3.39 4.99 -2.42
C ILE A 11 2.68 6.20 -2.99
N THR A 12 1.44 6.01 -3.33
CA THR A 12 0.59 7.06 -3.76
C THR A 12 -0.66 7.02 -2.92
N THR A 13 -1.35 8.08 -2.90
CA THR A 13 -2.57 8.16 -2.20
C THR A 13 -3.43 9.12 -2.96
N ASN A 14 -4.64 9.13 -2.66
CA ASN A 14 -5.58 10.00 -3.29
C ASN A 14 -5.58 11.34 -2.59
N ALA A 15 -5.34 11.30 -1.28
CA ALA A 15 -5.32 12.49 -0.46
C ALA A 15 -4.05 13.30 -0.67
N THR A 16 -2.97 12.61 -0.98
CA THR A 16 -1.72 13.25 -1.19
C THR A 16 -1.40 13.25 -2.69
N ASP A 17 -0.73 14.28 -3.14
CA ASP A 17 -0.34 14.35 -4.54
C ASP A 17 1.18 14.20 -4.65
N PHE A 18 1.76 13.72 -3.59
CA PHE A 18 3.18 13.50 -3.53
C PHE A 18 3.48 12.01 -3.36
N PRO A 19 4.06 11.38 -4.39
CA PRO A 19 4.48 9.98 -4.33
C PRO A 19 5.65 9.82 -3.35
N MET A 20 5.60 8.81 -2.54
CA MET A 20 6.65 8.59 -1.57
C MET A 20 7.33 7.27 -1.82
N GLU A 21 8.61 7.29 -2.03
CA GLU A 21 9.33 6.07 -2.22
C GLU A 21 9.96 5.63 -0.92
N LYS A 22 9.69 4.43 -0.52
CA LYS A 22 10.27 3.91 0.66
C LYS A 22 10.34 2.40 0.58
N LYS A 23 11.28 1.84 1.27
CA LYS A 23 11.45 0.42 1.32
C LYS A 23 10.89 -0.08 2.65
N TYR A 24 10.22 -1.22 2.62
CA TYR A 24 9.54 -1.76 3.79
C TYR A 24 9.85 -3.26 3.90
N PRO A 25 9.61 -3.91 5.07
CA PRO A 25 9.82 -5.34 5.21
C PRO A 25 8.68 -6.12 4.58
N ALA A 26 9.02 -7.05 3.73
CA ALA A 26 8.02 -7.86 3.05
C ALA A 26 7.55 -8.98 3.97
N GLY A 27 8.27 -9.18 5.04
CA GLY A 27 7.92 -10.20 5.99
C GLY A 27 6.85 -9.73 6.95
N MET A 28 6.52 -8.46 6.91
CA MET A 28 5.49 -7.94 7.77
C MET A 28 4.11 -8.04 7.06
N SER A 29 3.05 -7.77 7.80
CA SER A 29 1.70 -7.80 7.27
C SER A 29 1.34 -6.50 6.58
N LEU A 30 0.36 -6.57 5.68
CA LEU A 30 -0.15 -5.38 5.00
C LEU A 30 -0.70 -4.41 6.00
N ASN A 31 -1.26 -4.97 7.06
CA ASN A 31 -1.87 -4.18 8.12
C ASN A 31 -0.90 -3.21 8.76
N ASP A 32 0.36 -3.57 8.78
CA ASP A 32 1.40 -2.69 9.30
C ASP A 32 1.72 -1.61 8.28
N LEU A 33 1.87 -2.03 7.05
CA LEU A 33 2.17 -1.14 5.91
C LEU A 33 1.10 -0.07 5.80
N LYS A 34 -0.13 -0.50 5.83
CA LYS A 34 -1.22 0.44 5.75
C LYS A 34 -1.33 1.27 7.01
N LYS A 35 -0.97 0.71 8.19
CA LYS A 35 -0.97 1.48 9.43
C LYS A 35 0.06 2.60 9.35
N LYS A 36 1.15 2.32 8.66
CA LYS A 36 2.18 3.28 8.39
C LYS A 36 1.57 4.41 7.53
N LEU A 37 0.77 4.01 6.58
CA LEU A 37 0.07 4.92 5.71
C LEU A 37 -1.03 5.68 6.48
N GLU A 38 -1.77 4.95 7.32
CA GLU A 38 -2.80 5.48 8.19
C GLU A 38 -2.24 6.56 9.09
N LEU A 39 -0.99 6.42 9.45
CA LEU A 39 -0.33 7.38 10.31
C LEU A 39 -0.09 8.70 9.56
N VAL A 40 0.22 8.58 8.29
CA VAL A 40 0.51 9.75 7.48
C VAL A 40 -0.77 10.41 6.96
N VAL A 41 -1.72 9.60 6.55
CA VAL A 41 -2.95 10.10 5.96
C VAL A 41 -4.01 10.40 7.03
N GLY A 42 -3.96 9.70 8.14
CA GLY A 42 -4.94 9.93 9.19
C GLY A 42 -6.17 9.08 9.00
N THR A 43 -6.16 8.25 7.98
CA THR A 43 -7.29 7.37 7.71
C THR A 43 -7.25 6.12 8.65
N THR A 44 -8.29 5.34 8.63
CA THR A 44 -8.40 4.13 9.42
C THR A 44 -8.41 2.90 8.45
N VAL A 45 -8.33 1.71 8.99
CA VAL A 45 -8.10 0.47 8.24
C VAL A 45 -9.15 0.16 7.16
N ASP A 46 -10.42 0.24 7.51
CA ASP A 46 -11.48 -0.15 6.56
C ASP A 46 -11.76 0.96 5.58
N SER A 47 -11.50 2.16 6.00
CA SER A 47 -11.74 3.31 5.23
C SER A 47 -10.58 3.62 4.29
N MET A 48 -9.51 2.92 4.47
CA MET A 48 -8.35 3.13 3.64
C MET A 48 -8.14 1.91 2.80
N ARG A 49 -8.33 2.07 1.52
CA ARG A 49 -8.26 0.97 0.62
C ARG A 49 -6.91 1.00 -0.10
N ILE A 50 -6.32 -0.16 -0.27
CA ILE A 50 -5.01 -0.28 -0.89
C ILE A 50 -5.13 -0.97 -2.25
N GLN A 51 -4.70 -0.29 -3.29
CA GLN A 51 -4.70 -0.82 -4.61
C GLN A 51 -3.28 -1.04 -5.06
N LEU A 52 -3.05 -2.13 -5.71
CA LEU A 52 -1.69 -2.49 -6.11
C LEU A 52 -1.50 -2.36 -7.60
N PHE A 53 -0.54 -1.54 -7.96
CA PHE A 53 -0.14 -1.38 -9.32
C PHE A 53 1.18 -2.09 -9.49
N ASP A 54 1.25 -2.93 -10.49
CA ASP A 54 2.43 -3.75 -10.71
C ASP A 54 3.57 -2.89 -11.17
N GLY A 55 4.70 -3.48 -11.17
CA GLY A 55 5.92 -2.79 -11.52
C GLY A 55 5.95 -2.45 -12.99
N ASP A 56 5.22 -3.21 -13.78
CA ASP A 56 5.14 -3.00 -15.20
C ASP A 56 4.36 -1.72 -15.50
N ASP A 57 3.10 -1.68 -15.02
CA ASP A 57 2.18 -0.56 -15.30
C ASP A 57 0.79 -0.83 -14.76
N GLN A 58 0.26 -1.99 -15.13
CA GLN A 58 -1.13 -2.36 -14.85
C GLN A 58 -1.45 -2.56 -13.37
N LEU A 59 -2.71 -2.34 -13.07
CA LEU A 59 -3.27 -2.57 -11.76
C LEU A 59 -3.59 -4.05 -11.66
N LYS A 60 -3.09 -4.68 -10.64
CA LYS A 60 -3.28 -6.10 -10.44
C LYS A 60 -4.57 -6.34 -9.71
N GLY A 61 -4.79 -5.57 -8.70
CA GLY A 61 -5.99 -5.72 -7.93
C GLY A 61 -5.91 -4.99 -6.63
N GLU A 62 -6.73 -5.38 -5.71
CA GLU A 62 -6.78 -4.79 -4.44
C GLU A 62 -6.13 -5.75 -3.48
N LEU A 63 -5.34 -5.25 -2.56
CA LEU A 63 -4.74 -6.14 -1.59
C LEU A 63 -5.73 -6.49 -0.54
N THR A 64 -5.69 -5.74 0.51
CA THR A 64 -6.71 -5.79 1.55
C THR A 64 -6.51 -6.99 2.53
N ASP A 65 -5.52 -7.82 2.25
CA ASP A 65 -5.24 -8.96 3.09
C ASP A 65 -3.99 -8.70 3.87
N GLY A 66 -4.12 -8.48 5.12
CA GLY A 66 -2.97 -8.25 5.97
C GLY A 66 -2.78 -9.39 6.91
N ALA A 67 -3.47 -10.47 6.63
CA ALA A 67 -3.34 -11.68 7.41
C ALA A 67 -2.10 -12.43 6.94
N LYS A 68 -1.62 -12.07 5.77
CA LYS A 68 -0.45 -12.69 5.19
C LYS A 68 0.70 -11.71 5.27
N SER A 69 1.84 -12.11 4.77
CA SER A 69 2.96 -11.25 4.72
C SER A 69 2.95 -10.62 3.36
N LEU A 70 3.56 -9.52 3.26
CA LEU A 70 3.67 -8.78 2.01
C LEU A 70 4.44 -9.58 0.95
N LYS A 71 5.28 -10.47 1.46
CA LYS A 71 6.06 -11.35 0.61
C LYS A 71 5.14 -12.45 0.09
N ASP A 72 4.30 -12.99 0.98
CA ASP A 72 3.34 -14.06 0.62
C ASP A 72 2.28 -13.53 -0.32
N LEU A 73 1.97 -12.27 -0.15
CA LEU A 73 1.02 -11.59 -1.03
C LEU A 73 1.65 -11.31 -2.38
N GLY A 74 2.96 -11.45 -2.46
CA GLY A 74 3.67 -11.18 -3.69
C GLY A 74 3.60 -9.74 -4.08
N VAL A 75 3.78 -8.84 -3.11
CA VAL A 75 3.74 -7.42 -3.39
C VAL A 75 4.98 -7.01 -4.15
N ARG A 76 6.08 -7.52 -3.67
CA ARG A 76 7.41 -7.38 -4.29
C ARG A 76 7.91 -5.94 -4.35
N ASP A 77 9.11 -5.78 -4.82
CA ASP A 77 9.72 -4.47 -4.92
C ASP A 77 9.51 -3.89 -6.28
N GLY A 78 9.59 -2.59 -6.33
CA GLY A 78 9.42 -1.87 -7.57
C GLY A 78 7.97 -1.71 -7.93
N TYR A 79 7.11 -1.92 -6.96
CA TYR A 79 5.68 -1.81 -7.13
C TYR A 79 5.16 -0.52 -6.59
N ARG A 80 4.03 -0.12 -7.09
CA ARG A 80 3.45 1.12 -6.67
C ARG A 80 2.19 0.82 -5.89
N ILE A 81 2.16 1.27 -4.66
CA ILE A 81 1.05 1.02 -3.80
C ILE A 81 0.23 2.26 -3.64
N HIS A 82 -0.98 2.17 -4.07
CA HIS A 82 -1.88 3.27 -4.04
C HIS A 82 -2.88 3.11 -2.93
N ALA A 83 -2.91 4.05 -2.05
CA ALA A 83 -3.89 4.05 -1.01
C ALA A 83 -4.95 5.05 -1.34
N VAL A 84 -6.16 4.74 -1.05
CA VAL A 84 -7.24 5.62 -1.32
C VAL A 84 -8.14 5.72 -0.08
N ASP A 85 -8.50 6.92 0.27
CA ASP A 85 -9.36 7.18 1.39
C ASP A 85 -10.77 7.12 0.90
N VAL A 86 -11.53 6.25 1.45
CA VAL A 86 -12.89 6.06 0.98
C VAL A 86 -13.90 6.84 1.85
N THR A 87 -13.53 7.12 3.09
CA THR A 87 -14.45 7.77 4.03
C THR A 87 -14.78 9.20 3.60
N GLY A 88 -13.84 9.85 2.96
CA GLY A 88 -14.08 11.19 2.45
C GLY A 88 -14.70 11.20 1.06
N GLY A 89 -14.85 10.03 0.47
CA GLY A 89 -15.49 9.90 -0.84
C GLY A 89 -14.57 10.17 -2.02
N ASN A 90 -13.36 10.60 -1.74
CA ASN A 90 -12.40 10.95 -2.76
C ASN A 90 -11.83 9.71 -3.44
N GLU A 91 -11.95 9.66 -4.74
CA GLU A 91 -11.27 8.63 -5.53
C GLU A 91 -10.91 9.19 -6.90
N ASP A 92 -11.22 10.46 -7.08
CA ASP A 92 -10.98 11.17 -8.30
C ASP A 92 -11.05 12.66 -8.02
N MET A 3 14.47 -14.66 7.31
CA MET A 3 15.47 -13.94 6.48
C MET A 3 15.09 -12.47 6.37
N THR A 4 16.07 -11.62 6.22
CA THR A 4 15.82 -10.23 6.02
C THR A 4 15.61 -9.98 4.53
N GLU A 5 14.41 -9.63 4.18
CA GLU A 5 14.03 -9.43 2.83
C GLU A 5 13.28 -8.17 2.75
N VAL A 6 13.60 -7.38 1.79
CA VAL A 6 13.00 -6.06 1.65
C VAL A 6 12.60 -5.75 0.22
N TYR A 7 11.56 -4.98 0.12
CA TYR A 7 11.05 -4.44 -1.14
C TYR A 7 10.98 -2.93 -1.04
N ASP A 8 11.29 -2.24 -2.11
CA ASP A 8 11.12 -0.79 -2.15
C ASP A 8 9.75 -0.53 -2.70
N LEU A 9 8.91 0.06 -1.92
CA LEU A 9 7.56 0.31 -2.31
C LEU A 9 7.34 1.78 -2.52
N GLU A 10 6.43 2.09 -3.40
CA GLU A 10 6.02 3.44 -3.66
C GLU A 10 4.62 3.61 -3.13
N ILE A 11 4.45 4.53 -2.26
CA ILE A 11 3.18 4.76 -1.66
C ILE A 11 2.48 5.87 -2.42
N THR A 12 1.31 5.57 -2.86
CA THR A 12 0.46 6.48 -3.57
C THR A 12 -0.90 6.49 -2.95
N THR A 13 -1.60 7.57 -3.11
CA THR A 13 -2.92 7.69 -2.60
C THR A 13 -3.63 8.59 -3.57
N ASN A 14 -4.89 8.61 -3.49
CA ASN A 14 -5.71 9.46 -4.35
C ASN A 14 -5.73 10.87 -3.78
N ALA A 15 -5.62 10.92 -2.46
CA ALA A 15 -5.65 12.17 -1.73
C ALA A 15 -4.27 12.81 -1.65
N THR A 16 -3.23 12.06 -2.00
CA THR A 16 -1.89 12.59 -1.98
C THR A 16 -1.40 12.80 -3.39
N ASP A 17 -0.72 13.89 -3.62
CA ASP A 17 -0.22 14.20 -4.95
C ASP A 17 1.19 13.70 -5.13
N PHE A 18 1.95 13.70 -4.06
CA PHE A 18 3.34 13.29 -4.12
C PHE A 18 3.54 11.90 -3.53
N PRO A 19 3.93 10.92 -4.37
CA PRO A 19 4.21 9.54 -3.93
C PRO A 19 5.47 9.48 -3.05
N MET A 20 5.50 8.55 -2.14
CA MET A 20 6.63 8.39 -1.23
C MET A 20 7.21 7.02 -1.42
N GLU A 21 8.49 6.94 -1.55
CA GLU A 21 9.12 5.65 -1.69
C GLU A 21 9.72 5.24 -0.36
N LYS A 22 9.40 4.04 0.06
CA LYS A 22 9.92 3.54 1.28
C LYS A 22 10.14 2.06 1.16
N LYS A 23 11.12 1.57 1.83
CA LYS A 23 11.44 0.20 1.78
C LYS A 23 10.76 -0.51 2.95
N TYR A 24 10.19 -1.65 2.67
CA TYR A 24 9.50 -2.45 3.66
C TYR A 24 9.95 -3.90 3.54
N PRO A 25 9.97 -4.64 4.66
CA PRO A 25 10.32 -6.05 4.64
C PRO A 25 9.32 -6.90 3.86
N ALA A 26 9.79 -7.95 3.22
CA ALA A 26 8.92 -8.87 2.48
C ALA A 26 7.96 -9.61 3.39
N GLY A 27 8.34 -9.71 4.64
CA GLY A 27 7.54 -10.39 5.64
C GLY A 27 6.61 -9.44 6.39
N MET A 28 6.58 -8.20 5.94
CA MET A 28 5.73 -7.15 6.52
C MET A 28 4.27 -7.43 6.20
N SER A 29 3.40 -7.06 7.10
CA SER A 29 1.98 -7.22 6.87
C SER A 29 1.45 -5.96 6.26
N LEU A 30 0.53 -6.13 5.37
CA LEU A 30 -0.11 -5.02 4.72
C LEU A 30 -0.83 -4.19 5.80
N ASN A 31 -1.32 -4.87 6.83
CA ASN A 31 -2.08 -4.20 7.92
C ASN A 31 -1.21 -3.32 8.79
N ASP A 32 -0.01 -3.77 9.10
CA ASP A 32 0.88 -2.96 9.94
C ASP A 32 1.39 -1.79 9.14
N LEU A 33 1.46 -1.99 7.85
CA LEU A 33 1.92 -1.00 6.89
C LEU A 33 0.82 0.06 6.75
N LYS A 34 -0.43 -0.40 6.73
CA LYS A 34 -1.59 0.51 6.72
C LYS A 34 -1.54 1.37 7.94
N LYS A 35 -1.30 0.77 9.08
CA LYS A 35 -1.26 1.46 10.37
C LYS A 35 -0.19 2.57 10.35
N LYS A 36 0.87 2.31 9.63
CA LYS A 36 1.93 3.23 9.40
C LYS A 36 1.48 4.32 8.43
N LEU A 37 0.80 3.92 7.37
CA LEU A 37 0.26 4.82 6.39
C LEU A 37 -0.85 5.67 6.99
N GLU A 38 -1.61 5.09 7.88
CA GLU A 38 -2.65 5.76 8.63
C GLU A 38 -2.06 6.95 9.38
N LEU A 39 -0.84 6.81 9.81
CA LEU A 39 -0.16 7.84 10.55
C LEU A 39 0.28 8.98 9.61
N VAL A 40 0.58 8.62 8.37
CA VAL A 40 1.05 9.58 7.39
C VAL A 40 -0.13 10.24 6.64
N VAL A 41 -1.11 9.45 6.28
CA VAL A 41 -2.23 9.93 5.50
C VAL A 41 -3.36 10.46 6.40
N GLY A 42 -3.40 9.99 7.64
CA GLY A 42 -4.44 10.44 8.56
C GLY A 42 -5.72 9.65 8.41
N THR A 43 -5.69 8.65 7.56
CA THR A 43 -6.84 7.81 7.33
C THR A 43 -6.93 6.69 8.42
N THR A 44 -7.99 5.93 8.43
CA THR A 44 -8.19 4.85 9.37
C THR A 44 -8.17 3.51 8.62
N VAL A 45 -8.26 2.41 9.35
CA VAL A 45 -8.14 1.06 8.75
C VAL A 45 -9.27 0.75 7.76
N ASP A 46 -10.49 0.99 8.15
CA ASP A 46 -11.66 0.60 7.34
C ASP A 46 -11.87 1.55 6.19
N SER A 47 -11.55 2.80 6.42
CA SER A 47 -11.73 3.82 5.46
C SER A 47 -10.61 3.82 4.42
N MET A 48 -9.58 3.07 4.69
CA MET A 48 -8.45 3.02 3.80
C MET A 48 -8.44 1.73 3.01
N ARG A 49 -8.64 1.84 1.73
CA ARG A 49 -8.61 0.69 0.85
C ARG A 49 -7.35 0.75 0.03
N ILE A 50 -6.73 -0.38 -0.22
CA ILE A 50 -5.46 -0.41 -0.91
C ILE A 50 -5.47 -1.24 -2.18
N GLN A 51 -4.90 -0.67 -3.22
CA GLN A 51 -4.69 -1.31 -4.49
C GLN A 51 -3.21 -1.49 -4.69
N LEU A 52 -2.83 -2.51 -5.38
CA LEU A 52 -1.44 -2.76 -5.68
C LEU A 52 -1.19 -2.67 -7.16
N PHE A 53 -0.18 -1.95 -7.55
CA PHE A 53 0.20 -1.85 -8.93
C PHE A 53 1.62 -2.34 -9.08
N ASP A 54 1.97 -2.78 -10.27
CA ASP A 54 3.32 -3.21 -10.57
C ASP A 54 4.29 -2.07 -10.55
N GLY A 55 5.50 -2.38 -10.92
CA GLY A 55 6.51 -1.37 -11.12
C GLY A 55 6.56 -1.13 -12.59
N ASP A 56 5.40 -0.85 -13.14
CA ASP A 56 5.18 -0.78 -14.56
C ASP A 56 4.12 0.28 -14.85
N ASP A 57 2.90 0.00 -14.37
CA ASP A 57 1.73 0.86 -14.57
C ASP A 57 0.50 0.11 -14.10
N GLN A 58 0.43 -1.12 -14.54
CA GLN A 58 -0.71 -2.03 -14.38
C GLN A 58 -1.02 -2.41 -12.94
N LEU A 59 -2.30 -2.65 -12.72
CA LEU A 59 -2.88 -3.03 -11.45
C LEU A 59 -2.76 -4.54 -11.22
N LYS A 60 -2.33 -4.93 -10.03
CA LYS A 60 -2.32 -6.32 -9.64
C LYS A 60 -3.68 -6.69 -9.09
N GLY A 61 -4.23 -5.82 -8.28
CA GLY A 61 -5.51 -6.05 -7.71
C GLY A 61 -5.72 -5.23 -6.47
N GLU A 62 -6.71 -5.57 -5.71
CA GLU A 62 -7.04 -4.88 -4.52
C GLU A 62 -6.55 -5.70 -3.33
N LEU A 63 -5.72 -5.10 -2.52
CA LEU A 63 -5.16 -5.76 -1.36
C LEU A 63 -6.02 -5.49 -0.15
N THR A 64 -5.38 -4.98 0.91
CA THR A 64 -5.95 -4.60 2.22
C THR A 64 -6.10 -5.84 3.14
N ASP A 65 -5.55 -6.96 2.67
CA ASP A 65 -5.55 -8.24 3.41
C ASP A 65 -4.79 -8.10 4.74
N GLY A 66 -3.46 -7.99 4.62
CA GLY A 66 -2.57 -7.83 5.77
C GLY A 66 -2.32 -9.09 6.56
N ALA A 67 -3.15 -10.09 6.40
CA ALA A 67 -2.94 -11.38 7.06
C ALA A 67 -1.98 -12.22 6.23
N LYS A 68 -1.53 -11.63 5.16
CA LYS A 68 -0.57 -12.20 4.26
C LYS A 68 0.59 -11.21 4.23
N SER A 69 1.77 -11.66 3.91
CA SER A 69 2.89 -10.80 3.86
C SER A 69 2.97 -10.14 2.53
N LEU A 70 3.88 -9.22 2.39
CA LEU A 70 4.08 -8.54 1.13
C LEU A 70 4.53 -9.51 0.06
N LYS A 71 5.26 -10.52 0.49
CA LYS A 71 5.76 -11.53 -0.41
C LYS A 71 4.62 -12.39 -0.91
N ASP A 72 3.74 -12.74 0.00
CA ASP A 72 2.63 -13.64 -0.29
C ASP A 72 1.57 -12.92 -1.10
N LEU A 73 1.45 -11.63 -0.86
CA LEU A 73 0.49 -10.79 -1.58
C LEU A 73 0.96 -10.50 -3.00
N GLY A 74 2.20 -10.78 -3.30
CA GLY A 74 2.70 -10.54 -4.63
C GLY A 74 3.22 -9.14 -4.80
N VAL A 75 3.65 -8.55 -3.71
CA VAL A 75 4.23 -7.23 -3.72
C VAL A 75 5.73 -7.40 -3.85
N ARG A 76 6.35 -6.57 -4.65
CA ARG A 76 7.78 -6.65 -4.85
C ARG A 76 8.34 -5.26 -4.87
N ASP A 77 9.62 -5.14 -5.11
CA ASP A 77 10.26 -3.86 -5.20
C ASP A 77 9.88 -3.17 -6.47
N GLY A 78 9.70 -1.91 -6.34
CA GLY A 78 9.30 -1.10 -7.47
C GLY A 78 7.80 -0.99 -7.61
N TYR A 79 7.10 -1.86 -6.91
CA TYR A 79 5.65 -1.87 -6.94
C TYR A 79 5.10 -0.74 -6.13
N ARG A 80 4.01 -0.20 -6.55
CA ARG A 80 3.42 0.89 -5.86
C ARG A 80 2.15 0.45 -5.17
N ILE A 81 1.99 0.91 -3.98
CA ILE A 81 0.86 0.63 -3.17
C ILE A 81 -0.04 1.83 -3.29
N HIS A 82 -1.24 1.63 -3.64
CA HIS A 82 -2.15 2.69 -3.80
C HIS A 82 -3.20 2.67 -2.72
N ALA A 83 -3.27 3.72 -2.00
CA ALA A 83 -4.27 3.88 -1.00
C ALA A 83 -5.38 4.75 -1.54
N VAL A 84 -6.59 4.42 -1.21
CA VAL A 84 -7.70 5.18 -1.62
C VAL A 84 -8.65 5.29 -0.44
N ASP A 85 -9.37 6.37 -0.38
CA ASP A 85 -10.23 6.64 0.74
C ASP A 85 -11.65 6.23 0.43
N VAL A 86 -12.21 5.41 1.27
CA VAL A 86 -13.55 4.89 1.06
C VAL A 86 -14.60 5.88 1.59
N THR A 87 -14.26 6.59 2.64
CA THR A 87 -15.19 7.51 3.29
C THR A 87 -15.53 8.74 2.46
N GLY A 88 -14.64 9.13 1.58
CA GLY A 88 -14.91 10.28 0.73
C GLY A 88 -15.63 9.88 -0.54
N GLY A 89 -15.83 8.58 -0.74
CA GLY A 89 -16.51 8.08 -1.91
C GLY A 89 -15.73 8.33 -3.19
N ASN A 90 -14.42 8.36 -3.06
CA ASN A 90 -13.56 8.59 -4.21
C ASN A 90 -13.06 7.29 -4.75
N GLU A 91 -13.10 7.18 -6.09
CA GLU A 91 -12.73 5.96 -6.85
C GLU A 91 -13.71 4.82 -6.53
N ASP A 92 -14.79 5.18 -5.91
CA ASP A 92 -15.81 4.25 -5.51
C ASP A 92 -17.04 4.51 -6.34
N MET A 3 12.27 -12.11 10.39
CA MET A 3 13.42 -12.08 9.49
C MET A 3 13.52 -10.71 8.86
N THR A 4 14.73 -10.22 8.69
CA THR A 4 14.93 -8.93 8.10
C THR A 4 15.00 -9.06 6.57
N GLU A 5 14.02 -8.51 5.89
CA GLU A 5 13.97 -8.51 4.46
C GLU A 5 13.02 -7.41 4.05
N VAL A 6 13.35 -6.68 3.01
CA VAL A 6 12.61 -5.49 2.64
C VAL A 6 12.44 -5.35 1.12
N TYR A 7 11.41 -4.63 0.74
CA TYR A 7 11.11 -4.27 -0.64
C TYR A 7 10.99 -2.76 -0.75
N ASP A 8 11.53 -2.19 -1.80
CA ASP A 8 11.36 -0.77 -2.05
C ASP A 8 10.07 -0.59 -2.78
N LEU A 9 9.19 0.11 -2.20
CA LEU A 9 7.88 0.29 -2.71
C LEU A 9 7.63 1.74 -3.00
N GLU A 10 6.72 2.02 -3.89
CA GLU A 10 6.35 3.39 -4.14
C GLU A 10 4.96 3.61 -3.61
N ILE A 11 4.83 4.56 -2.75
CA ILE A 11 3.59 4.85 -2.12
C ILE A 11 2.87 5.95 -2.86
N THR A 12 1.65 5.70 -3.15
CA THR A 12 0.76 6.62 -3.78
C THR A 12 -0.55 6.62 -3.02
N THR A 13 -1.22 7.71 -3.01
CA THR A 13 -2.41 7.82 -2.26
C THR A 13 -3.27 8.82 -2.96
N ASN A 14 -4.50 8.70 -2.74
CA ASN A 14 -5.50 9.57 -3.32
C ASN A 14 -5.46 10.96 -2.68
N ALA A 15 -4.79 11.06 -1.54
CA ALA A 15 -4.68 12.28 -0.82
C ALA A 15 -3.28 12.87 -0.92
N THR A 16 -2.38 12.18 -1.61
CA THR A 16 -1.04 12.65 -1.77
C THR A 16 -0.76 12.88 -3.24
N ASP A 17 -0.02 13.91 -3.54
CA ASP A 17 0.30 14.19 -4.93
C ASP A 17 1.60 13.55 -5.32
N PHE A 18 2.57 13.66 -4.45
CA PHE A 18 3.90 13.17 -4.70
C PHE A 18 4.03 11.68 -4.35
N PRO A 19 4.36 10.85 -5.35
CA PRO A 19 4.64 9.43 -5.14
C PRO A 19 6.04 9.27 -4.59
N MET A 20 6.18 8.55 -3.53
CA MET A 20 7.47 8.44 -2.89
C MET A 20 7.85 6.99 -2.72
N GLU A 21 9.09 6.68 -2.99
CA GLU A 21 9.58 5.36 -2.83
C GLU A 21 10.10 5.20 -1.42
N LYS A 22 9.59 4.23 -0.75
CA LYS A 22 9.92 3.97 0.61
C LYS A 22 10.08 2.47 0.80
N LYS A 23 10.96 2.11 1.67
CA LYS A 23 11.32 0.73 1.87
C LYS A 23 10.52 0.12 3.03
N TYR A 24 9.92 -1.03 2.79
CA TYR A 24 9.11 -1.72 3.78
C TYR A 24 9.50 -3.19 3.88
N PRO A 25 9.34 -3.82 5.06
CA PRO A 25 9.71 -5.23 5.26
C PRO A 25 8.79 -6.20 4.52
N ALA A 26 9.40 -7.23 3.97
CA ALA A 26 8.72 -8.26 3.20
C ALA A 26 7.75 -9.06 4.05
N GLY A 27 8.20 -9.39 5.21
CA GLY A 27 7.44 -10.23 6.12
C GLY A 27 6.37 -9.49 6.88
N MET A 28 6.29 -8.19 6.69
CA MET A 28 5.30 -7.39 7.37
C MET A 28 3.92 -7.63 6.77
N SER A 29 2.90 -7.47 7.58
CA SER A 29 1.54 -7.67 7.17
C SER A 29 1.02 -6.44 6.51
N LEU A 30 0.07 -6.63 5.61
CA LEU A 30 -0.55 -5.52 4.92
C LEU A 30 -1.25 -4.62 5.95
N ASN A 31 -1.71 -5.22 7.06
CA ASN A 31 -2.37 -4.41 8.11
C ASN A 31 -1.46 -3.36 8.72
N ASP A 32 -0.20 -3.73 9.00
CA ASP A 32 0.76 -2.76 9.59
C ASP A 32 1.16 -1.78 8.52
N LEU A 33 1.14 -2.24 7.29
CA LEU A 33 1.45 -1.41 6.12
C LEU A 33 0.43 -0.30 6.05
N LYS A 34 -0.82 -0.67 6.17
CA LYS A 34 -1.93 0.29 6.21
C LYS A 34 -1.74 1.21 7.37
N LYS A 35 -1.52 0.66 8.56
CA LYS A 35 -1.33 1.44 9.73
C LYS A 35 -0.15 2.41 9.64
N LYS A 36 0.85 2.04 8.85
CA LYS A 36 2.01 2.90 8.63
C LYS A 36 1.56 4.05 7.76
N LEU A 37 0.79 3.73 6.75
CA LEU A 37 0.21 4.68 5.83
C LEU A 37 -0.76 5.59 6.55
N GLU A 38 -1.61 4.99 7.34
CA GLU A 38 -2.60 5.65 8.14
C GLU A 38 -2.01 6.62 9.10
N LEU A 39 -0.82 6.34 9.56
CA LEU A 39 -0.11 7.23 10.45
C LEU A 39 0.22 8.55 9.71
N VAL A 40 0.45 8.44 8.42
CA VAL A 40 0.75 9.59 7.60
C VAL A 40 -0.52 10.22 7.05
N VAL A 41 -1.46 9.39 6.62
CA VAL A 41 -2.69 9.88 5.99
C VAL A 41 -3.72 10.33 7.02
N GLY A 42 -3.70 9.74 8.21
CA GLY A 42 -4.64 10.14 9.24
C GLY A 42 -6.03 9.50 9.08
N THR A 43 -6.18 8.62 8.11
CA THR A 43 -7.45 7.93 7.88
C THR A 43 -7.57 6.72 8.88
N THR A 44 -8.67 5.97 8.80
CA THR A 44 -8.86 4.79 9.59
C THR A 44 -8.77 3.52 8.72
N VAL A 45 -8.25 2.45 9.33
CA VAL A 45 -7.89 1.22 8.62
C VAL A 45 -9.07 0.60 7.86
N ASP A 46 -10.23 0.61 8.47
CA ASP A 46 -11.40 0.00 7.86
C ASP A 46 -11.92 0.81 6.65
N SER A 47 -11.68 2.09 6.67
CA SER A 47 -12.15 2.97 5.65
C SER A 47 -11.14 3.23 4.55
N MET A 48 -9.99 2.61 4.64
CA MET A 48 -8.92 2.89 3.71
C MET A 48 -8.53 1.59 2.96
N ARG A 49 -8.53 1.62 1.64
CA ARG A 49 -8.17 0.47 0.84
C ARG A 49 -6.96 0.69 0.01
N ILE A 50 -6.18 -0.36 -0.11
CA ILE A 50 -4.91 -0.31 -0.82
C ILE A 50 -4.96 -1.12 -2.14
N GLN A 51 -4.54 -0.50 -3.21
CA GLN A 51 -4.42 -1.14 -4.50
C GLN A 51 -2.95 -1.22 -4.87
N LEU A 52 -2.59 -2.21 -5.62
CA LEU A 52 -1.23 -2.33 -6.10
C LEU A 52 -1.21 -2.17 -7.59
N PHE A 53 -0.43 -1.25 -8.03
CA PHE A 53 -0.23 -1.01 -9.43
C PHE A 53 1.17 -1.42 -9.78
N ASP A 54 1.35 -1.87 -10.97
CA ASP A 54 2.64 -2.28 -11.44
C ASP A 54 3.41 -1.11 -12.01
N GLY A 55 4.55 -1.42 -12.59
CA GLY A 55 5.41 -0.41 -13.13
C GLY A 55 4.98 0.03 -14.51
N ASP A 56 3.99 -0.64 -15.06
CA ASP A 56 3.47 -0.29 -16.34
C ASP A 56 2.38 0.72 -16.12
N ASP A 57 1.29 0.27 -15.46
CA ASP A 57 0.13 1.13 -15.16
C ASP A 57 -1.00 0.35 -14.52
N GLN A 58 -1.15 -0.89 -14.94
CA GLN A 58 -2.28 -1.72 -14.54
C GLN A 58 -2.34 -2.01 -13.05
N LEU A 59 -3.56 -2.15 -12.60
CA LEU A 59 -3.86 -2.51 -11.24
C LEU A 59 -3.80 -4.02 -11.16
N LYS A 60 -2.92 -4.51 -10.35
CA LYS A 60 -2.75 -5.95 -10.22
C LYS A 60 -3.72 -6.55 -9.25
N GLY A 61 -4.03 -5.82 -8.24
CA GLY A 61 -5.01 -6.29 -7.31
C GLY A 61 -5.29 -5.30 -6.24
N GLU A 62 -6.36 -5.52 -5.53
CA GLU A 62 -6.71 -4.70 -4.43
C GLU A 62 -6.42 -5.48 -3.18
N LEU A 63 -5.57 -4.95 -2.39
CA LEU A 63 -5.10 -5.59 -1.21
C LEU A 63 -6.02 -5.26 -0.06
N THR A 64 -5.45 -5.20 1.15
CA THR A 64 -6.10 -5.02 2.45
C THR A 64 -6.12 -6.36 3.20
N ASP A 65 -5.60 -7.40 2.53
CA ASP A 65 -5.46 -8.72 3.13
C ASP A 65 -4.18 -8.70 3.90
N GLY A 66 -4.28 -8.64 5.20
CA GLY A 66 -3.08 -8.53 5.99
C GLY A 66 -2.73 -9.78 6.72
N ALA A 67 -3.53 -10.82 6.55
CA ALA A 67 -3.25 -12.10 7.18
C ALA A 67 -2.05 -12.75 6.48
N LYS A 68 -1.71 -12.17 5.37
CA LYS A 68 -0.60 -12.57 4.57
C LYS A 68 0.32 -11.37 4.40
N SER A 69 1.60 -11.62 4.26
CA SER A 69 2.57 -10.58 4.22
C SER A 69 2.66 -9.96 2.87
N LEU A 70 3.45 -8.92 2.78
CA LEU A 70 3.69 -8.24 1.53
C LEU A 70 4.36 -9.20 0.55
N LYS A 71 5.17 -10.07 1.11
CA LYS A 71 5.93 -11.01 0.36
C LYS A 71 5.02 -12.06 -0.24
N ASP A 72 4.02 -12.47 0.53
CA ASP A 72 3.08 -13.49 0.07
C ASP A 72 2.09 -12.87 -0.90
N LEU A 73 1.81 -11.60 -0.68
CA LEU A 73 0.91 -10.83 -1.53
C LEU A 73 1.53 -10.48 -2.88
N GLY A 74 2.82 -10.67 -3.00
CA GLY A 74 3.49 -10.38 -4.25
C GLY A 74 3.87 -8.92 -4.37
N VAL A 75 3.91 -8.26 -3.23
CA VAL A 75 4.29 -6.88 -3.17
C VAL A 75 5.80 -6.85 -3.05
N ARG A 76 6.46 -6.67 -4.17
CA ARG A 76 7.90 -6.74 -4.21
C ARG A 76 8.50 -5.41 -4.60
N ASP A 77 9.81 -5.41 -4.81
CA ASP A 77 10.53 -4.17 -5.12
C ASP A 77 10.02 -3.54 -6.37
N GLY A 78 9.88 -2.28 -6.30
CA GLY A 78 9.49 -1.48 -7.45
C GLY A 78 7.98 -1.38 -7.66
N TYR A 79 7.20 -2.11 -6.89
CA TYR A 79 5.76 -2.05 -7.05
C TYR A 79 5.16 -0.81 -6.44
N ARG A 80 4.04 -0.39 -6.97
CA ARG A 80 3.43 0.83 -6.56
C ARG A 80 2.22 0.51 -5.71
N ILE A 81 2.22 1.00 -4.51
CA ILE A 81 1.15 0.78 -3.59
C ILE A 81 0.32 2.04 -3.49
N HIS A 82 -0.92 1.90 -3.74
CA HIS A 82 -1.84 3.00 -3.75
C HIS A 82 -2.88 2.85 -2.66
N ALA A 83 -3.08 3.87 -1.89
CA ALA A 83 -4.11 3.86 -0.87
C ALA A 83 -5.21 4.87 -1.22
N VAL A 84 -6.45 4.50 -0.97
CA VAL A 84 -7.59 5.32 -1.30
C VAL A 84 -8.66 5.22 -0.20
N ASP A 85 -9.35 6.33 0.02
CA ASP A 85 -10.39 6.40 1.05
C ASP A 85 -11.71 5.86 0.51
N VAL A 86 -12.30 4.98 1.26
CA VAL A 86 -13.52 4.32 0.85
C VAL A 86 -14.76 4.96 1.49
N THR A 87 -14.59 5.56 2.65
CA THR A 87 -15.73 6.06 3.38
C THR A 87 -16.30 7.34 2.74
N GLY A 88 -15.44 8.11 2.13
CA GLY A 88 -15.88 9.31 1.46
C GLY A 88 -16.22 9.03 0.01
N GLY A 89 -15.97 7.82 -0.41
CA GLY A 89 -16.24 7.45 -1.77
C GLY A 89 -15.24 8.05 -2.72
N ASN A 90 -13.99 8.01 -2.34
CA ASN A 90 -12.93 8.55 -3.16
C ASN A 90 -12.62 7.58 -4.27
N GLU A 91 -12.64 8.10 -5.51
CA GLU A 91 -12.40 7.32 -6.74
C GLU A 91 -13.47 6.24 -6.92
N ASP A 92 -14.59 6.46 -6.28
CA ASP A 92 -15.70 5.55 -6.27
C ASP A 92 -16.80 6.14 -7.13
N MET A 3 15.30 -15.00 4.42
CA MET A 3 14.98 -14.41 5.72
C MET A 3 15.01 -12.89 5.63
N THR A 4 16.19 -12.32 5.40
CA THR A 4 16.30 -10.90 5.19
C THR A 4 15.82 -10.58 3.80
N GLU A 5 14.72 -9.90 3.71
CA GLU A 5 14.07 -9.69 2.46
C GLU A 5 13.19 -8.46 2.60
N VAL A 6 13.43 -7.47 1.79
CA VAL A 6 12.76 -6.18 1.86
C VAL A 6 12.44 -5.68 0.48
N TYR A 7 11.37 -4.96 0.37
CA TYR A 7 10.97 -4.39 -0.90
C TYR A 7 10.78 -2.90 -0.79
N ASP A 8 11.41 -2.18 -1.70
CA ASP A 8 11.19 -0.76 -1.82
C ASP A 8 9.98 -0.58 -2.68
N LEU A 9 8.99 -0.03 -2.14
CA LEU A 9 7.76 0.15 -2.81
C LEU A 9 7.36 1.61 -2.87
N GLU A 10 6.56 1.94 -3.82
CA GLU A 10 6.21 3.30 -4.07
C GLU A 10 4.79 3.54 -3.65
N ILE A 11 4.62 4.42 -2.72
CA ILE A 11 3.33 4.70 -2.15
C ILE A 11 2.66 5.88 -2.82
N THR A 12 1.43 5.67 -3.15
CA THR A 12 0.57 6.67 -3.67
C THR A 12 -0.69 6.69 -2.85
N THR A 13 -1.38 7.77 -2.89
CA THR A 13 -2.57 7.92 -2.12
C THR A 13 -3.43 8.87 -2.90
N ASN A 14 -4.62 8.97 -2.53
CA ASN A 14 -5.57 9.86 -3.15
C ASN A 14 -5.23 11.30 -2.79
N ALA A 15 -4.61 11.45 -1.65
CA ALA A 15 -4.25 12.74 -1.15
C ALA A 15 -2.88 13.19 -1.66
N THR A 16 -2.12 12.26 -2.19
CA THR A 16 -0.81 12.58 -2.70
C THR A 16 -0.72 12.29 -4.19
N ASP A 17 -0.27 13.25 -4.94
CA ASP A 17 -0.07 13.06 -6.36
C ASP A 17 1.39 12.70 -6.60
N PHE A 18 2.20 13.02 -5.61
CA PHE A 18 3.61 12.73 -5.62
C PHE A 18 3.85 11.35 -4.98
N PRO A 19 4.55 10.46 -5.68
CA PRO A 19 4.87 9.15 -5.16
C PRO A 19 6.08 9.18 -4.25
N MET A 20 6.03 8.39 -3.22
CA MET A 20 7.10 8.33 -2.26
C MET A 20 7.45 6.88 -2.01
N GLU A 21 8.69 6.51 -2.22
CA GLU A 21 9.11 5.14 -2.00
C GLU A 21 9.45 4.90 -0.54
N LYS A 22 9.08 3.74 -0.07
CA LYS A 22 9.33 3.30 1.26
C LYS A 22 9.80 1.87 1.19
N LYS A 23 10.60 1.46 2.13
CA LYS A 23 11.08 0.09 2.12
C LYS A 23 10.56 -0.65 3.34
N TYR A 24 9.99 -1.81 3.11
CA TYR A 24 9.46 -2.64 4.15
C TYR A 24 9.87 -4.07 3.90
N PRO A 25 10.02 -4.87 4.97
CA PRO A 25 10.34 -6.29 4.83
C PRO A 25 9.25 -7.03 4.09
N ALA A 26 9.65 -7.99 3.29
CA ALA A 26 8.71 -8.78 2.53
C ALA A 26 7.81 -9.60 3.43
N GLY A 27 8.35 -9.91 4.58
CA GLY A 27 7.64 -10.69 5.55
C GLY A 27 6.82 -9.83 6.50
N MET A 28 6.75 -8.56 6.21
CA MET A 28 5.95 -7.65 7.00
C MET A 28 4.54 -7.66 6.45
N SER A 29 3.61 -7.35 7.29
CA SER A 29 2.23 -7.32 6.95
C SER A 29 1.88 -6.01 6.31
N LEU A 30 0.95 -6.05 5.39
CA LEU A 30 0.48 -4.85 4.74
C LEU A 30 -0.30 -4.05 5.79
N ASN A 31 -0.76 -4.77 6.79
CA ASN A 31 -1.49 -4.23 7.94
C ASN A 31 -0.66 -3.14 8.61
N ASP A 32 0.63 -3.43 8.79
CA ASP A 32 1.59 -2.52 9.40
C ASP A 32 1.85 -1.35 8.47
N LEU A 33 1.88 -1.67 7.18
CA LEU A 33 2.12 -0.71 6.11
C LEU A 33 1.01 0.32 6.15
N LYS A 34 -0.20 -0.17 6.23
CA LYS A 34 -1.38 0.70 6.32
C LYS A 34 -1.35 1.49 7.58
N LYS A 35 -0.97 0.87 8.67
CA LYS A 35 -0.94 1.52 9.97
C LYS A 35 -0.03 2.76 9.94
N LYS A 36 1.06 2.69 9.18
CA LYS A 36 1.96 3.80 8.99
C LYS A 36 1.25 4.89 8.19
N LEU A 37 0.57 4.46 7.16
CA LEU A 37 -0.18 5.32 6.29
C LEU A 37 -1.32 5.98 7.04
N GLU A 38 -2.02 5.19 7.80
CA GLU A 38 -3.12 5.60 8.63
C GLU A 38 -2.69 6.61 9.64
N LEU A 39 -1.45 6.51 10.08
CA LEU A 39 -0.91 7.45 11.01
C LEU A 39 -0.72 8.83 10.36
N VAL A 40 -0.42 8.82 9.08
CA VAL A 40 -0.20 10.06 8.34
C VAL A 40 -1.52 10.61 7.76
N VAL A 41 -2.35 9.72 7.22
CA VAL A 41 -3.59 10.13 6.59
C VAL A 41 -4.70 10.33 7.61
N GLY A 42 -4.61 9.62 8.73
CA GLY A 42 -5.61 9.76 9.75
C GLY A 42 -6.84 8.93 9.48
N THR A 43 -6.75 8.07 8.48
CA THR A 43 -7.87 7.22 8.12
C THR A 43 -7.98 6.03 9.12
N THR A 44 -9.00 5.24 8.97
CA THR A 44 -9.14 4.02 9.70
C THR A 44 -9.00 2.87 8.71
N VAL A 45 -8.40 1.78 9.15
CA VAL A 45 -7.94 0.70 8.29
C VAL A 45 -9.07 0.07 7.43
N ASP A 46 -10.26 -0.04 7.98
CA ASP A 46 -11.40 -0.59 7.22
C ASP A 46 -11.79 0.31 6.05
N SER A 47 -11.76 1.60 6.29
CA SER A 47 -12.18 2.57 5.36
C SER A 47 -11.06 3.00 4.40
N MET A 48 -9.92 2.40 4.54
CA MET A 48 -8.78 2.75 3.72
C MET A 48 -8.43 1.55 2.85
N ARG A 49 -8.50 1.71 1.56
CA ARG A 49 -8.22 0.63 0.63
C ARG A 49 -6.85 0.71 0.01
N ILE A 50 -6.29 -0.45 -0.19
CA ILE A 50 -4.95 -0.57 -0.75
C ILE A 50 -5.00 -1.27 -2.10
N GLN A 51 -4.54 -0.59 -3.12
CA GLN A 51 -4.49 -1.12 -4.45
C GLN A 51 -3.05 -1.28 -4.89
N LEU A 52 -2.80 -2.26 -5.70
CA LEU A 52 -1.45 -2.53 -6.15
C LEU A 52 -1.32 -2.34 -7.66
N PHE A 53 -0.39 -1.52 -8.03
CA PHE A 53 -0.04 -1.28 -9.41
C PHE A 53 1.40 -1.77 -9.59
N ASP A 54 1.75 -2.23 -10.76
CA ASP A 54 3.07 -2.78 -10.96
C ASP A 54 4.09 -1.69 -11.16
N GLY A 55 5.27 -2.10 -11.55
CA GLY A 55 6.36 -1.17 -11.77
C GLY A 55 6.12 -0.27 -12.96
N ASP A 56 5.38 -0.78 -13.92
CA ASP A 56 5.04 -0.01 -15.10
C ASP A 56 3.87 0.91 -14.87
N ASP A 57 2.67 0.35 -14.63
CA ASP A 57 1.48 1.18 -14.50
C ASP A 57 0.24 0.42 -14.11
N GLN A 58 0.00 -0.70 -14.77
CA GLN A 58 -1.26 -1.41 -14.63
C GLN A 58 -1.63 -1.85 -13.24
N LEU A 59 -2.89 -1.70 -12.95
CA LEU A 59 -3.47 -2.12 -11.73
C LEU A 59 -3.59 -3.62 -11.74
N LYS A 60 -2.95 -4.25 -10.81
CA LYS A 60 -3.04 -5.69 -10.71
C LYS A 60 -4.28 -6.05 -9.95
N GLY A 61 -4.52 -5.34 -8.89
CA GLY A 61 -5.68 -5.57 -8.13
C GLY A 61 -5.66 -4.84 -6.84
N GLU A 62 -6.58 -5.18 -5.98
CA GLU A 62 -6.68 -4.57 -4.71
C GLU A 62 -6.36 -5.60 -3.66
N LEU A 63 -5.56 -5.22 -2.71
CA LEU A 63 -5.16 -6.11 -1.67
C LEU A 63 -5.87 -5.82 -0.39
N THR A 64 -5.22 -5.05 0.43
CA THR A 64 -5.70 -4.49 1.71
C THR A 64 -5.64 -5.50 2.86
N ASP A 65 -5.24 -6.72 2.53
CA ASP A 65 -5.10 -7.79 3.52
C ASP A 65 -3.80 -7.60 4.25
N GLY A 66 -3.86 -7.64 5.55
CA GLY A 66 -2.66 -7.47 6.32
C GLY A 66 -2.37 -8.61 7.23
N ALA A 67 -3.13 -9.67 7.11
CA ALA A 67 -2.85 -10.89 7.84
C ALA A 67 -1.82 -11.67 7.06
N LYS A 68 -1.56 -11.17 5.87
CA LYS A 68 -0.61 -11.71 4.97
C LYS A 68 0.58 -10.76 4.87
N SER A 69 1.69 -11.26 4.43
CA SER A 69 2.85 -10.49 4.29
C SER A 69 2.84 -9.87 2.91
N LEU A 70 3.70 -8.91 2.69
CA LEU A 70 3.84 -8.31 1.38
C LEU A 70 4.24 -9.37 0.37
N LYS A 71 5.01 -10.33 0.83
CA LYS A 71 5.51 -11.39 0.00
C LYS A 71 4.39 -12.38 -0.28
N ASP A 72 3.54 -12.60 0.71
CA ASP A 72 2.44 -13.53 0.62
C ASP A 72 1.41 -13.00 -0.37
N LEU A 73 1.29 -11.68 -0.38
CA LEU A 73 0.36 -10.98 -1.28
C LEU A 73 0.92 -10.82 -2.69
N GLY A 74 2.21 -11.06 -2.86
CA GLY A 74 2.81 -10.95 -4.18
C GLY A 74 3.29 -9.56 -4.49
N VAL A 75 3.67 -8.83 -3.46
CA VAL A 75 4.22 -7.50 -3.61
C VAL A 75 5.72 -7.65 -3.76
N ARG A 76 6.31 -6.90 -4.67
CA ARG A 76 7.74 -6.93 -4.88
C ARG A 76 8.26 -5.51 -4.82
N ASP A 77 9.55 -5.33 -5.07
CA ASP A 77 10.15 -4.02 -5.04
C ASP A 77 9.95 -3.31 -6.34
N GLY A 78 9.79 -2.03 -6.24
CA GLY A 78 9.52 -1.20 -7.39
C GLY A 78 8.05 -1.17 -7.75
N TYR A 79 7.20 -1.68 -6.87
CA TYR A 79 5.78 -1.72 -7.13
C TYR A 79 5.08 -0.59 -6.44
N ARG A 80 3.93 -0.22 -6.95
CA ARG A 80 3.22 0.92 -6.43
C ARG A 80 2.02 0.48 -5.62
N ILE A 81 2.02 0.89 -4.39
CA ILE A 81 0.96 0.61 -3.50
C ILE A 81 0.15 1.88 -3.31
N HIS A 82 -1.06 1.82 -3.73
CA HIS A 82 -1.96 2.93 -3.71
C HIS A 82 -2.91 2.83 -2.54
N ALA A 83 -2.90 3.82 -1.71
CA ALA A 83 -3.79 3.88 -0.59
C ALA A 83 -4.90 4.88 -0.89
N VAL A 84 -6.12 4.55 -0.56
CA VAL A 84 -7.22 5.42 -0.83
C VAL A 84 -8.32 5.34 0.23
N ASP A 85 -8.78 6.49 0.66
CA ASP A 85 -9.87 6.59 1.62
C ASP A 85 -11.20 6.38 0.93
N VAL A 86 -12.02 5.54 1.48
CA VAL A 86 -13.32 5.26 0.91
C VAL A 86 -14.41 6.04 1.66
N THR A 87 -14.01 6.62 2.79
CA THR A 87 -14.94 7.32 3.67
C THR A 87 -15.52 8.56 2.98
N GLY A 88 -14.72 9.16 2.11
CA GLY A 88 -15.15 10.34 1.38
C GLY A 88 -15.87 10.00 0.09
N GLY A 89 -16.04 8.71 -0.19
CA GLY A 89 -16.72 8.27 -1.40
C GLY A 89 -15.91 8.55 -2.64
N ASN A 90 -14.64 8.75 -2.45
CA ASN A 90 -13.75 9.06 -3.53
C ASN A 90 -13.05 7.81 -4.01
N GLU A 91 -12.94 7.67 -5.34
CA GLU A 91 -12.24 6.54 -5.98
C GLU A 91 -12.94 5.22 -5.60
N ASP A 92 -14.24 5.31 -5.40
CA ASP A 92 -15.07 4.20 -4.99
C ASP A 92 -15.04 3.09 -6.01
N MET A 3 16.07 -14.49 4.38
CA MET A 3 17.21 -13.72 3.84
C MET A 3 16.92 -12.26 4.07
N THR A 4 17.83 -11.37 3.65
CA THR A 4 17.54 -9.96 3.73
C THR A 4 16.46 -9.67 2.73
N GLU A 5 15.30 -9.31 3.21
CA GLU A 5 14.16 -9.17 2.35
C GLU A 5 13.40 -7.94 2.69
N VAL A 6 13.63 -6.96 1.90
CA VAL A 6 13.03 -5.66 2.03
C VAL A 6 12.67 -5.12 0.66
N TYR A 7 11.47 -4.68 0.52
CA TYR A 7 10.98 -4.15 -0.73
C TYR A 7 10.80 -2.67 -0.64
N ASP A 8 11.13 -1.99 -1.69
CA ASP A 8 10.91 -0.58 -1.77
C ASP A 8 9.59 -0.38 -2.43
N LEU A 9 8.69 0.13 -1.70
CA LEU A 9 7.37 0.35 -2.17
C LEU A 9 7.18 1.79 -2.48
N GLU A 10 6.46 2.06 -3.52
CA GLU A 10 6.15 3.40 -3.90
C GLU A 10 4.67 3.57 -3.65
N ILE A 11 4.37 4.42 -2.73
CA ILE A 11 3.02 4.58 -2.25
C ILE A 11 2.41 5.87 -2.76
N THR A 12 1.24 5.73 -3.29
CA THR A 12 0.47 6.84 -3.69
C THR A 12 -0.79 6.89 -2.88
N THR A 13 -1.26 8.04 -2.69
CA THR A 13 -2.41 8.28 -1.98
C THR A 13 -3.23 9.27 -2.75
N ASN A 14 -4.43 9.44 -2.38
CA ASN A 14 -5.23 10.47 -2.98
C ASN A 14 -4.85 11.80 -2.36
N ALA A 15 -4.28 11.72 -1.17
CA ALA A 15 -3.81 12.88 -0.45
C ALA A 15 -2.60 13.45 -1.16
N THR A 16 -1.64 12.60 -1.47
CA THR A 16 -0.48 13.03 -2.20
C THR A 16 -0.38 12.24 -3.49
N ASP A 17 -0.27 12.92 -4.59
CA ASP A 17 -0.21 12.23 -5.86
C ASP A 17 1.25 12.08 -6.30
N PHE A 18 2.12 12.46 -5.40
CA PHE A 18 3.55 12.39 -5.62
C PHE A 18 4.04 11.01 -5.20
N PRO A 19 5.02 10.45 -5.93
CA PRO A 19 5.57 9.15 -5.61
C PRO A 19 6.36 9.19 -4.32
N MET A 20 6.01 8.35 -3.41
CA MET A 20 6.66 8.29 -2.13
C MET A 20 7.18 6.89 -1.96
N GLU A 21 8.46 6.75 -1.77
CA GLU A 21 9.02 5.42 -1.65
C GLU A 21 9.56 5.17 -0.27
N LYS A 22 9.24 4.02 0.23
CA LYS A 22 9.69 3.64 1.52
C LYS A 22 9.90 2.12 1.49
N LYS A 23 10.96 1.68 2.08
CA LYS A 23 11.32 0.29 2.06
C LYS A 23 10.85 -0.43 3.33
N TYR A 24 10.12 -1.50 3.13
CA TYR A 24 9.53 -2.29 4.21
C TYR A 24 9.98 -3.75 4.04
N PRO A 25 10.05 -4.54 5.13
CA PRO A 25 10.44 -5.96 5.06
C PRO A 25 9.43 -6.80 4.29
N ALA A 26 9.94 -7.80 3.57
CA ALA A 26 9.11 -8.70 2.77
C ALA A 26 8.10 -9.43 3.63
N GLY A 27 8.50 -9.72 4.82
CA GLY A 27 7.68 -10.45 5.74
C GLY A 27 6.80 -9.59 6.62
N MET A 28 6.73 -8.29 6.35
CA MET A 28 5.88 -7.43 7.18
C MET A 28 4.41 -7.56 6.72
N SER A 29 3.49 -7.22 7.62
CA SER A 29 2.07 -7.37 7.35
C SER A 29 1.56 -6.19 6.57
N LEU A 30 0.65 -6.44 5.63
CA LEU A 30 0.06 -5.37 4.84
C LEU A 30 -0.76 -4.46 5.76
N ASN A 31 -1.34 -5.03 6.78
CA ASN A 31 -2.11 -4.23 7.78
C ASN A 31 -1.21 -3.29 8.52
N ASP A 32 0.03 -3.70 8.76
CA ASP A 32 0.98 -2.82 9.43
C ASP A 32 1.40 -1.72 8.45
N LEU A 33 1.41 -2.09 7.19
CA LEU A 33 1.72 -1.17 6.09
C LEU A 33 0.64 -0.10 6.05
N LYS A 34 -0.61 -0.55 6.09
CA LYS A 34 -1.77 0.33 6.11
C LYS A 34 -1.73 1.19 7.34
N LYS A 35 -1.39 0.61 8.46
CA LYS A 35 -1.33 1.29 9.72
C LYS A 35 -0.34 2.47 9.68
N LYS A 36 0.75 2.29 8.96
CA LYS A 36 1.75 3.30 8.82
C LYS A 36 1.15 4.42 7.94
N LEU A 37 0.37 4.01 6.98
CA LEU A 37 -0.34 4.91 6.11
C LEU A 37 -1.46 5.63 6.87
N GLU A 38 -2.18 4.88 7.71
CA GLU A 38 -3.23 5.37 8.58
C GLU A 38 -2.69 6.46 9.48
N LEU A 39 -1.48 6.28 9.94
CA LEU A 39 -0.83 7.23 10.82
C LEU A 39 -0.53 8.55 10.09
N VAL A 40 -0.24 8.46 8.82
CA VAL A 40 0.12 9.63 8.04
C VAL A 40 -1.11 10.30 7.43
N VAL A 41 -2.04 9.52 6.93
CA VAL A 41 -3.20 10.08 6.26
C VAL A 41 -4.38 10.28 7.23
N GLY A 42 -4.31 9.65 8.40
CA GLY A 42 -5.39 9.77 9.37
C GLY A 42 -6.55 8.83 9.06
N THR A 43 -6.37 8.05 8.04
CA THR A 43 -7.36 7.08 7.58
C THR A 43 -7.49 5.91 8.59
N THR A 44 -8.50 5.10 8.41
CA THR A 44 -8.73 3.94 9.24
C THR A 44 -8.57 2.69 8.35
N VAL A 45 -8.57 1.50 8.94
CA VAL A 45 -8.30 0.25 8.20
C VAL A 45 -9.33 -0.03 7.11
N ASP A 46 -10.60 0.05 7.47
CA ASP A 46 -11.67 -0.24 6.52
C ASP A 46 -11.90 0.93 5.61
N SER A 47 -11.60 2.10 6.11
CA SER A 47 -11.76 3.31 5.40
C SER A 47 -10.59 3.54 4.42
N MET A 48 -9.66 2.63 4.39
CA MET A 48 -8.56 2.72 3.46
C MET A 48 -8.63 1.62 2.41
N ARG A 49 -8.89 2.02 1.19
CA ARG A 49 -8.91 1.11 0.08
C ARG A 49 -7.57 1.22 -0.62
N ILE A 50 -6.92 0.10 -0.89
CA ILE A 50 -5.59 0.16 -1.46
C ILE A 50 -5.49 -0.65 -2.74
N GLN A 51 -4.88 -0.06 -3.75
CA GLN A 51 -4.72 -0.68 -5.05
C GLN A 51 -3.26 -1.00 -5.30
N LEU A 52 -3.01 -2.16 -5.91
CA LEU A 52 -1.64 -2.59 -6.23
C LEU A 52 -1.41 -2.54 -7.73
N PHE A 53 -0.52 -1.68 -8.11
CA PHE A 53 -0.11 -1.58 -9.48
C PHE A 53 1.29 -2.15 -9.57
N ASP A 54 1.46 -3.11 -10.47
CA ASP A 54 2.75 -3.80 -10.65
C ASP A 54 3.82 -2.79 -10.94
N GLY A 55 3.56 -2.07 -11.97
CA GLY A 55 4.42 -0.99 -12.37
C GLY A 55 3.62 0.26 -12.61
N ASP A 56 2.80 0.22 -13.64
CA ASP A 56 1.94 1.34 -13.99
C ASP A 56 0.74 0.86 -14.81
N ASP A 57 -0.36 1.61 -14.75
CA ASP A 57 -1.58 1.39 -15.54
C ASP A 57 -2.41 0.20 -15.08
N GLN A 58 -1.86 -0.98 -15.19
CA GLN A 58 -2.59 -2.16 -14.86
C GLN A 58 -2.55 -2.56 -13.40
N LEU A 59 -3.72 -2.84 -12.90
CA LEU A 59 -3.93 -3.29 -11.56
C LEU A 59 -3.70 -4.78 -11.51
N LYS A 60 -2.92 -5.23 -10.57
CA LYS A 60 -2.71 -6.66 -10.40
C LYS A 60 -3.69 -7.23 -9.41
N GLY A 61 -3.88 -6.51 -8.34
CA GLY A 61 -4.78 -6.94 -7.31
C GLY A 61 -5.06 -5.82 -6.36
N GLU A 62 -5.82 -6.09 -5.33
CA GLU A 62 -6.16 -5.11 -4.38
C GLU A 62 -5.72 -5.64 -3.06
N LEU A 63 -5.22 -4.77 -2.23
CA LEU A 63 -4.69 -5.15 -0.95
C LEU A 63 -5.82 -5.27 0.05
N THR A 64 -5.52 -5.03 1.34
CA THR A 64 -6.48 -5.13 2.42
C THR A 64 -6.42 -6.49 3.15
N ASP A 65 -5.58 -7.37 2.65
CA ASP A 65 -5.24 -8.59 3.36
C ASP A 65 -3.94 -8.37 4.03
N GLY A 66 -3.93 -8.23 5.30
CA GLY A 66 -2.69 -7.94 5.97
C GLY A 66 -2.25 -9.01 6.88
N ALA A 67 -2.91 -10.13 6.84
CA ALA A 67 -2.45 -11.27 7.60
C ALA A 67 -1.36 -11.96 6.82
N LYS A 68 -1.30 -11.65 5.54
CA LYS A 68 -0.27 -12.13 4.68
C LYS A 68 0.81 -11.07 4.64
N SER A 69 1.97 -11.43 4.18
CA SER A 69 3.04 -10.51 4.11
C SER A 69 3.05 -9.84 2.77
N LEU A 70 3.93 -8.88 2.63
CA LEU A 70 4.08 -8.18 1.37
C LEU A 70 4.53 -9.16 0.29
N LYS A 71 5.35 -10.10 0.71
CA LYS A 71 5.92 -11.07 -0.19
C LYS A 71 4.86 -12.05 -0.67
N ASP A 72 3.99 -12.47 0.25
CA ASP A 72 2.93 -13.43 -0.08
C ASP A 72 1.91 -12.79 -1.01
N LEU A 73 1.67 -11.52 -0.78
CA LEU A 73 0.71 -10.76 -1.60
C LEU A 73 1.28 -10.44 -2.98
N GLY A 74 2.55 -10.61 -3.15
CA GLY A 74 3.17 -10.37 -4.43
C GLY A 74 3.63 -8.94 -4.58
N VAL A 75 3.82 -8.27 -3.47
CA VAL A 75 4.29 -6.92 -3.47
C VAL A 75 5.79 -6.94 -3.44
N ARG A 76 6.41 -6.64 -4.54
CA ARG A 76 7.84 -6.60 -4.61
C ARG A 76 8.32 -5.18 -4.68
N ASP A 77 9.61 -5.00 -4.88
CA ASP A 77 10.16 -3.67 -4.95
C ASP A 77 9.81 -3.03 -6.25
N GLY A 78 9.60 -1.77 -6.16
CA GLY A 78 9.26 -0.98 -7.34
C GLY A 78 7.77 -0.99 -7.64
N TYR A 79 7.01 -1.66 -6.81
CA TYR A 79 5.57 -1.72 -6.96
C TYR A 79 4.90 -0.51 -6.39
N ARG A 80 3.75 -0.18 -6.94
CA ARG A 80 3.01 0.96 -6.50
C ARG A 80 1.84 0.54 -5.69
N ILE A 81 1.79 1.04 -4.50
CA ILE A 81 0.73 0.77 -3.60
C ILE A 81 -0.04 2.07 -3.44
N HIS A 82 -1.25 2.06 -3.89
CA HIS A 82 -2.07 3.23 -3.87
C HIS A 82 -3.16 3.12 -2.81
N ALA A 83 -3.12 4.00 -1.86
CA ALA A 83 -4.12 4.03 -0.83
C ALA A 83 -5.05 5.21 -1.02
N VAL A 84 -6.31 4.97 -0.84
CA VAL A 84 -7.27 6.01 -0.96
C VAL A 84 -8.13 6.07 0.30
N ASP A 85 -8.33 7.26 0.76
CA ASP A 85 -9.10 7.52 1.96
C ASP A 85 -10.55 7.66 1.64
N VAL A 86 -11.33 6.78 2.15
CA VAL A 86 -12.76 6.88 1.96
C VAL A 86 -13.38 7.29 3.30
N THR A 87 -12.52 7.68 4.23
CA THR A 87 -12.95 8.11 5.56
C THR A 87 -13.69 9.43 5.41
N GLY A 88 -13.27 10.22 4.45
CA GLY A 88 -13.93 11.45 4.15
C GLY A 88 -14.67 11.35 2.84
N GLY A 89 -14.86 10.11 2.37
CA GLY A 89 -15.51 9.85 1.10
C GLY A 89 -14.76 10.51 -0.05
N ASN A 90 -13.46 10.33 -0.07
CA ASN A 90 -12.62 10.95 -1.08
C ASN A 90 -12.41 10.04 -2.27
N GLU A 91 -12.38 10.63 -3.47
CA GLU A 91 -12.14 9.91 -4.75
C GLU A 91 -13.25 8.93 -5.06
N ASP A 92 -14.38 9.10 -4.46
CA ASP A 92 -15.50 8.23 -4.68
C ASP A 92 -16.69 9.07 -5.02
N MET A 3 14.12 -14.80 5.08
CA MET A 3 13.10 -14.21 5.95
C MET A 3 13.13 -12.70 5.86
N THR A 4 14.27 -12.11 6.20
CA THR A 4 14.42 -10.69 6.13
C THR A 4 14.53 -10.28 4.67
N GLU A 5 13.53 -9.57 4.22
CA GLU A 5 13.46 -9.16 2.87
C GLU A 5 12.72 -7.85 2.86
N VAL A 6 13.17 -6.92 2.08
CA VAL A 6 12.60 -5.59 2.01
C VAL A 6 12.43 -5.16 0.58
N TYR A 7 11.35 -4.51 0.32
CA TYR A 7 11.03 -4.06 -0.99
C TYR A 7 10.76 -2.58 -0.99
N ASP A 8 11.19 -1.91 -2.05
CA ASP A 8 10.93 -0.48 -2.22
C ASP A 8 9.62 -0.30 -2.94
N LEU A 9 8.81 0.53 -2.42
CA LEU A 9 7.52 0.78 -2.93
C LEU A 9 7.41 2.25 -3.24
N GLU A 10 6.57 2.58 -4.16
CA GLU A 10 6.19 3.94 -4.35
C GLU A 10 4.76 4.02 -3.94
N ILE A 11 4.49 4.83 -2.98
CA ILE A 11 3.16 4.94 -2.45
C ILE A 11 2.44 6.08 -3.11
N THR A 12 1.27 5.80 -3.56
CA THR A 12 0.43 6.81 -4.10
C THR A 12 -0.87 6.82 -3.37
N THR A 13 -1.46 7.93 -3.30
CA THR A 13 -2.70 8.07 -2.66
C THR A 13 -3.54 8.95 -3.55
N ASN A 14 -4.77 8.98 -3.31
CA ASN A 14 -5.68 9.80 -4.10
C ASN A 14 -5.67 11.22 -3.54
N ALA A 15 -5.32 11.32 -2.26
CA ALA A 15 -5.23 12.57 -1.56
C ALA A 15 -3.87 13.24 -1.76
N THR A 16 -2.91 12.50 -2.28
CA THR A 16 -1.58 13.02 -2.44
C THR A 16 -1.22 13.14 -3.91
N ASP A 17 -0.56 14.20 -4.24
CA ASP A 17 -0.09 14.39 -5.59
C ASP A 17 1.29 13.80 -5.73
N PHE A 18 2.09 14.00 -4.70
CA PHE A 18 3.46 13.51 -4.68
C PHE A 18 3.51 12.07 -4.21
N PRO A 19 3.98 11.15 -5.07
CA PRO A 19 4.21 9.76 -4.69
C PRO A 19 5.36 9.71 -3.69
N MET A 20 5.31 8.78 -2.78
CA MET A 20 6.31 8.73 -1.75
C MET A 20 6.96 7.36 -1.74
N GLU A 21 8.28 7.31 -1.88
CA GLU A 21 9.01 6.05 -1.87
C GLU A 21 9.19 5.54 -0.44
N LYS A 22 9.04 4.25 -0.26
CA LYS A 22 9.20 3.61 1.00
C LYS A 22 9.81 2.22 0.89
N LYS A 23 10.42 1.78 1.95
CA LYS A 23 10.98 0.48 2.09
C LYS A 23 10.22 -0.29 3.15
N TYR A 24 9.59 -1.37 2.76
CA TYR A 24 8.91 -2.23 3.72
C TYR A 24 9.39 -3.64 3.59
N PRO A 25 9.45 -4.39 4.70
CA PRO A 25 9.82 -5.79 4.67
C PRO A 25 8.71 -6.63 4.06
N ALA A 26 9.10 -7.57 3.22
CA ALA A 26 8.11 -8.44 2.59
C ALA A 26 7.47 -9.38 3.62
N GLY A 27 8.14 -9.54 4.73
CA GLY A 27 7.65 -10.40 5.80
C GLY A 27 6.70 -9.67 6.74
N MET A 28 6.42 -8.41 6.46
CA MET A 28 5.50 -7.62 7.25
C MET A 28 4.05 -7.86 6.80
N SER A 29 3.11 -7.61 7.68
CA SER A 29 1.70 -7.71 7.37
C SER A 29 1.26 -6.43 6.72
N LEU A 30 0.19 -6.49 5.94
CA LEU A 30 -0.34 -5.29 5.32
C LEU A 30 -0.74 -4.31 6.46
N ASN A 31 -1.19 -4.87 7.59
CA ASN A 31 -1.65 -4.07 8.74
C ASN A 31 -0.59 -3.15 9.30
N ASP A 32 0.64 -3.64 9.38
CA ASP A 32 1.72 -2.85 9.97
C ASP A 32 2.14 -1.76 8.98
N LEU A 33 2.06 -2.11 7.71
CA LEU A 33 2.38 -1.19 6.61
C LEU A 33 1.33 -0.10 6.62
N LYS A 34 0.10 -0.53 6.75
CA LYS A 34 -1.04 0.36 6.89
C LYS A 34 -0.88 1.29 8.02
N LYS A 35 -0.58 0.79 9.18
CA LYS A 35 -0.45 1.59 10.36
C LYS A 35 0.67 2.64 10.21
N LYS A 36 1.63 2.34 9.33
CA LYS A 36 2.70 3.26 9.04
C LYS A 36 2.16 4.34 8.10
N LEU A 37 1.35 3.91 7.15
CA LEU A 37 0.68 4.79 6.21
C LEU A 37 -0.37 5.63 6.89
N GLU A 38 -1.23 4.97 7.64
CA GLU A 38 -2.31 5.55 8.38
C GLU A 38 -1.83 6.63 9.31
N LEU A 39 -0.61 6.47 9.79
CA LEU A 39 0.02 7.47 10.64
C LEU A 39 0.18 8.80 9.88
N VAL A 40 0.50 8.70 8.60
CA VAL A 40 0.70 9.86 7.75
C VAL A 40 -0.62 10.27 7.10
N VAL A 41 -1.45 9.28 6.80
CA VAL A 41 -2.72 9.51 6.12
C VAL A 41 -3.81 9.99 7.08
N GLY A 42 -3.70 9.62 8.34
CA GLY A 42 -4.66 10.08 9.32
C GLY A 42 -6.02 9.41 9.16
N THR A 43 -6.08 8.36 8.38
CA THR A 43 -7.33 7.67 8.15
C THR A 43 -7.35 6.35 8.99
N THR A 44 -8.35 5.52 8.82
CA THR A 44 -8.41 4.25 9.48
C THR A 44 -8.23 3.10 8.48
N VAL A 45 -7.81 1.94 9.00
CA VAL A 45 -7.41 0.79 8.18
C VAL A 45 -8.53 0.29 7.25
N ASP A 46 -9.71 0.12 7.78
CA ASP A 46 -10.82 -0.43 7.01
C ASP A 46 -11.32 0.55 5.95
N SER A 47 -11.31 1.81 6.29
CA SER A 47 -11.84 2.83 5.45
C SER A 47 -10.80 3.38 4.46
N MET A 48 -9.62 2.85 4.50
CA MET A 48 -8.61 3.26 3.57
C MET A 48 -8.21 2.03 2.75
N ARG A 49 -8.50 2.06 1.48
CA ARG A 49 -8.37 0.89 0.62
C ARG A 49 -7.01 0.88 -0.04
N ILE A 50 -6.41 -0.31 -0.19
CA ILE A 50 -5.05 -0.43 -0.70
C ILE A 50 -5.02 -1.17 -2.04
N GLN A 51 -4.53 -0.50 -3.05
CA GLN A 51 -4.43 -1.04 -4.38
C GLN A 51 -2.97 -1.20 -4.77
N LEU A 52 -2.72 -2.10 -5.69
CA LEU A 52 -1.37 -2.36 -6.16
C LEU A 52 -1.29 -2.01 -7.64
N PHE A 53 -0.40 -1.13 -7.97
CA PHE A 53 -0.13 -0.77 -9.35
C PHE A 53 1.32 -1.06 -9.62
N ASP A 54 1.63 -1.56 -10.78
CA ASP A 54 2.99 -1.90 -11.08
C ASP A 54 3.79 -0.68 -11.45
N GLY A 55 5.01 -0.93 -11.87
CA GLY A 55 5.96 0.13 -12.22
C GLY A 55 5.49 1.06 -13.34
N ASP A 56 4.59 0.58 -14.17
CA ASP A 56 4.07 1.40 -15.25
C ASP A 56 2.91 2.24 -14.82
N ASP A 57 1.76 1.59 -14.61
CA ASP A 57 0.52 2.28 -14.25
C ASP A 57 -0.59 1.30 -14.05
N GLN A 58 -0.54 0.22 -14.81
CA GLN A 58 -1.56 -0.82 -14.80
C GLN A 58 -1.83 -1.37 -13.41
N LEU A 59 -3.05 -1.78 -13.22
CA LEU A 59 -3.51 -2.32 -11.98
C LEU A 59 -3.08 -3.76 -11.90
N LYS A 60 -2.28 -4.07 -10.93
CA LYS A 60 -1.79 -5.41 -10.75
C LYS A 60 -2.87 -6.16 -9.99
N GLY A 61 -3.43 -5.49 -9.00
CA GLY A 61 -4.46 -6.06 -8.21
C GLY A 61 -4.73 -5.23 -7.01
N GLU A 62 -5.50 -5.72 -6.11
CA GLU A 62 -5.81 -5.02 -4.92
C GLU A 62 -5.41 -5.94 -3.78
N LEU A 63 -4.81 -5.39 -2.74
CA LEU A 63 -4.31 -6.22 -1.65
C LEU A 63 -5.42 -6.77 -0.83
N THR A 64 -5.83 -6.00 0.10
CA THR A 64 -7.03 -6.25 0.90
C THR A 64 -6.81 -7.28 2.06
N ASP A 65 -5.62 -7.87 2.15
CA ASP A 65 -5.36 -8.87 3.21
C ASP A 65 -4.12 -8.51 3.97
N GLY A 66 -4.24 -8.43 5.27
CA GLY A 66 -3.09 -8.13 6.08
C GLY A 66 -2.88 -9.14 7.16
N ALA A 67 -3.67 -10.20 7.14
CA ALA A 67 -3.49 -11.30 8.05
C ALA A 67 -2.35 -12.18 7.53
N LYS A 68 -1.94 -11.88 6.32
CA LYS A 68 -0.84 -12.52 5.68
C LYS A 68 0.23 -11.49 5.38
N SER A 69 1.39 -11.94 4.93
CA SER A 69 2.48 -11.05 4.69
C SER A 69 2.36 -10.42 3.34
N LEU A 70 3.10 -9.38 3.16
CA LEU A 70 3.21 -8.67 1.91
C LEU A 70 3.80 -9.60 0.86
N LYS A 71 4.61 -10.54 1.32
CA LYS A 71 5.25 -11.49 0.45
C LYS A 71 4.24 -12.53 -0.02
N ASP A 72 3.31 -12.91 0.86
CA ASP A 72 2.21 -13.83 0.47
C ASP A 72 1.34 -13.13 -0.56
N LEU A 73 1.22 -11.82 -0.39
CA LEU A 73 0.41 -10.99 -1.29
C LEU A 73 1.11 -10.83 -2.64
N GLY A 74 2.37 -11.20 -2.68
CA GLY A 74 3.13 -11.14 -3.91
C GLY A 74 3.62 -9.76 -4.20
N VAL A 75 3.58 -8.91 -3.21
CA VAL A 75 3.99 -7.54 -3.38
C VAL A 75 5.48 -7.45 -3.10
N ARG A 76 6.24 -7.18 -4.12
CA ARG A 76 7.67 -7.09 -4.00
C ARG A 76 8.16 -5.74 -4.47
N ASP A 77 9.47 -5.61 -4.60
CA ASP A 77 10.08 -4.36 -4.99
C ASP A 77 9.65 -3.91 -6.35
N GLY A 78 9.56 -2.63 -6.46
CA GLY A 78 9.19 -2.01 -7.70
C GLY A 78 7.69 -1.95 -7.91
N TYR A 79 6.95 -2.57 -7.02
CA TYR A 79 5.52 -2.50 -7.07
C TYR A 79 5.09 -1.32 -6.28
N ARG A 80 4.03 -0.70 -6.69
CA ARG A 80 3.61 0.50 -6.07
C ARG A 80 2.28 0.32 -5.38
N ILE A 81 2.20 0.85 -4.19
CA ILE A 81 1.03 0.71 -3.39
C ILE A 81 0.26 2.00 -3.36
N HIS A 82 -0.99 1.89 -3.63
CA HIS A 82 -1.87 2.99 -3.72
C HIS A 82 -2.93 2.93 -2.64
N ALA A 83 -3.12 4.01 -1.96
CA ALA A 83 -4.15 4.09 -0.96
C ALA A 83 -5.25 5.03 -1.44
N VAL A 84 -6.48 4.65 -1.21
CA VAL A 84 -7.61 5.44 -1.62
C VAL A 84 -8.66 5.44 -0.50
N ASP A 85 -9.26 6.57 -0.27
CA ASP A 85 -10.23 6.72 0.81
C ASP A 85 -11.57 6.16 0.45
N VAL A 86 -12.06 5.27 1.25
CA VAL A 86 -13.36 4.73 1.04
C VAL A 86 -14.24 5.11 2.23
N THR A 87 -13.74 6.04 3.01
CA THR A 87 -14.47 6.51 4.19
C THR A 87 -15.58 7.45 3.71
N GLY A 88 -15.27 8.18 2.67
CA GLY A 88 -16.25 8.98 2.01
C GLY A 88 -16.54 8.39 0.68
N GLY A 89 -15.79 7.35 0.38
CA GLY A 89 -15.89 6.68 -0.90
C GLY A 89 -15.46 7.56 -2.05
N ASN A 90 -14.20 7.93 -2.10
CA ASN A 90 -13.74 8.73 -3.20
C ASN A 90 -13.19 7.84 -4.27
N GLU A 91 -13.11 8.36 -5.48
CA GLU A 91 -12.77 7.57 -6.65
C GLU A 91 -13.89 6.58 -6.91
N ASP A 92 -14.98 7.13 -7.36
CA ASP A 92 -16.18 6.38 -7.64
C ASP A 92 -16.82 6.99 -8.84
N MET A 3 15.82 -14.09 8.27
CA MET A 3 15.60 -13.88 6.84
C MET A 3 15.46 -12.40 6.56
N THR A 4 16.46 -11.80 5.95
CA THR A 4 16.37 -10.41 5.65
C THR A 4 15.88 -10.22 4.21
N GLU A 5 14.69 -9.69 4.11
CA GLU A 5 14.05 -9.43 2.84
C GLU A 5 13.36 -8.12 2.91
N VAL A 6 13.55 -7.34 1.91
CA VAL A 6 12.98 -6.02 1.82
C VAL A 6 12.51 -5.74 0.42
N TYR A 7 11.46 -5.00 0.33
CA TYR A 7 10.94 -4.53 -0.95
C TYR A 7 10.87 -3.04 -0.89
N ASP A 8 11.19 -2.41 -1.95
CA ASP A 8 11.00 -1.00 -2.04
C ASP A 8 9.70 -0.73 -2.73
N LEU A 9 8.82 -0.14 -2.01
CA LEU A 9 7.52 0.16 -2.49
C LEU A 9 7.39 1.62 -2.71
N GLU A 10 6.69 2.00 -3.70
CA GLU A 10 6.45 3.38 -3.92
C GLU A 10 5.00 3.65 -3.63
N ILE A 11 4.77 4.46 -2.65
CA ILE A 11 3.46 4.67 -2.14
C ILE A 11 2.84 5.88 -2.79
N THR A 12 1.64 5.72 -3.24
CA THR A 12 0.88 6.77 -3.81
C THR A 12 -0.40 6.87 -2.98
N THR A 13 -1.11 7.92 -3.09
CA THR A 13 -2.25 8.17 -2.25
C THR A 13 -3.18 9.08 -3.03
N ASN A 14 -4.35 9.27 -2.54
CA ASN A 14 -5.29 10.18 -3.14
C ASN A 14 -5.01 11.59 -2.63
N ALA A 15 -4.37 11.67 -1.48
CA ALA A 15 -4.00 12.93 -0.88
C ALA A 15 -2.73 13.49 -1.50
N THR A 16 -1.84 12.61 -1.90
CA THR A 16 -0.61 13.00 -2.50
C THR A 16 -0.50 12.51 -3.93
N ASP A 17 -0.22 13.41 -4.83
CA ASP A 17 -0.05 13.07 -6.22
C ASP A 17 1.35 12.56 -6.46
N PHE A 18 2.27 13.00 -5.63
CA PHE A 18 3.64 12.58 -5.72
C PHE A 18 3.83 11.25 -4.99
N PRO A 19 4.21 10.18 -5.71
CA PRO A 19 4.50 8.89 -5.11
C PRO A 19 5.84 8.93 -4.37
N MET A 20 5.90 8.28 -3.25
CA MET A 20 7.11 8.29 -2.42
C MET A 20 7.62 6.87 -2.25
N GLU A 21 8.88 6.63 -2.53
CA GLU A 21 9.43 5.30 -2.41
C GLU A 21 9.94 5.05 -1.00
N LYS A 22 9.51 3.96 -0.44
CA LYS A 22 9.86 3.62 0.89
C LYS A 22 10.06 2.13 0.98
N LYS A 23 11.10 1.72 1.63
CA LYS A 23 11.45 0.32 1.70
C LYS A 23 10.87 -0.33 2.95
N TYR A 24 10.25 -1.47 2.77
CA TYR A 24 9.62 -2.21 3.85
C TYR A 24 10.13 -3.64 3.84
N PRO A 25 10.11 -4.34 4.98
CA PRO A 25 10.52 -5.74 5.06
C PRO A 25 9.48 -6.63 4.42
N ALA A 26 9.94 -7.66 3.73
CA ALA A 26 9.06 -8.57 3.04
C ALA A 26 8.26 -9.39 4.00
N GLY A 27 8.85 -9.66 5.14
CA GLY A 27 8.26 -10.51 6.12
C GLY A 27 7.36 -9.81 7.13
N MET A 28 7.16 -8.51 6.97
CA MET A 28 6.29 -7.82 7.89
C MET A 28 4.82 -7.92 7.42
N SER A 29 3.87 -7.57 8.26
CA SER A 29 2.48 -7.64 7.91
C SER A 29 2.09 -6.42 7.14
N LEU A 30 1.26 -6.61 6.14
CA LEU A 30 0.80 -5.50 5.34
C LEU A 30 -0.08 -4.62 6.24
N ASN A 31 -0.68 -5.25 7.25
CA ASN A 31 -1.52 -4.55 8.23
C ASN A 31 -0.74 -3.48 8.97
N ASP A 32 0.52 -3.75 9.24
CA ASP A 32 1.37 -2.77 9.92
C ASP A 32 1.66 -1.63 8.98
N LEU A 33 1.84 -1.97 7.74
CA LEU A 33 2.18 -1.01 6.70
C LEU A 33 0.97 -0.10 6.52
N LYS A 34 -0.22 -0.71 6.48
CA LYS A 34 -1.45 0.03 6.41
C LYS A 34 -1.59 0.93 7.58
N LYS A 35 -1.35 0.43 8.77
CA LYS A 35 -1.52 1.19 9.98
C LYS A 35 -0.57 2.41 9.97
N LYS A 36 0.58 2.24 9.37
CA LYS A 36 1.53 3.28 9.17
C LYS A 36 1.01 4.28 8.13
N LEU A 37 0.42 3.77 7.06
CA LEU A 37 -0.24 4.58 6.04
C LEU A 37 -1.42 5.34 6.68
N GLU A 38 -2.20 4.62 7.45
CA GLU A 38 -3.33 5.12 8.19
C GLU A 38 -2.92 6.22 9.16
N LEU A 39 -1.72 6.14 9.66
CA LEU A 39 -1.18 7.13 10.56
C LEU A 39 -0.91 8.43 9.81
N VAL A 40 -0.24 8.30 8.67
CA VAL A 40 0.14 9.48 7.89
C VAL A 40 -1.06 10.08 7.13
N VAL A 41 -1.89 9.23 6.57
CA VAL A 41 -3.01 9.71 5.77
C VAL A 41 -4.24 9.99 6.66
N GLY A 42 -4.26 9.41 7.83
CA GLY A 42 -5.37 9.62 8.73
C GLY A 42 -6.56 8.77 8.38
N THR A 43 -6.33 7.84 7.48
CA THR A 43 -7.35 6.93 7.03
C THR A 43 -7.65 5.87 8.12
N THR A 44 -8.75 5.21 7.97
CA THR A 44 -9.18 4.16 8.82
C THR A 44 -9.32 2.90 7.98
N VAL A 45 -9.21 1.72 8.59
CA VAL A 45 -9.34 0.44 7.85
C VAL A 45 -10.71 0.36 7.16
N ASP A 46 -11.70 0.90 7.82
CA ASP A 46 -13.09 0.93 7.32
C ASP A 46 -13.19 1.69 6.01
N SER A 47 -12.53 2.81 5.93
CA SER A 47 -12.59 3.66 4.79
C SER A 47 -11.37 3.50 3.88
N MET A 48 -10.55 2.53 4.17
CA MET A 48 -9.31 2.37 3.44
C MET A 48 -9.41 1.37 2.33
N ARG A 49 -8.91 1.76 1.19
CA ARG A 49 -8.74 0.88 0.09
C ARG A 49 -7.24 0.74 -0.12
N ILE A 50 -6.74 -0.45 -0.03
CA ILE A 50 -5.34 -0.66 -0.29
C ILE A 50 -5.23 -1.17 -1.72
N GLN A 51 -4.54 -0.45 -2.55
CA GLN A 51 -4.56 -0.82 -3.93
C GLN A 51 -3.15 -0.93 -4.49
N LEU A 52 -2.93 -1.92 -5.30
CA LEU A 52 -1.61 -2.19 -5.86
C LEU A 52 -1.65 -1.79 -7.36
N PHE A 53 -0.64 -1.07 -7.79
CA PHE A 53 -0.46 -0.69 -9.19
C PHE A 53 0.91 -1.14 -9.68
N ASP A 54 0.93 -1.95 -10.72
CA ASP A 54 2.13 -2.32 -11.39
C ASP A 54 1.82 -2.56 -12.82
N GLY A 55 2.82 -2.87 -13.56
CA GLY A 55 2.65 -3.08 -14.96
C GLY A 55 2.63 -1.78 -15.69
N ASP A 56 3.75 -1.06 -15.60
CA ASP A 56 3.98 0.23 -16.26
C ASP A 56 3.15 1.38 -15.67
N ASP A 57 1.87 1.14 -15.46
CA ASP A 57 0.97 2.19 -15.03
C ASP A 57 -0.35 1.63 -14.50
N GLN A 58 -0.75 0.49 -15.05
CA GLN A 58 -2.07 -0.11 -14.77
C GLN A 58 -2.34 -0.46 -13.30
N LEU A 59 -3.61 -0.52 -12.99
CA LEU A 59 -4.14 -0.88 -11.69
C LEU A 59 -4.17 -2.40 -11.60
N LYS A 60 -3.57 -2.93 -10.56
CA LYS A 60 -3.50 -4.37 -10.40
C LYS A 60 -4.72 -4.81 -9.59
N GLY A 61 -5.04 -4.06 -8.54
CA GLY A 61 -6.21 -4.39 -7.73
C GLY A 61 -6.02 -4.10 -6.26
N GLU A 62 -6.85 -4.72 -5.43
CA GLU A 62 -6.83 -4.51 -3.99
C GLU A 62 -6.10 -5.65 -3.30
N LEU A 63 -5.24 -5.32 -2.34
CA LEU A 63 -4.51 -6.36 -1.59
C LEU A 63 -5.46 -7.15 -0.71
N THR A 64 -6.02 -6.44 0.19
CA THR A 64 -7.13 -6.83 1.13
C THR A 64 -6.70 -7.66 2.34
N ASP A 65 -5.44 -8.01 2.42
CA ASP A 65 -4.95 -8.80 3.55
C ASP A 65 -3.62 -8.29 4.00
N GLY A 66 -3.40 -8.33 5.29
CA GLY A 66 -2.12 -7.96 5.80
C GLY A 66 -1.65 -8.89 6.87
N ALA A 67 -2.46 -9.89 7.18
CA ALA A 67 -2.07 -10.92 8.15
C ALA A 67 -0.96 -11.77 7.54
N LYS A 68 -0.88 -11.69 6.24
CA LYS A 68 0.15 -12.30 5.47
C LYS A 68 1.09 -11.21 5.02
N SER A 69 2.33 -11.54 4.83
CA SER A 69 3.33 -10.57 4.56
C SER A 69 3.30 -10.09 3.14
N LEU A 70 4.11 -9.09 2.87
CA LEU A 70 4.29 -8.55 1.54
C LEU A 70 4.83 -9.64 0.65
N LYS A 71 5.65 -10.49 1.26
CA LYS A 71 6.30 -11.57 0.59
C LYS A 71 5.25 -12.60 0.19
N ASP A 72 4.34 -12.86 1.11
CA ASP A 72 3.32 -13.88 0.91
C ASP A 72 2.23 -13.35 -0.03
N LEU A 73 2.02 -12.04 0.01
CA LEU A 73 1.06 -11.35 -0.89
C LEU A 73 1.61 -11.24 -2.31
N GLY A 74 2.88 -11.48 -2.48
CA GLY A 74 3.48 -11.37 -3.80
C GLY A 74 3.71 -9.92 -4.21
N VAL A 75 3.83 -9.04 -3.23
CA VAL A 75 4.08 -7.64 -3.49
C VAL A 75 5.57 -7.48 -3.70
N ARG A 76 5.96 -7.30 -4.93
CA ARG A 76 7.35 -7.17 -5.26
C ARG A 76 7.85 -5.75 -5.08
N ASP A 77 9.12 -5.59 -5.35
CA ASP A 77 9.79 -4.32 -5.29
C ASP A 77 9.45 -3.52 -6.51
N GLY A 78 9.55 -2.24 -6.37
CA GLY A 78 9.24 -1.33 -7.46
C GLY A 78 7.75 -1.18 -7.71
N TYR A 79 6.94 -1.79 -6.87
CA TYR A 79 5.49 -1.72 -6.97
C TYR A 79 4.97 -0.45 -6.36
N ARG A 80 3.88 0.03 -6.87
CA ARG A 80 3.26 1.20 -6.33
C ARG A 80 2.05 0.83 -5.55
N ILE A 81 2.05 1.20 -4.31
CA ILE A 81 0.94 0.93 -3.46
C ILE A 81 0.15 2.20 -3.27
N HIS A 82 -1.05 2.14 -3.68
CA HIS A 82 -1.93 3.24 -3.62
C HIS A 82 -2.83 3.14 -2.41
N ALA A 83 -2.75 4.11 -1.56
CA ALA A 83 -3.61 4.18 -0.41
C ALA A 83 -4.67 5.22 -0.68
N VAL A 84 -5.88 4.91 -0.37
CA VAL A 84 -6.94 5.85 -0.57
C VAL A 84 -8.04 5.65 0.43
N ASP A 85 -8.56 6.75 0.92
CA ASP A 85 -9.69 6.74 1.71
C ASP A 85 -10.87 6.93 0.78
N VAL A 86 -11.72 5.96 0.75
CA VAL A 86 -12.84 5.95 -0.16
C VAL A 86 -13.91 6.96 0.26
N THR A 87 -13.73 7.55 1.42
CA THR A 87 -14.63 8.54 1.98
C THR A 87 -14.62 9.81 1.13
N GLY A 88 -13.53 10.04 0.41
CA GLY A 88 -13.45 11.23 -0.39
C GLY A 88 -14.03 11.06 -1.76
N GLY A 89 -14.45 9.83 -2.06
CA GLY A 89 -15.08 9.51 -3.34
C GLY A 89 -14.11 9.49 -4.51
N ASN A 90 -12.91 9.93 -4.28
CA ASN A 90 -11.90 9.98 -5.29
C ASN A 90 -10.98 8.80 -5.20
N GLU A 91 -10.49 8.36 -6.35
CA GLU A 91 -9.50 7.27 -6.44
C GLU A 91 -10.06 5.95 -5.91
N ASP A 92 -11.37 5.83 -5.94
CA ASP A 92 -12.08 4.64 -5.45
C ASP A 92 -12.02 3.57 -6.52
N MET A 3 18.83 -10.63 8.12
CA MET A 3 18.95 -10.66 6.67
C MET A 3 18.18 -9.50 6.09
N THR A 4 18.64 -8.99 4.98
CA THR A 4 17.95 -7.94 4.32
C THR A 4 16.99 -8.56 3.30
N GLU A 5 15.71 -8.41 3.54
CA GLU A 5 14.70 -8.93 2.66
C GLU A 5 13.54 -7.96 2.69
N VAL A 6 13.56 -7.02 1.77
CA VAL A 6 12.61 -5.94 1.69
C VAL A 6 12.18 -5.72 0.25
N TYR A 7 11.10 -5.04 0.09
CA TYR A 7 10.62 -4.61 -1.22
C TYR A 7 10.48 -3.12 -1.23
N ASP A 8 11.08 -2.47 -2.21
CA ASP A 8 10.92 -1.04 -2.35
C ASP A 8 9.60 -0.75 -3.00
N LEU A 9 8.83 0.04 -2.34
CA LEU A 9 7.52 0.34 -2.76
C LEU A 9 7.34 1.83 -2.86
N GLU A 10 6.47 2.25 -3.72
CA GLU A 10 6.16 3.64 -3.90
C GLU A 10 4.77 3.85 -3.36
N ILE A 11 4.65 4.71 -2.42
CA ILE A 11 3.38 4.93 -1.79
C ILE A 11 2.70 6.12 -2.43
N THR A 12 1.45 5.95 -2.78
CA THR A 12 0.65 7.00 -3.31
C THR A 12 -0.68 7.04 -2.59
N THR A 13 -1.33 8.12 -2.76
CA THR A 13 -2.58 8.36 -2.22
C THR A 13 -3.41 8.99 -3.31
N ASN A 14 -4.66 9.04 -3.09
CA ASN A 14 -5.60 9.69 -4.01
C ASN A 14 -5.68 11.18 -3.74
N ALA A 15 -5.24 11.57 -2.56
CA ALA A 15 -5.34 12.93 -2.16
C ALA A 15 -4.11 13.73 -2.55
N THR A 16 -2.97 13.08 -2.59
CA THR A 16 -1.76 13.77 -2.92
C THR A 16 -1.25 13.23 -4.24
N ASP A 17 -0.52 14.03 -4.94
CA ASP A 17 -0.02 13.67 -6.26
C ASP A 17 1.45 13.37 -6.19
N PHE A 18 1.97 13.37 -4.99
CA PHE A 18 3.35 13.14 -4.75
C PHE A 18 3.56 11.72 -4.19
N PRO A 19 4.26 10.87 -4.93
CA PRO A 19 4.58 9.54 -4.48
C PRO A 19 5.85 9.55 -3.64
N MET A 20 5.87 8.74 -2.62
CA MET A 20 7.03 8.70 -1.77
C MET A 20 7.40 7.26 -1.51
N GLU A 21 8.61 6.88 -1.85
CA GLU A 21 9.03 5.51 -1.71
C GLU A 21 9.43 5.16 -0.30
N LYS A 22 9.13 3.94 0.05
CA LYS A 22 9.50 3.33 1.27
C LYS A 22 9.60 1.85 1.01
N LYS A 23 10.67 1.28 1.42
CA LYS A 23 10.84 -0.08 1.31
C LYS A 23 10.47 -0.75 2.59
N TYR A 24 9.74 -1.82 2.47
CA TYR A 24 9.25 -2.54 3.61
C TYR A 24 9.69 -3.97 3.52
N PRO A 25 9.92 -4.63 4.66
CA PRO A 25 10.38 -6.01 4.69
C PRO A 25 9.39 -6.97 4.05
N ALA A 26 9.91 -7.96 3.37
CA ALA A 26 9.10 -8.99 2.73
C ALA A 26 8.16 -9.70 3.70
N GLY A 27 8.59 -9.78 4.91
CA GLY A 27 7.83 -10.45 5.95
C GLY A 27 6.93 -9.51 6.71
N MET A 28 6.85 -8.28 6.28
CA MET A 28 6.00 -7.30 6.91
C MET A 28 4.57 -7.50 6.44
N SER A 29 3.65 -7.26 7.31
CA SER A 29 2.25 -7.39 7.00
C SER A 29 1.73 -6.14 6.37
N LEU A 30 0.70 -6.29 5.59
CA LEU A 30 0.06 -5.16 4.97
C LEU A 30 -0.62 -4.33 6.06
N ASN A 31 -1.02 -5.00 7.14
CA ASN A 31 -1.68 -4.31 8.29
C ASN A 31 -0.76 -3.31 8.94
N ASP A 32 0.51 -3.69 9.12
CA ASP A 32 1.48 -2.79 9.75
C ASP A 32 1.76 -1.63 8.83
N LEU A 33 1.85 -1.96 7.55
CA LEU A 33 2.12 -0.98 6.50
C LEU A 33 0.92 -0.02 6.45
N LYS A 34 -0.27 -0.59 6.56
CA LYS A 34 -1.52 0.15 6.65
C LYS A 34 -1.54 1.09 7.81
N LYS A 35 -1.24 0.61 8.99
CA LYS A 35 -1.31 1.43 10.16
C LYS A 35 -0.24 2.52 10.08
N LYS A 36 0.87 2.23 9.42
CA LYS A 36 1.89 3.22 9.17
C LYS A 36 1.29 4.30 8.27
N LEU A 37 0.58 3.86 7.25
CA LEU A 37 -0.11 4.72 6.33
C LEU A 37 -1.18 5.52 7.03
N GLU A 38 -1.95 4.84 7.84
CA GLU A 38 -3.02 5.43 8.59
C GLU A 38 -2.51 6.43 9.61
N LEU A 39 -1.33 6.20 10.11
CA LEU A 39 -0.67 7.14 11.01
C LEU A 39 -0.36 8.44 10.25
N VAL A 40 -0.03 8.30 8.99
CA VAL A 40 0.31 9.42 8.13
C VAL A 40 -0.95 10.09 7.53
N VAL A 41 -1.93 9.28 7.16
CA VAL A 41 -3.15 9.80 6.56
C VAL A 41 -4.18 10.21 7.62
N GLY A 42 -4.10 9.59 8.77
CA GLY A 42 -5.01 9.93 9.85
C GLY A 42 -6.38 9.31 9.67
N THR A 43 -6.49 8.39 8.74
CA THR A 43 -7.77 7.75 8.47
C THR A 43 -7.85 6.38 9.20
N THR A 44 -8.92 5.65 9.01
CA THR A 44 -9.07 4.33 9.56
C THR A 44 -8.97 3.29 8.42
N VAL A 45 -8.67 2.05 8.79
CA VAL A 45 -8.40 0.99 7.83
C VAL A 45 -9.58 0.71 6.87
N ASP A 46 -10.80 0.75 7.38
CA ASP A 46 -11.96 0.47 6.51
C ASP A 46 -12.21 1.60 5.52
N SER A 47 -11.90 2.80 5.95
CA SER A 47 -12.12 3.96 5.17
C SER A 47 -10.98 4.24 4.19
N MET A 48 -9.92 3.50 4.27
CA MET A 48 -8.79 3.71 3.39
C MET A 48 -8.36 2.36 2.82
N ARG A 49 -8.55 2.17 1.55
CA ARG A 49 -8.35 0.86 0.92
C ARG A 49 -7.04 0.84 0.11
N ILE A 50 -6.35 -0.30 0.13
CA ILE A 50 -5.03 -0.40 -0.50
C ILE A 50 -5.07 -1.12 -1.85
N GLN A 51 -4.58 -0.44 -2.86
CA GLN A 51 -4.45 -0.99 -4.19
C GLN A 51 -2.99 -1.06 -4.57
N LEU A 52 -2.63 -2.08 -5.28
CA LEU A 52 -1.25 -2.28 -5.67
C LEU A 52 -1.16 -2.16 -7.18
N PHE A 53 -0.26 -1.33 -7.62
CA PHE A 53 0.01 -1.18 -9.02
C PHE A 53 1.42 -1.65 -9.27
N ASP A 54 1.63 -2.39 -10.33
CA ASP A 54 2.93 -2.87 -10.66
C ASP A 54 3.68 -1.84 -11.49
N GLY A 55 4.72 -2.27 -12.18
CA GLY A 55 5.54 -1.38 -12.95
C GLY A 55 4.91 -0.97 -14.26
N ASP A 56 3.71 -0.45 -14.18
CA ASP A 56 2.96 0.04 -15.31
C ASP A 56 1.81 0.89 -14.77
N ASP A 57 0.88 1.28 -15.60
CA ASP A 57 -0.23 2.09 -15.18
C ASP A 57 -1.37 1.20 -14.73
N GLN A 58 -1.40 0.01 -15.29
CA GLN A 58 -2.44 -0.98 -14.99
C GLN A 58 -2.41 -1.40 -13.52
N LEU A 59 -3.54 -1.86 -13.03
CA LEU A 59 -3.67 -2.30 -11.66
C LEU A 59 -3.18 -3.72 -11.54
N LYS A 60 -2.43 -4.01 -10.51
CA LYS A 60 -1.94 -5.36 -10.30
C LYS A 60 -3.05 -6.09 -9.57
N GLY A 61 -3.62 -5.42 -8.61
CA GLY A 61 -4.72 -5.95 -7.85
C GLY A 61 -4.96 -5.13 -6.63
N GLU A 62 -5.97 -5.50 -5.88
CA GLU A 62 -6.29 -4.81 -4.68
C GLU A 62 -6.11 -5.80 -3.56
N LEU A 63 -5.41 -5.40 -2.54
CA LEU A 63 -5.04 -6.32 -1.51
C LEU A 63 -5.75 -6.08 -0.23
N THR A 64 -5.08 -5.39 0.64
CA THR A 64 -5.54 -4.90 1.95
C THR A 64 -5.49 -6.01 3.04
N ASP A 65 -5.06 -7.21 2.62
CA ASP A 65 -4.94 -8.36 3.54
C ASP A 65 -3.63 -8.27 4.27
N GLY A 66 -3.68 -8.12 5.55
CA GLY A 66 -2.45 -8.01 6.30
C GLY A 66 -2.21 -9.17 7.21
N ALA A 67 -3.01 -10.21 7.07
CA ALA A 67 -2.82 -11.42 7.85
C ALA A 67 -1.69 -12.25 7.23
N LYS A 68 -1.26 -11.80 6.08
CA LYS A 68 -0.21 -12.40 5.31
C LYS A 68 0.83 -11.33 4.99
N SER A 69 2.05 -11.73 4.67
CA SER A 69 3.11 -10.80 4.44
C SER A 69 3.12 -10.31 3.03
N LEU A 70 3.92 -9.32 2.79
CA LEU A 70 4.09 -8.73 1.47
C LEU A 70 4.56 -9.77 0.47
N LYS A 71 5.35 -10.70 0.95
CA LYS A 71 5.90 -11.73 0.10
C LYS A 71 4.84 -12.75 -0.27
N ASP A 72 4.05 -13.09 0.69
CA ASP A 72 2.93 -14.03 0.47
C ASP A 72 1.85 -13.34 -0.39
N LEU A 73 1.76 -12.03 -0.24
CA LEU A 73 0.83 -11.18 -1.01
C LEU A 73 1.26 -11.00 -2.46
N GLY A 74 2.47 -11.39 -2.79
CA GLY A 74 2.94 -11.26 -4.15
C GLY A 74 3.40 -9.85 -4.47
N VAL A 75 3.67 -9.09 -3.43
CA VAL A 75 4.15 -7.75 -3.56
C VAL A 75 5.63 -7.82 -3.90
N ARG A 76 5.99 -7.30 -5.03
CA ARG A 76 7.37 -7.32 -5.45
C ARG A 76 7.95 -5.93 -5.33
N ASP A 77 9.21 -5.81 -5.63
CA ASP A 77 9.87 -4.53 -5.59
C ASP A 77 9.58 -3.78 -6.84
N GLY A 78 9.62 -2.49 -6.74
CA GLY A 78 9.31 -1.64 -7.88
C GLY A 78 7.82 -1.48 -8.09
N TYR A 79 7.04 -2.06 -7.18
CA TYR A 79 5.61 -1.97 -7.22
C TYR A 79 5.15 -0.83 -6.34
N ARG A 80 4.01 -0.30 -6.61
CA ARG A 80 3.55 0.82 -5.86
C ARG A 80 2.26 0.56 -5.13
N ILE A 81 2.22 1.01 -3.90
CA ILE A 81 1.11 0.82 -3.02
C ILE A 81 0.32 2.10 -2.96
N HIS A 82 -0.87 2.01 -3.40
CA HIS A 82 -1.74 3.12 -3.49
C HIS A 82 -2.83 3.02 -2.45
N ALA A 83 -2.98 4.04 -1.67
CA ALA A 83 -4.04 4.11 -0.72
C ALA A 83 -5.15 4.96 -1.29
N VAL A 84 -6.33 4.41 -1.35
CA VAL A 84 -7.45 5.11 -1.88
C VAL A 84 -8.50 5.32 -0.78
N ASP A 85 -8.97 6.51 -0.72
CA ASP A 85 -9.92 6.94 0.27
C ASP A 85 -11.33 6.56 -0.06
N VAL A 86 -11.96 5.92 0.88
CA VAL A 86 -13.32 5.49 0.74
C VAL A 86 -14.19 6.36 1.68
N THR A 87 -13.56 7.30 2.38
CA THR A 87 -14.28 8.13 3.34
C THR A 87 -15.02 9.25 2.60
N GLY A 88 -14.40 9.71 1.55
CA GLY A 88 -15.03 10.69 0.71
C GLY A 88 -15.41 10.06 -0.59
N GLY A 89 -15.09 8.78 -0.69
CA GLY A 89 -15.36 8.01 -1.87
C GLY A 89 -14.60 8.49 -3.09
N ASN A 90 -13.30 8.27 -3.10
CA ASN A 90 -12.50 8.63 -4.26
C ASN A 90 -12.31 7.43 -5.13
N GLU A 91 -12.31 7.65 -6.44
CA GLU A 91 -12.14 6.62 -7.46
C GLU A 91 -13.28 5.60 -7.44
N ASP A 92 -14.28 5.87 -8.23
CA ASP A 92 -15.43 5.01 -8.32
C ASP A 92 -15.83 4.83 -9.76
N MET A 3 11.58 -15.37 5.66
CA MET A 3 12.51 -14.86 4.64
C MET A 3 12.79 -13.40 4.88
N THR A 4 14.05 -13.06 5.05
CA THR A 4 14.46 -11.71 5.24
C THR A 4 14.61 -11.02 3.90
N GLU A 5 13.77 -10.04 3.66
CA GLU A 5 13.74 -9.35 2.42
C GLU A 5 13.05 -8.01 2.61
N VAL A 6 13.31 -7.10 1.72
CA VAL A 6 12.72 -5.78 1.75
C VAL A 6 12.33 -5.38 0.34
N TYR A 7 11.20 -4.76 0.20
CA TYR A 7 10.74 -4.29 -1.08
C TYR A 7 10.63 -2.80 -1.06
N ASP A 8 11.32 -2.16 -1.97
CA ASP A 8 11.23 -0.73 -2.11
C ASP A 8 10.00 -0.44 -2.88
N LEU A 9 9.12 0.20 -2.24
CA LEU A 9 7.82 0.43 -2.75
C LEU A 9 7.59 1.89 -2.99
N GLU A 10 6.68 2.17 -3.85
CA GLU A 10 6.30 3.52 -4.11
C GLU A 10 4.93 3.67 -3.53
N ILE A 11 4.80 4.55 -2.60
CA ILE A 11 3.61 4.69 -1.81
C ILE A 11 2.85 5.93 -2.19
N THR A 12 1.62 5.75 -2.48
CA THR A 12 0.74 6.78 -2.87
C THR A 12 -0.57 6.72 -2.14
N THR A 13 -1.28 7.76 -2.26
CA THR A 13 -2.56 7.93 -1.63
C THR A 13 -3.33 8.86 -2.55
N ASN A 14 -4.59 8.97 -2.34
CA ASN A 14 -5.43 9.82 -3.16
C ASN A 14 -5.22 11.26 -2.77
N ALA A 15 -4.81 11.46 -1.53
CA ALA A 15 -4.58 12.77 -0.99
C ALA A 15 -3.27 13.33 -1.50
N THR A 16 -2.36 12.46 -1.90
CA THR A 16 -1.07 12.87 -2.35
C THR A 16 -0.91 12.64 -3.86
N ASP A 17 -0.40 13.62 -4.53
CA ASP A 17 -0.10 13.49 -5.95
C ASP A 17 1.37 13.12 -6.11
N PHE A 18 2.09 13.40 -5.06
CA PHE A 18 3.50 13.15 -4.99
C PHE A 18 3.76 11.70 -4.56
N PRO A 19 4.54 10.98 -5.38
CA PRO A 19 4.91 9.61 -5.09
C PRO A 19 6.02 9.56 -4.06
N MET A 20 6.00 8.57 -3.22
CA MET A 20 6.96 8.47 -2.15
C MET A 20 7.57 7.10 -2.12
N GLU A 21 8.87 7.02 -2.24
CA GLU A 21 9.52 5.74 -2.20
C GLU A 21 9.74 5.35 -0.77
N LYS A 22 9.24 4.23 -0.38
CA LYS A 22 9.41 3.76 0.92
C LYS A 22 9.53 2.25 0.89
N LYS A 23 10.53 1.75 1.55
CA LYS A 23 10.83 0.35 1.52
C LYS A 23 10.37 -0.33 2.79
N TYR A 24 9.70 -1.45 2.62
CA TYR A 24 9.14 -2.22 3.71
C TYR A 24 9.65 -3.64 3.66
N PRO A 25 9.70 -4.35 4.81
CA PRO A 25 10.12 -5.75 4.84
C PRO A 25 9.11 -6.65 4.15
N ALA A 26 9.61 -7.64 3.45
CA ALA A 26 8.80 -8.60 2.72
C ALA A 26 7.87 -9.36 3.62
N GLY A 27 8.35 -9.63 4.79
CA GLY A 27 7.62 -10.39 5.76
C GLY A 27 6.65 -9.57 6.58
N MET A 28 6.57 -8.28 6.32
CA MET A 28 5.69 -7.43 7.10
C MET A 28 4.24 -7.55 6.60
N SER A 29 3.32 -7.20 7.46
CA SER A 29 1.88 -7.29 7.22
C SER A 29 1.39 -6.08 6.48
N LEU A 30 0.40 -6.27 5.61
CA LEU A 30 -0.19 -5.13 4.90
C LEU A 30 -0.97 -4.32 5.95
N ASN A 31 -1.50 -5.03 6.97
CA ASN A 31 -2.21 -4.38 8.11
C ASN A 31 -1.32 -3.34 8.74
N ASP A 32 -0.07 -3.71 8.95
CA ASP A 32 0.91 -2.84 9.58
C ASP A 32 1.24 -1.67 8.67
N LEU A 33 1.25 -1.96 7.38
CA LEU A 33 1.55 -0.96 6.37
C LEU A 33 0.40 0.05 6.36
N LYS A 34 -0.80 -0.46 6.50
CA LYS A 34 -1.98 0.38 6.61
C LYS A 34 -1.93 1.23 7.85
N LYS A 35 -1.43 0.68 8.93
CA LYS A 35 -1.31 1.41 10.17
C LYS A 35 -0.30 2.54 10.00
N LYS A 36 0.69 2.30 9.15
CA LYS A 36 1.70 3.30 8.83
C LYS A 36 1.00 4.41 8.07
N LEU A 37 0.14 4.00 7.15
CA LEU A 37 -0.66 4.89 6.35
C LEU A 37 -1.64 5.68 7.24
N GLU A 38 -2.24 4.99 8.19
CA GLU A 38 -3.09 5.59 9.18
C GLU A 38 -2.33 6.62 9.99
N LEU A 39 -1.08 6.35 10.23
CA LEU A 39 -0.25 7.24 10.99
C LEU A 39 0.17 8.46 10.16
N VAL A 40 0.67 8.22 8.98
CA VAL A 40 1.17 9.28 8.11
C VAL A 40 0.02 10.10 7.48
N VAL A 41 -1.01 9.43 7.04
CA VAL A 41 -2.10 10.11 6.36
C VAL A 41 -3.24 10.45 7.32
N GLY A 42 -3.38 9.68 8.39
CA GLY A 42 -4.45 9.94 9.33
C GLY A 42 -5.74 9.24 8.93
N THR A 43 -5.68 8.45 7.88
CA THR A 43 -6.85 7.70 7.42
C THR A 43 -7.21 6.58 8.45
N THR A 44 -8.35 5.91 8.25
CA THR A 44 -8.78 4.83 9.13
C THR A 44 -8.42 3.47 8.50
N VAL A 45 -8.86 2.37 9.10
CA VAL A 45 -8.48 1.05 8.60
C VAL A 45 -9.43 0.58 7.52
N ASP A 46 -10.70 0.68 7.81
CA ASP A 46 -11.72 0.14 6.94
C ASP A 46 -11.97 1.01 5.75
N SER A 47 -11.94 2.30 5.98
CA SER A 47 -12.20 3.24 4.96
C SER A 47 -10.99 3.47 4.07
N MET A 48 -9.89 2.86 4.42
CA MET A 48 -8.71 2.97 3.61
C MET A 48 -8.55 1.73 2.75
N ARG A 49 -8.71 1.93 1.48
CA ARG A 49 -8.66 0.91 0.47
C ARG A 49 -7.31 1.00 -0.22
N ILE A 50 -6.71 -0.12 -0.59
CA ILE A 50 -5.34 -0.08 -1.10
C ILE A 50 -5.26 -0.75 -2.43
N GLN A 51 -4.74 -0.06 -3.42
CA GLN A 51 -4.57 -0.66 -4.71
C GLN A 51 -3.11 -0.87 -4.97
N LEU A 52 -2.79 -1.99 -5.54
CA LEU A 52 -1.42 -2.34 -5.85
C LEU A 52 -1.22 -2.36 -7.34
N PHE A 53 -0.43 -1.44 -7.79
CA PHE A 53 -0.10 -1.34 -9.17
C PHE A 53 1.35 -1.72 -9.32
N ASP A 54 1.71 -2.32 -10.40
CA ASP A 54 3.07 -2.61 -10.63
C ASP A 54 3.74 -1.46 -11.33
N GLY A 55 4.98 -1.65 -11.67
CA GLY A 55 5.71 -0.62 -12.37
C GLY A 55 5.85 -0.98 -13.82
N ASP A 56 5.02 -1.91 -14.24
CA ASP A 56 5.04 -2.41 -15.57
C ASP A 56 3.94 -1.71 -16.35
N ASP A 57 2.71 -1.72 -15.78
CA ASP A 57 1.54 -1.07 -16.39
C ASP A 57 0.25 -1.32 -15.61
N GLN A 58 0.09 -2.50 -15.13
CA GLN A 58 -1.20 -2.97 -14.67
C GLN A 58 -1.44 -2.98 -13.16
N LEU A 59 -2.71 -2.92 -12.83
CA LEU A 59 -3.23 -3.06 -11.49
C LEU A 59 -3.35 -4.53 -11.17
N LYS A 60 -2.84 -4.95 -10.06
CA LYS A 60 -2.95 -6.33 -9.67
C LYS A 60 -4.21 -6.55 -8.87
N GLY A 61 -4.52 -5.62 -8.05
CA GLY A 61 -5.71 -5.69 -7.28
C GLY A 61 -5.65 -4.77 -6.11
N GLU A 62 -6.54 -4.94 -5.19
CA GLU A 62 -6.57 -4.10 -4.02
C GLU A 62 -6.47 -4.95 -2.78
N LEU A 63 -5.53 -4.60 -1.91
CA LEU A 63 -5.31 -5.24 -0.60
C LEU A 63 -5.49 -6.77 -0.55
N THR A 64 -6.66 -7.15 -0.18
CA THR A 64 -7.15 -8.54 -0.16
C THR A 64 -6.71 -9.31 1.12
N ASP A 65 -5.91 -8.66 1.96
CA ASP A 65 -5.47 -9.20 3.26
C ASP A 65 -4.50 -8.21 3.85
N GLY A 66 -3.75 -8.66 4.81
CA GLY A 66 -2.74 -7.89 5.45
C GLY A 66 -2.15 -8.60 6.59
N ALA A 67 -2.66 -9.76 6.89
CA ALA A 67 -2.10 -10.59 7.92
C ALA A 67 -1.06 -11.46 7.28
N LYS A 68 -1.15 -11.61 5.96
CA LYS A 68 -0.15 -12.31 5.22
C LYS A 68 0.88 -11.27 4.80
N SER A 69 2.05 -11.70 4.47
CA SER A 69 3.11 -10.78 4.24
C SER A 69 3.08 -10.21 2.87
N LEU A 70 3.88 -9.20 2.67
CA LEU A 70 4.02 -8.55 1.38
C LEU A 70 4.61 -9.53 0.38
N LYS A 71 5.43 -10.42 0.89
CA LYS A 71 6.12 -11.40 0.07
C LYS A 71 5.07 -12.38 -0.42
N ASP A 72 4.21 -12.76 0.50
CA ASP A 72 3.14 -13.71 0.28
C ASP A 72 2.04 -13.10 -0.59
N LEU A 73 1.88 -11.80 -0.46
CA LEU A 73 0.92 -11.02 -1.27
C LEU A 73 1.40 -10.83 -2.70
N GLY A 74 2.65 -11.14 -2.96
CA GLY A 74 3.18 -10.98 -4.30
C GLY A 74 3.63 -9.57 -4.57
N VAL A 75 3.89 -8.85 -3.51
CA VAL A 75 4.37 -7.50 -3.62
C VAL A 75 5.85 -7.57 -3.89
N ARG A 76 6.31 -6.85 -4.88
CA ARG A 76 7.71 -6.86 -5.22
C ARG A 76 8.22 -5.45 -5.18
N ASP A 77 9.49 -5.29 -5.41
CA ASP A 77 10.11 -3.98 -5.39
C ASP A 77 9.78 -3.21 -6.63
N GLY A 78 9.62 -1.94 -6.45
CA GLY A 78 9.27 -1.06 -7.53
C GLY A 78 7.77 -1.02 -7.82
N TYR A 79 7.00 -1.67 -6.97
CA TYR A 79 5.56 -1.70 -7.10
C TYR A 79 4.94 -0.54 -6.34
N ARG A 80 3.82 -0.07 -6.82
CA ARG A 80 3.22 1.12 -6.28
C ARG A 80 2.00 0.76 -5.45
N ILE A 81 2.02 1.14 -4.21
CA ILE A 81 0.93 0.88 -3.32
C ILE A 81 0.18 2.17 -3.09
N HIS A 82 -1.03 2.17 -3.55
CA HIS A 82 -1.87 3.33 -3.50
C HIS A 82 -3.01 3.16 -2.51
N ALA A 83 -3.06 4.02 -1.54
CA ALA A 83 -4.14 4.00 -0.58
C ALA A 83 -5.17 5.04 -0.98
N VAL A 84 -6.41 4.74 -0.75
CA VAL A 84 -7.48 5.65 -1.07
C VAL A 84 -8.54 5.62 0.02
N ASP A 85 -9.03 6.78 0.37
CA ASP A 85 -10.12 6.90 1.30
C ASP A 85 -11.45 6.73 0.61
N VAL A 86 -12.19 5.76 1.05
CA VAL A 86 -13.46 5.42 0.47
C VAL A 86 -14.57 6.37 0.94
N THR A 87 -14.39 6.93 2.13
CA THR A 87 -15.39 7.78 2.73
C THR A 87 -15.59 9.08 1.90
N GLY A 88 -14.52 9.54 1.28
CA GLY A 88 -14.60 10.72 0.44
C GLY A 88 -15.00 10.40 -0.98
N GLY A 89 -15.36 9.14 -1.23
CA GLY A 89 -15.79 8.70 -2.55
C GLY A 89 -14.72 8.91 -3.60
N ASN A 90 -13.49 8.67 -3.24
CA ASN A 90 -12.39 8.94 -4.14
C ASN A 90 -12.17 7.81 -5.09
N GLU A 91 -12.07 8.17 -6.39
CA GLU A 91 -11.78 7.28 -7.56
C GLU A 91 -12.77 6.14 -7.83
N ASP A 92 -13.30 5.61 -6.82
CA ASP A 92 -14.25 4.53 -6.94
C ASP A 92 -15.31 4.71 -5.88
N MET A 3 15.65 -15.15 7.09
CA MET A 3 16.13 -14.19 6.11
C MET A 3 15.19 -13.01 6.07
N THR A 4 15.73 -11.85 5.86
CA THR A 4 14.95 -10.64 5.77
C THR A 4 14.70 -10.25 4.32
N GLU A 5 13.49 -9.85 4.03
CA GLU A 5 13.16 -9.38 2.73
C GLU A 5 12.77 -7.95 2.79
N VAL A 6 13.25 -7.20 1.88
CA VAL A 6 12.98 -5.79 1.84
C VAL A 6 12.65 -5.38 0.44
N TYR A 7 11.72 -4.50 0.30
CA TYR A 7 11.32 -4.00 -1.00
C TYR A 7 11.42 -2.48 -1.10
N ASP A 8 11.86 -1.97 -2.23
CA ASP A 8 11.78 -0.53 -2.49
C ASP A 8 10.58 -0.30 -3.38
N LEU A 9 9.63 0.36 -2.88
CA LEU A 9 8.44 0.65 -3.60
C LEU A 9 8.10 2.11 -3.64
N GLU A 10 7.31 2.46 -4.61
CA GLU A 10 6.85 3.81 -4.77
C GLU A 10 5.39 3.83 -4.40
N ILE A 11 5.07 4.68 -3.46
CA ILE A 11 3.75 4.77 -2.93
C ILE A 11 3.02 5.93 -3.55
N THR A 12 1.81 5.69 -3.90
CA THR A 12 0.94 6.68 -4.42
C THR A 12 -0.24 6.79 -3.50
N THR A 13 -0.72 7.96 -3.34
CA THR A 13 -1.79 8.18 -2.46
C THR A 13 -2.72 9.17 -3.14
N ASN A 14 -3.85 9.25 -2.63
CA ASN A 14 -4.90 10.13 -3.11
C ASN A 14 -4.62 11.57 -2.73
N ALA A 15 -3.73 11.75 -1.78
CA ALA A 15 -3.38 13.06 -1.32
C ALA A 15 -1.95 13.40 -1.71
N THR A 16 -1.37 12.62 -2.61
CA THR A 16 -0.03 12.90 -3.08
C THR A 16 -0.04 13.27 -4.53
N ASP A 17 0.58 14.38 -4.84
CA ASP A 17 0.73 14.81 -6.22
C ASP A 17 2.01 14.27 -6.77
N PHE A 18 2.90 13.90 -5.86
CA PHE A 18 4.15 13.31 -6.21
C PHE A 18 4.35 12.03 -5.39
N PRO A 19 4.60 10.89 -6.06
CA PRO A 19 4.81 9.57 -5.41
C PRO A 19 6.02 9.54 -4.47
N MET A 20 5.94 8.71 -3.45
CA MET A 20 6.99 8.62 -2.45
C MET A 20 7.56 7.21 -2.41
N GLU A 21 8.85 7.10 -2.57
CA GLU A 21 9.53 5.81 -2.50
C GLU A 21 9.91 5.54 -1.06
N LYS A 22 9.70 4.34 -0.60
CA LYS A 22 10.05 3.98 0.77
C LYS A 22 10.33 2.47 0.76
N LYS A 23 11.30 2.07 1.53
CA LYS A 23 11.69 0.68 1.61
C LYS A 23 11.18 0.05 2.92
N TYR A 24 10.46 -1.05 2.80
CA TYR A 24 9.89 -1.76 3.96
C TYR A 24 10.21 -3.24 3.83
N PRO A 25 10.09 -4.02 4.93
CA PRO A 25 10.27 -5.46 4.88
C PRO A 25 9.08 -6.13 4.20
N ALA A 26 9.36 -7.17 3.45
CA ALA A 26 8.30 -7.93 2.79
C ALA A 26 7.60 -8.90 3.75
N GLY A 27 8.15 -9.05 4.92
CA GLY A 27 7.57 -9.92 5.94
C GLY A 27 6.60 -9.18 6.83
N MET A 28 6.52 -7.89 6.60
CA MET A 28 5.63 -6.99 7.32
C MET A 28 4.18 -7.29 6.86
N SER A 29 3.22 -6.93 7.68
CA SER A 29 1.82 -7.28 7.39
C SER A 29 1.14 -6.17 6.62
N LEU A 30 0.36 -6.52 5.59
CA LEU A 30 -0.36 -5.51 4.81
C LEU A 30 -1.24 -4.66 5.72
N ASN A 31 -1.86 -5.31 6.66
CA ASN A 31 -2.73 -4.62 7.64
C ASN A 31 -1.94 -3.66 8.50
N ASP A 32 -0.72 -4.05 8.87
CA ASP A 32 0.12 -3.20 9.70
C ASP A 32 0.62 -2.05 8.85
N LEU A 33 0.84 -2.33 7.57
CA LEU A 33 1.26 -1.35 6.58
C LEU A 33 0.16 -0.29 6.45
N LYS A 34 -1.09 -0.76 6.34
CA LYS A 34 -2.25 0.16 6.27
C LYS A 34 -2.27 1.00 7.51
N LYS A 35 -2.13 0.37 8.65
CA LYS A 35 -2.17 1.03 9.92
C LYS A 35 -1.03 2.07 10.06
N LYS A 36 0.10 1.80 9.42
CA LYS A 36 1.23 2.72 9.38
C LYS A 36 0.83 3.92 8.52
N LEU A 37 0.20 3.62 7.40
CA LEU A 37 -0.33 4.61 6.50
C LEU A 37 -1.42 5.41 7.17
N GLU A 38 -2.22 4.73 7.95
CA GLU A 38 -3.28 5.31 8.73
C GLU A 38 -2.79 6.32 9.71
N LEU A 39 -1.60 6.13 10.18
CA LEU A 39 -0.98 7.10 11.06
C LEU A 39 -0.79 8.43 10.30
N VAL A 40 -0.62 8.32 9.00
CA VAL A 40 -0.45 9.46 8.12
C VAL A 40 -1.84 9.93 7.58
N VAL A 41 -2.70 8.99 7.24
CA VAL A 41 -4.00 9.31 6.66
C VAL A 41 -5.03 9.71 7.72
N GLY A 42 -4.88 9.20 8.93
CA GLY A 42 -5.78 9.58 10.01
C GLY A 42 -7.12 8.83 10.02
N THR A 43 -7.38 8.06 8.99
CA THR A 43 -8.62 7.31 8.89
C THR A 43 -8.56 5.98 9.65
N THR A 44 -9.57 5.15 9.48
CA THR A 44 -9.54 3.85 10.04
C THR A 44 -9.40 2.85 8.87
N VAL A 45 -8.89 1.68 9.17
CA VAL A 45 -8.44 0.68 8.18
C VAL A 45 -9.55 0.22 7.19
N ASP A 46 -10.78 0.22 7.63
CA ASP A 46 -11.90 -0.22 6.78
C ASP A 46 -12.18 0.77 5.66
N SER A 47 -12.03 2.05 5.95
CA SER A 47 -12.32 3.10 5.01
C SER A 47 -11.10 3.41 4.15
N MET A 48 -10.04 2.76 4.46
CA MET A 48 -8.79 2.96 3.79
C MET A 48 -8.61 1.83 2.78
N ARG A 49 -8.46 2.20 1.54
CA ARG A 49 -8.39 1.26 0.44
C ARG A 49 -6.97 1.29 -0.14
N ILE A 50 -6.43 0.13 -0.43
CA ILE A 50 -5.12 0.00 -1.01
C ILE A 50 -5.19 -0.65 -2.35
N GLN A 51 -4.56 -0.08 -3.30
CA GLN A 51 -4.47 -0.68 -4.55
C GLN A 51 -3.03 -1.01 -4.86
N LEU A 52 -2.81 -2.15 -5.42
CA LEU A 52 -1.48 -2.51 -5.85
C LEU A 52 -1.42 -2.41 -7.36
N PHE A 53 -0.43 -1.70 -7.83
CA PHE A 53 -0.22 -1.49 -9.22
C PHE A 53 1.05 -2.16 -9.70
N ASP A 54 0.91 -2.81 -10.82
CA ASP A 54 1.98 -3.47 -11.52
C ASP A 54 1.61 -3.45 -12.96
N GLY A 55 2.49 -3.82 -13.79
CA GLY A 55 2.27 -3.67 -15.21
C GLY A 55 2.34 -2.21 -15.54
N ASP A 56 3.27 -1.56 -14.86
CA ASP A 56 3.54 -0.14 -14.96
C ASP A 56 2.44 0.69 -14.26
N ASP A 57 1.24 0.70 -14.81
CA ASP A 57 0.17 1.52 -14.29
C ASP A 57 -1.10 0.72 -14.11
N GLN A 58 -1.04 -0.52 -14.50
CA GLN A 58 -2.20 -1.41 -14.46
C GLN A 58 -2.60 -1.75 -13.03
N LEU A 59 -3.88 -1.83 -12.83
CA LEU A 59 -4.44 -2.14 -11.54
C LEU A 59 -4.49 -3.64 -11.29
N LYS A 60 -3.86 -4.09 -10.22
CA LYS A 60 -3.94 -5.48 -9.82
C LYS A 60 -5.13 -5.67 -8.89
N GLY A 61 -5.29 -4.75 -7.96
CA GLY A 61 -6.44 -4.79 -7.08
C GLY A 61 -6.11 -4.39 -5.67
N GLU A 62 -6.99 -4.73 -4.75
CA GLU A 62 -6.85 -4.42 -3.35
C GLU A 62 -6.36 -5.63 -2.63
N LEU A 63 -5.30 -5.47 -1.89
CA LEU A 63 -4.82 -6.52 -1.06
C LEU A 63 -5.72 -6.71 0.14
N THR A 64 -5.37 -6.09 1.21
CA THR A 64 -6.20 -6.03 2.41
C THR A 64 -6.16 -7.30 3.29
N ASP A 65 -5.44 -8.30 2.83
CA ASP A 65 -5.29 -9.57 3.57
C ASP A 65 -4.53 -9.30 4.87
N GLY A 66 -3.24 -9.04 4.74
CA GLY A 66 -2.40 -8.60 5.84
C GLY A 66 -2.10 -9.61 6.92
N ALA A 67 -2.71 -10.77 6.90
CA ALA A 67 -2.41 -11.76 7.94
C ALA A 67 -1.18 -12.58 7.52
N LYS A 68 -0.72 -12.29 6.34
CA LYS A 68 0.45 -12.91 5.80
C LYS A 68 1.41 -11.80 5.41
N SER A 69 2.52 -12.16 4.84
CA SER A 69 3.48 -11.22 4.49
C SER A 69 3.15 -10.58 3.19
N LEU A 70 3.78 -9.50 2.97
CA LEU A 70 3.67 -8.75 1.75
C LEU A 70 4.35 -9.50 0.64
N LYS A 71 5.30 -10.32 1.03
CA LYS A 71 6.06 -11.14 0.13
C LYS A 71 5.13 -12.17 -0.50
N ASP A 72 4.32 -12.79 0.33
CA ASP A 72 3.37 -13.81 -0.11
C ASP A 72 2.28 -13.17 -0.96
N LEU A 73 1.97 -11.91 -0.63
CA LEU A 73 0.94 -11.14 -1.35
C LEU A 73 1.42 -10.66 -2.73
N GLY A 74 2.70 -10.75 -2.98
CA GLY A 74 3.20 -10.34 -4.27
C GLY A 74 3.75 -8.94 -4.28
N VAL A 75 4.03 -8.41 -3.12
CA VAL A 75 4.61 -7.10 -3.01
C VAL A 75 6.11 -7.25 -3.03
N ARG A 76 6.72 -6.83 -4.10
CA ARG A 76 8.15 -6.93 -4.26
C ARG A 76 8.71 -5.56 -4.56
N ASP A 77 10.00 -5.51 -4.80
CA ASP A 77 10.66 -4.27 -5.16
C ASP A 77 10.17 -3.82 -6.49
N GLY A 78 10.03 -2.56 -6.65
CA GLY A 78 9.60 -2.00 -7.92
C GLY A 78 8.09 -1.90 -8.07
N TYR A 79 7.35 -2.58 -7.21
CA TYR A 79 5.89 -2.55 -7.26
C TYR A 79 5.38 -1.29 -6.65
N ARG A 80 4.20 -0.87 -7.02
CA ARG A 80 3.70 0.36 -6.49
C ARG A 80 2.39 0.19 -5.78
N ILE A 81 2.31 0.78 -4.62
CA ILE A 81 1.15 0.69 -3.78
C ILE A 81 0.44 2.03 -3.71
N HIS A 82 -0.85 1.99 -3.83
CA HIS A 82 -1.68 3.15 -3.78
C HIS A 82 -2.55 3.11 -2.53
N ALA A 83 -2.65 4.23 -1.88
CA ALA A 83 -3.48 4.39 -0.70
C ALA A 83 -4.53 5.45 -0.94
N VAL A 84 -5.76 5.15 -0.57
CA VAL A 84 -6.85 6.07 -0.74
C VAL A 84 -7.93 5.82 0.30
N ASP A 85 -8.43 6.87 0.89
CA ASP A 85 -9.50 6.77 1.79
C ASP A 85 -10.80 7.02 1.04
N VAL A 86 -11.81 6.25 1.35
CA VAL A 86 -13.09 6.40 0.70
C VAL A 86 -13.92 7.45 1.43
N THR A 87 -13.42 7.87 2.58
CA THR A 87 -14.09 8.82 3.42
C THR A 87 -14.16 10.20 2.75
N GLY A 88 -13.16 10.51 1.96
CA GLY A 88 -13.15 11.77 1.26
C GLY A 88 -13.77 11.68 -0.11
N GLY A 89 -14.25 10.49 -0.47
CA GLY A 89 -14.84 10.28 -1.80
C GLY A 89 -13.82 10.49 -2.90
N ASN A 90 -12.58 10.17 -2.59
CA ASN A 90 -11.49 10.38 -3.52
C ASN A 90 -11.47 9.34 -4.61
N GLU A 91 -11.01 9.78 -5.76
CA GLU A 91 -10.91 9.01 -6.99
C GLU A 91 -12.28 8.75 -7.60
N ASP A 92 -12.84 9.83 -8.09
CA ASP A 92 -14.12 9.90 -8.76
C ASP A 92 -14.19 11.27 -9.40
N MET A 3 18.54 -13.53 2.63
CA MET A 3 18.46 -12.32 1.78
C MET A 3 17.97 -11.17 2.61
N THR A 4 18.21 -9.96 2.15
CA THR A 4 17.62 -8.83 2.78
C THR A 4 16.17 -8.83 2.34
N GLU A 5 15.29 -9.05 3.26
CA GLU A 5 13.94 -9.32 2.94
C GLU A 5 13.13 -8.08 3.14
N VAL A 6 13.40 -7.12 2.31
CA VAL A 6 12.76 -5.85 2.34
C VAL A 6 12.49 -5.39 0.93
N TYR A 7 11.45 -4.64 0.77
CA TYR A 7 11.13 -4.04 -0.51
C TYR A 7 11.01 -2.55 -0.33
N ASP A 8 11.47 -1.80 -1.29
CA ASP A 8 11.23 -0.38 -1.31
C ASP A 8 10.04 -0.15 -2.17
N LEU A 9 9.02 0.33 -1.59
CA LEU A 9 7.77 0.51 -2.22
C LEU A 9 7.56 1.95 -2.62
N GLU A 10 6.71 2.12 -3.60
CA GLU A 10 6.30 3.42 -4.04
C GLU A 10 4.85 3.56 -3.64
N ILE A 11 4.60 4.46 -2.78
CA ILE A 11 3.27 4.65 -2.27
C ILE A 11 2.60 5.80 -2.97
N THR A 12 1.44 5.53 -3.43
CA THR A 12 0.61 6.48 -4.11
C THR A 12 -0.68 6.60 -3.33
N THR A 13 -1.30 7.73 -3.36
CA THR A 13 -2.47 7.90 -2.57
C THR A 13 -3.48 8.73 -3.32
N ASN A 14 -4.65 8.57 -2.87
CA ASN A 14 -5.88 9.18 -3.33
C ASN A 14 -5.79 10.67 -3.48
N ALA A 15 -5.06 11.28 -2.61
CA ALA A 15 -5.02 12.70 -2.60
C ALA A 15 -3.62 13.24 -2.66
N THR A 16 -2.69 12.39 -3.03
CA THR A 16 -1.33 12.81 -3.14
C THR A 16 -0.86 12.65 -4.56
N ASP A 17 -0.29 13.67 -5.12
CA ASP A 17 0.22 13.58 -6.47
C ASP A 17 1.68 13.13 -6.45
N PHE A 18 2.33 13.39 -5.34
CA PHE A 18 3.69 12.97 -5.14
C PHE A 18 3.74 11.61 -4.45
N PRO A 19 4.39 10.62 -5.07
CA PRO A 19 4.52 9.28 -4.51
C PRO A 19 5.62 9.24 -3.45
N MET A 20 5.44 8.42 -2.46
CA MET A 20 6.36 8.34 -1.35
C MET A 20 7.09 7.02 -1.39
N GLU A 21 8.36 7.03 -1.16
CA GLU A 21 9.12 5.82 -1.14
C GLU A 21 9.41 5.41 0.31
N LYS A 22 9.10 4.19 0.61
CA LYS A 22 9.30 3.63 1.92
C LYS A 22 9.75 2.19 1.81
N LYS A 23 10.51 1.76 2.77
CA LYS A 23 11.04 0.42 2.80
C LYS A 23 10.24 -0.41 3.79
N TYR A 24 9.78 -1.56 3.38
CA TYR A 24 9.04 -2.44 4.25
C TYR A 24 9.52 -3.85 4.09
N PRO A 25 9.69 -4.58 5.21
CA PRO A 25 10.09 -5.99 5.17
C PRO A 25 9.07 -6.83 4.44
N ALA A 26 9.55 -7.78 3.66
CA ALA A 26 8.67 -8.65 2.89
C ALA A 26 7.81 -9.53 3.78
N GLY A 27 8.28 -9.73 4.98
CA GLY A 27 7.57 -10.54 5.95
C GLY A 27 6.62 -9.71 6.80
N MET A 28 6.54 -8.43 6.51
CA MET A 28 5.65 -7.55 7.24
C MET A 28 4.24 -7.67 6.67
N SER A 29 3.25 -7.38 7.46
CA SER A 29 1.89 -7.44 7.06
C SER A 29 1.50 -6.18 6.36
N LEU A 30 0.57 -6.30 5.44
CA LEU A 30 0.06 -5.16 4.72
C LEU A 30 -0.65 -4.26 5.70
N ASN A 31 -1.26 -4.88 6.69
CA ASN A 31 -2.06 -4.14 7.69
C ASN A 31 -1.21 -3.23 8.56
N ASP A 32 0.03 -3.60 8.79
CA ASP A 32 0.93 -2.75 9.55
C ASP A 32 1.39 -1.63 8.66
N LEU A 33 1.56 -1.96 7.40
CA LEU A 33 1.99 -1.02 6.39
C LEU A 33 0.90 0.03 6.21
N LYS A 34 -0.34 -0.44 6.14
CA LYS A 34 -1.51 0.44 6.06
C LYS A 34 -1.54 1.35 7.25
N LYS A 35 -1.41 0.77 8.42
CA LYS A 35 -1.44 1.50 9.66
C LYS A 35 -0.32 2.54 9.72
N LYS A 36 0.81 2.19 9.15
CA LYS A 36 1.95 3.08 9.07
C LYS A 36 1.57 4.25 8.16
N LEU A 37 0.89 3.93 7.07
CA LEU A 37 0.39 4.89 6.14
C LEU A 37 -0.71 5.73 6.76
N GLU A 38 -1.54 5.09 7.53
CA GLU A 38 -2.61 5.72 8.26
C GLU A 38 -2.11 6.73 9.26
N LEU A 39 -0.94 6.49 9.77
CA LEU A 39 -0.29 7.46 10.64
C LEU A 39 0.00 8.74 9.84
N VAL A 40 0.20 8.59 8.54
CA VAL A 40 0.46 9.69 7.63
C VAL A 40 -0.86 10.25 7.08
N VAL A 41 -1.78 9.36 6.74
CA VAL A 41 -3.05 9.74 6.13
C VAL A 41 -4.05 10.26 7.17
N GLY A 42 -3.92 9.78 8.38
CA GLY A 42 -4.78 10.26 9.46
C GLY A 42 -6.06 9.46 9.57
N THR A 43 -6.29 8.60 8.63
CA THR A 43 -7.52 7.82 8.60
C THR A 43 -7.29 6.49 9.38
N THR A 44 -8.30 5.64 9.45
CA THR A 44 -8.14 4.36 10.09
C THR A 44 -7.98 3.25 9.05
N VAL A 45 -7.33 2.16 9.45
CA VAL A 45 -6.96 1.05 8.56
C VAL A 45 -8.17 0.43 7.86
N ASP A 46 -9.30 0.43 8.54
CA ASP A 46 -10.53 -0.12 7.99
C ASP A 46 -11.05 0.71 6.84
N SER A 47 -10.91 2.01 6.95
CA SER A 47 -11.37 2.93 5.97
C SER A 47 -10.33 3.14 4.86
N MET A 48 -9.21 2.52 5.04
CA MET A 48 -8.10 2.60 4.11
C MET A 48 -8.16 1.40 3.18
N ARG A 49 -8.11 1.64 1.91
CA ARG A 49 -8.25 0.61 0.90
C ARG A 49 -7.04 0.65 -0.05
N ILE A 50 -6.56 -0.51 -0.50
CA ILE A 50 -5.32 -0.58 -1.29
C ILE A 50 -5.49 -1.22 -2.67
N GLN A 51 -4.91 -0.55 -3.67
CA GLN A 51 -4.79 -1.07 -5.01
C GLN A 51 -3.32 -1.17 -5.35
N LEU A 52 -2.93 -2.20 -6.02
CA LEU A 52 -1.50 -2.34 -6.39
C LEU A 52 -1.32 -2.25 -7.90
N PHE A 53 -0.45 -1.36 -8.32
CA PHE A 53 -0.13 -1.17 -9.73
C PHE A 53 1.35 -1.48 -9.91
N ASP A 54 1.69 -2.17 -10.97
CA ASP A 54 3.08 -2.44 -11.24
C ASP A 54 3.65 -1.36 -12.14
N GLY A 55 4.84 -1.63 -12.65
CA GLY A 55 5.52 -0.69 -13.54
C GLY A 55 4.71 -0.35 -14.77
N ASP A 56 4.23 -1.38 -15.48
CA ASP A 56 3.41 -1.22 -16.67
C ASP A 56 2.72 -2.51 -17.07
N ASP A 57 1.57 -2.72 -16.47
CA ASP A 57 0.67 -3.82 -16.82
C ASP A 57 -0.65 -3.51 -16.13
N GLN A 58 -0.74 -2.24 -15.78
CA GLN A 58 -1.85 -1.64 -15.11
C GLN A 58 -2.13 -2.27 -13.74
N LEU A 59 -3.30 -1.97 -13.21
CA LEU A 59 -3.72 -2.47 -11.91
C LEU A 59 -3.69 -3.99 -11.86
N LYS A 60 -3.10 -4.52 -10.80
CA LYS A 60 -3.05 -5.96 -10.60
C LYS A 60 -4.34 -6.39 -9.98
N GLY A 61 -4.76 -5.64 -9.02
CA GLY A 61 -5.98 -5.90 -8.36
C GLY A 61 -6.07 -5.15 -7.07
N GLU A 62 -7.02 -5.51 -6.28
CA GLU A 62 -7.27 -4.89 -5.03
C GLU A 62 -7.00 -5.89 -3.92
N LEU A 63 -6.02 -5.59 -3.10
CA LEU A 63 -5.66 -6.50 -2.03
C LEU A 63 -6.32 -6.19 -0.72
N THR A 64 -5.58 -5.57 0.15
CA THR A 64 -5.98 -5.05 1.49
C THR A 64 -6.05 -6.15 2.58
N ASP A 65 -5.63 -7.36 2.21
CA ASP A 65 -5.61 -8.52 3.12
C ASP A 65 -4.84 -8.22 4.41
N GLY A 66 -3.51 -8.24 4.30
CA GLY A 66 -2.61 -7.97 5.42
C GLY A 66 -2.58 -9.07 6.47
N ALA A 67 -3.36 -10.12 6.28
CA ALA A 67 -3.36 -11.26 7.19
C ALA A 67 -2.17 -12.16 6.88
N LYS A 68 -1.38 -11.70 5.95
CA LYS A 68 -0.20 -12.36 5.49
C LYS A 68 0.85 -11.30 5.15
N SER A 69 2.01 -11.72 4.73
CA SER A 69 3.08 -10.84 4.46
C SER A 69 2.97 -10.23 3.09
N LEU A 70 3.79 -9.26 2.86
CA LEU A 70 3.88 -8.56 1.59
C LEU A 70 4.38 -9.50 0.53
N LYS A 71 5.20 -10.43 0.97
CA LYS A 71 5.84 -11.39 0.10
C LYS A 71 4.78 -12.35 -0.43
N ASP A 72 3.87 -12.73 0.45
CA ASP A 72 2.83 -13.68 0.10
C ASP A 72 1.77 -12.98 -0.76
N LEU A 73 1.63 -11.68 -0.50
CA LEU A 73 0.69 -10.83 -1.24
C LEU A 73 1.15 -10.48 -2.64
N GLY A 74 2.40 -10.73 -2.93
CA GLY A 74 2.93 -10.42 -4.25
C GLY A 74 3.36 -8.99 -4.36
N VAL A 75 3.57 -8.35 -3.24
CA VAL A 75 4.06 -7.00 -3.22
C VAL A 75 5.56 -7.08 -3.34
N ARG A 76 6.12 -6.47 -4.35
CA ARG A 76 7.54 -6.57 -4.57
C ARG A 76 8.16 -5.18 -4.61
N ASP A 77 9.47 -5.13 -4.81
CA ASP A 77 10.18 -3.86 -4.81
C ASP A 77 9.90 -3.12 -6.08
N GLY A 78 9.79 -1.86 -5.95
CA GLY A 78 9.53 -0.98 -7.08
C GLY A 78 8.07 -0.91 -7.52
N TYR A 79 7.21 -1.67 -6.87
CA TYR A 79 5.78 -1.66 -7.19
C TYR A 79 5.09 -0.57 -6.41
N ARG A 80 4.00 -0.05 -6.95
CA ARG A 80 3.34 1.02 -6.28
C ARG A 80 2.06 0.58 -5.62
N ILE A 81 1.94 0.98 -4.39
CA ILE A 81 0.79 0.72 -3.60
C ILE A 81 -0.05 1.96 -3.60
N HIS A 82 -1.25 1.82 -4.06
CA HIS A 82 -2.16 2.92 -4.10
C HIS A 82 -3.09 2.87 -2.91
N ALA A 83 -3.00 3.87 -2.09
CA ALA A 83 -3.81 4.00 -0.92
C ALA A 83 -4.96 4.92 -1.21
N VAL A 84 -6.11 4.53 -0.77
CA VAL A 84 -7.27 5.34 -0.92
C VAL A 84 -8.14 5.21 0.31
N ASP A 85 -8.59 6.32 0.81
CA ASP A 85 -9.46 6.37 1.91
C ASP A 85 -10.88 6.42 1.39
N VAL A 86 -11.71 5.55 1.88
CA VAL A 86 -13.08 5.49 1.42
C VAL A 86 -13.97 6.52 2.11
N THR A 87 -13.42 7.16 3.12
CA THR A 87 -14.18 8.09 3.92
C THR A 87 -14.24 9.48 3.31
N GLY A 88 -13.21 9.87 2.62
CA GLY A 88 -13.18 11.18 2.03
C GLY A 88 -13.53 11.17 0.58
N GLY A 89 -13.77 9.98 0.06
CA GLY A 89 -13.98 9.84 -1.36
C GLY A 89 -12.73 10.19 -2.11
N ASN A 90 -12.83 10.94 -3.17
CA ASN A 90 -11.63 11.37 -3.86
C ASN A 90 -11.23 12.76 -3.48
N GLU A 91 -10.01 12.86 -2.97
CA GLU A 91 -9.39 14.11 -2.52
C GLU A 91 -10.25 14.90 -1.53
N ASP A 92 -10.13 14.54 -0.29
CA ASP A 92 -10.83 15.21 0.79
C ASP A 92 -9.92 16.23 1.41
N MET A 3 12.05 -14.35 7.68
CA MET A 3 13.21 -13.96 6.87
C MET A 3 13.22 -12.46 6.69
N THR A 4 14.39 -11.90 6.54
CA THR A 4 14.52 -10.51 6.28
C THR A 4 14.60 -10.30 4.77
N GLU A 5 13.59 -9.68 4.23
CA GLU A 5 13.53 -9.40 2.84
C GLU A 5 13.03 -7.99 2.70
N VAL A 6 13.52 -7.28 1.73
CA VAL A 6 13.21 -5.88 1.58
C VAL A 6 12.84 -5.55 0.14
N TYR A 7 11.82 -4.75 0.01
CA TYR A 7 11.33 -4.29 -1.28
C TYR A 7 11.29 -2.75 -1.32
N ASP A 8 11.61 -2.19 -2.45
CA ASP A 8 11.39 -0.74 -2.66
C ASP A 8 10.06 -0.52 -3.36
N LEU A 9 9.27 0.39 -2.82
CA LEU A 9 7.97 0.73 -3.35
C LEU A 9 7.84 2.20 -3.63
N GLU A 10 6.91 2.50 -4.51
CA GLU A 10 6.48 3.85 -4.73
C GLU A 10 5.07 3.92 -4.19
N ILE A 11 4.90 4.70 -3.17
CA ILE A 11 3.64 4.80 -2.49
C ILE A 11 2.90 6.04 -2.93
N THR A 12 1.64 5.88 -3.20
CA THR A 12 0.78 6.97 -3.58
C THR A 12 -0.52 6.90 -2.80
N THR A 13 -1.22 7.97 -2.79
CA THR A 13 -2.48 8.08 -2.18
C THR A 13 -3.18 9.17 -2.95
N ASN A 14 -4.42 9.29 -2.76
CA ASN A 14 -5.18 10.32 -3.41
C ASN A 14 -5.21 11.57 -2.53
N ALA A 15 -4.83 11.38 -1.27
CA ALA A 15 -4.73 12.47 -0.33
C ALA A 15 -3.38 13.15 -0.46
N THR A 16 -2.47 12.48 -1.12
CA THR A 16 -1.16 12.99 -1.37
C THR A 16 -0.99 13.21 -2.86
N ASP A 17 -0.08 14.06 -3.24
CA ASP A 17 0.17 14.31 -4.65
C ASP A 17 1.58 13.90 -5.02
N PHE A 18 2.41 13.75 -4.02
CA PHE A 18 3.79 13.38 -4.22
C PHE A 18 3.99 11.89 -3.92
N PRO A 19 4.31 11.10 -4.95
CA PRO A 19 4.66 9.69 -4.78
C PRO A 19 6.00 9.55 -4.05
N MET A 20 6.01 8.78 -3.02
CA MET A 20 7.18 8.63 -2.17
C MET A 20 7.74 7.24 -2.29
N GLU A 21 9.05 7.12 -2.29
CA GLU A 21 9.66 5.83 -2.38
C GLU A 21 10.32 5.47 -1.06
N LYS A 22 10.06 4.28 -0.60
CA LYS A 22 10.65 3.80 0.62
C LYS A 22 10.73 2.29 0.60
N LYS A 23 11.72 1.76 1.28
CA LYS A 23 11.96 0.35 1.34
C LYS A 23 11.34 -0.22 2.61
N TYR A 24 10.66 -1.34 2.48
CA TYR A 24 10.03 -2.01 3.61
C TYR A 24 10.30 -3.52 3.54
N PRO A 25 10.12 -4.27 4.65
CA PRO A 25 10.31 -5.72 4.67
C PRO A 25 9.14 -6.47 4.03
N ALA A 26 9.48 -7.47 3.23
CA ALA A 26 8.46 -8.29 2.56
C ALA A 26 7.77 -9.26 3.52
N GLY A 27 8.45 -9.58 4.59
CA GLY A 27 7.92 -10.52 5.56
C GLY A 27 6.96 -9.88 6.54
N MET A 28 6.84 -8.58 6.46
CA MET A 28 5.96 -7.81 7.33
C MET A 28 4.51 -7.91 6.82
N SER A 29 3.56 -7.63 7.69
CA SER A 29 2.17 -7.62 7.34
C SER A 29 1.81 -6.29 6.75
N LEU A 30 0.84 -6.31 5.87
CA LEU A 30 0.34 -5.08 5.31
C LEU A 30 -0.29 -4.25 6.38
N ASN A 31 -0.88 -4.90 7.35
CA ASN A 31 -1.59 -4.23 8.46
C ASN A 31 -0.69 -3.34 9.28
N ASP A 32 0.59 -3.70 9.38
CA ASP A 32 1.55 -2.83 10.07
C ASP A 32 1.77 -1.58 9.23
N LEU A 33 1.93 -1.80 7.94
CA LEU A 33 2.15 -0.74 6.95
C LEU A 33 0.89 0.13 6.87
N LYS A 34 -0.24 -0.52 6.90
CA LYS A 34 -1.56 0.12 6.98
C LYS A 34 -1.62 1.04 8.14
N LYS A 35 -1.23 0.56 9.30
CA LYS A 35 -1.29 1.33 10.53
C LYS A 35 -0.44 2.60 10.39
N LYS A 36 0.66 2.48 9.67
CA LYS A 36 1.52 3.55 9.36
C LYS A 36 0.83 4.53 8.38
N LEU A 37 0.16 3.98 7.39
CA LEU A 37 -0.64 4.74 6.44
C LEU A 37 -1.78 5.46 7.16
N GLU A 38 -2.45 4.71 8.00
CA GLU A 38 -3.53 5.17 8.85
C GLU A 38 -3.08 6.31 9.74
N LEU A 39 -1.86 6.25 10.18
CA LEU A 39 -1.29 7.28 11.02
C LEU A 39 -1.01 8.56 10.23
N VAL A 40 -0.57 8.40 9.00
CA VAL A 40 -0.22 9.54 8.16
C VAL A 40 -1.47 10.19 7.52
N VAL A 41 -2.39 9.36 7.07
CA VAL A 41 -3.57 9.87 6.40
C VAL A 41 -4.72 10.12 7.37
N GLY A 42 -4.74 9.40 8.46
CA GLY A 42 -5.80 9.58 9.44
C GLY A 42 -6.97 8.67 9.18
N THR A 43 -6.84 7.84 8.17
CA THR A 43 -7.90 6.92 7.80
C THR A 43 -7.86 5.63 8.67
N THR A 44 -8.86 4.79 8.51
CA THR A 44 -8.97 3.52 9.16
C THR A 44 -8.55 2.40 8.17
N VAL A 45 -8.83 1.15 8.50
CA VAL A 45 -8.39 0.04 7.65
C VAL A 45 -9.29 -0.17 6.44
N ASP A 46 -10.57 -0.22 6.66
CA ASP A 46 -11.51 -0.53 5.59
C ASP A 46 -11.82 0.69 4.74
N SER A 47 -11.82 1.86 5.37
CA SER A 47 -12.08 3.08 4.68
C SER A 47 -10.88 3.54 3.86
N MET A 48 -9.76 2.89 4.05
CA MET A 48 -8.61 3.20 3.25
C MET A 48 -8.39 2.05 2.34
N ARG A 49 -8.60 2.25 1.08
CA ARG A 49 -8.52 1.17 0.17
C ARG A 49 -7.13 1.17 -0.44
N ILE A 50 -6.58 0.00 -0.61
CA ILE A 50 -5.22 -0.11 -1.09
C ILE A 50 -5.23 -0.84 -2.42
N GLN A 51 -4.62 -0.25 -3.43
CA GLN A 51 -4.55 -0.85 -4.72
C GLN A 51 -3.13 -1.21 -5.06
N LEU A 52 -2.96 -2.38 -5.65
CA LEU A 52 -1.64 -2.86 -6.02
C LEU A 52 -1.48 -2.95 -7.51
N PHE A 53 -0.53 -2.22 -8.00
CA PHE A 53 -0.17 -2.27 -9.38
C PHE A 53 1.15 -3.01 -9.44
N ASP A 54 1.33 -3.78 -10.46
CA ASP A 54 2.50 -4.64 -10.58
C ASP A 54 3.67 -3.81 -11.10
N GLY A 55 4.58 -4.44 -11.79
CA GLY A 55 5.69 -3.74 -12.40
C GLY A 55 5.18 -2.97 -13.60
N ASP A 56 4.00 -3.36 -14.03
CA ASP A 56 3.29 -2.72 -15.10
C ASP A 56 2.27 -1.75 -14.49
N ASP A 57 1.74 -0.86 -15.30
CA ASP A 57 0.83 0.19 -14.85
C ASP A 57 -0.55 -0.38 -14.48
N GLN A 58 -0.87 -1.55 -14.99
CA GLN A 58 -2.15 -2.18 -14.71
C GLN A 58 -2.29 -2.69 -13.27
N LEU A 59 -3.53 -2.71 -12.85
CA LEU A 59 -3.92 -3.12 -11.52
C LEU A 59 -4.01 -4.63 -11.44
N LYS A 60 -3.40 -5.20 -10.43
CA LYS A 60 -3.47 -6.63 -10.19
C LYS A 60 -4.67 -6.98 -9.35
N GLY A 61 -4.92 -6.18 -8.36
CA GLY A 61 -6.04 -6.42 -7.51
C GLY A 61 -6.04 -5.48 -6.35
N GLU A 62 -6.85 -5.79 -5.37
CA GLU A 62 -6.99 -4.96 -4.25
C GLU A 62 -6.52 -5.71 -3.03
N LEU A 63 -5.80 -5.04 -2.21
CA LEU A 63 -5.29 -5.61 -0.99
C LEU A 63 -5.86 -4.83 0.17
N THR A 64 -5.15 -4.83 1.31
CA THR A 64 -5.60 -4.34 2.67
C THR A 64 -5.84 -5.54 3.61
N ASP A 65 -5.42 -6.72 3.14
CA ASP A 65 -5.50 -7.98 3.89
C ASP A 65 -4.64 -7.93 5.16
N GLY A 66 -3.33 -8.02 4.99
CA GLY A 66 -2.37 -7.94 6.10
C GLY A 66 -2.31 -9.20 6.97
N ALA A 67 -3.22 -10.13 6.75
CA ALA A 67 -3.24 -11.41 7.48
C ALA A 67 -2.32 -12.40 6.78
N LYS A 68 -1.64 -11.88 5.82
CA LYS A 68 -0.69 -12.53 5.00
C LYS A 68 0.38 -11.52 4.74
N SER A 69 1.56 -11.94 4.39
CA SER A 69 2.64 -11.04 4.28
C SER A 69 2.58 -10.27 3.02
N LEU A 70 3.39 -9.29 2.96
CA LEU A 70 3.52 -8.45 1.82
C LEU A 70 4.17 -9.23 0.71
N LYS A 71 4.96 -10.19 1.09
CA LYS A 71 5.66 -11.04 0.15
C LYS A 71 4.63 -11.97 -0.49
N ASP A 72 3.70 -12.44 0.33
CA ASP A 72 2.64 -13.35 -0.13
C ASP A 72 1.63 -12.57 -0.95
N LEU A 73 1.50 -11.29 -0.63
CA LEU A 73 0.61 -10.38 -1.38
C LEU A 73 1.22 -10.02 -2.74
N GLY A 74 2.49 -10.30 -2.90
CA GLY A 74 3.15 -10.01 -4.15
C GLY A 74 3.80 -8.66 -4.17
N VAL A 75 3.95 -8.08 -3.00
CA VAL A 75 4.58 -6.80 -2.89
C VAL A 75 6.08 -7.00 -2.93
N ARG A 76 6.62 -6.92 -4.12
CA ARG A 76 8.03 -7.09 -4.35
C ARG A 76 8.62 -5.75 -4.73
N ASP A 77 9.87 -5.76 -5.15
CA ASP A 77 10.52 -4.53 -5.58
C ASP A 77 9.95 -4.06 -6.88
N GLY A 78 9.87 -2.78 -6.98
CA GLY A 78 9.39 -2.15 -8.21
C GLY A 78 7.89 -2.00 -8.30
N TYR A 79 7.21 -2.36 -7.24
CA TYR A 79 5.77 -2.24 -7.18
C TYR A 79 5.35 -0.87 -6.66
N ARG A 80 4.16 -0.48 -7.00
CA ARG A 80 3.64 0.76 -6.52
C ARG A 80 2.40 0.47 -5.71
N ILE A 81 2.28 1.09 -4.58
CA ILE A 81 1.14 0.88 -3.73
C ILE A 81 0.35 2.15 -3.64
N HIS A 82 -0.87 2.06 -4.06
CA HIS A 82 -1.74 3.19 -4.10
C HIS A 82 -2.81 3.07 -3.04
N ALA A 83 -3.01 4.11 -2.30
CA ALA A 83 -4.06 4.13 -1.31
C ALA A 83 -5.09 5.19 -1.66
N VAL A 84 -6.32 4.92 -1.35
CA VAL A 84 -7.39 5.84 -1.60
C VAL A 84 -8.30 5.94 -0.37
N ASP A 85 -8.63 7.15 0.01
CA ASP A 85 -9.51 7.40 1.15
C ASP A 85 -10.94 7.60 0.71
N VAL A 86 -11.80 6.76 1.18
CA VAL A 86 -13.19 6.89 0.89
C VAL A 86 -13.94 7.46 2.09
N THR A 87 -13.20 7.82 3.12
CA THR A 87 -13.78 8.33 4.36
C THR A 87 -14.31 9.75 4.13
N GLY A 88 -13.64 10.48 3.27
CA GLY A 88 -14.09 11.80 2.93
C GLY A 88 -14.75 11.80 1.59
N GLY A 89 -14.98 10.60 1.06
CA GLY A 89 -15.54 10.45 -0.26
C GLY A 89 -14.64 11.04 -1.30
N ASN A 90 -13.36 10.84 -1.13
CA ASN A 90 -12.37 11.42 -2.00
C ASN A 90 -12.03 10.51 -3.14
N GLU A 91 -12.20 11.01 -4.32
CA GLU A 91 -11.83 10.31 -5.54
C GLU A 91 -11.70 11.30 -6.68
N ASP A 92 -11.67 12.57 -6.32
CA ASP A 92 -11.51 13.66 -7.27
C ASP A 92 -10.06 14.08 -7.27
N MET A 3 14.28 -12.93 9.83
CA MET A 3 14.59 -12.90 8.41
C MET A 3 14.28 -11.53 7.86
N THR A 4 15.28 -10.77 7.53
CA THR A 4 15.06 -9.47 7.02
C THR A 4 15.13 -9.43 5.49
N GLU A 5 14.02 -9.10 4.89
CA GLU A 5 13.93 -8.87 3.48
C GLU A 5 13.11 -7.63 3.30
N VAL A 6 13.56 -6.74 2.49
CA VAL A 6 12.93 -5.45 2.32
C VAL A 6 12.76 -5.11 0.85
N TYR A 7 11.65 -4.53 0.52
CA TYR A 7 11.34 -4.15 -0.82
C TYR A 7 10.97 -2.68 -0.87
N ASP A 8 11.43 -2.02 -1.90
CA ASP A 8 11.12 -0.61 -2.10
C ASP A 8 9.85 -0.48 -2.88
N LEU A 9 9.02 0.37 -2.43
CA LEU A 9 7.76 0.64 -3.02
C LEU A 9 7.66 2.05 -3.46
N GLU A 10 6.80 2.28 -4.38
CA GLU A 10 6.49 3.59 -4.82
C GLU A 10 5.10 3.85 -4.30
N ILE A 11 5.00 4.76 -3.41
CA ILE A 11 3.76 5.00 -2.71
C ILE A 11 3.00 6.15 -3.31
N THR A 12 1.77 5.90 -3.61
CA THR A 12 0.83 6.85 -4.09
C THR A 12 -0.36 6.91 -3.20
N THR A 13 -1.05 7.97 -3.28
CA THR A 13 -2.20 8.20 -2.44
C THR A 13 -3.12 9.16 -3.19
N ASN A 14 -4.30 9.32 -2.72
CA ASN A 14 -5.23 10.26 -3.29
C ASN A 14 -5.00 11.63 -2.68
N ALA A 15 -4.38 11.64 -1.52
CA ALA A 15 -4.03 12.87 -0.84
C ALA A 15 -2.79 13.50 -1.47
N THR A 16 -1.85 12.67 -1.89
CA THR A 16 -0.65 13.14 -2.51
C THR A 16 -0.58 12.66 -3.95
N ASP A 17 -0.39 13.58 -4.87
CA ASP A 17 -0.33 13.25 -6.29
C ASP A 17 1.04 12.71 -6.66
N PHE A 18 2.03 13.14 -5.92
CA PHE A 18 3.39 12.78 -6.18
C PHE A 18 3.78 11.51 -5.41
N PRO A 19 4.10 10.42 -6.14
CA PRO A 19 4.51 9.16 -5.52
C PRO A 19 5.91 9.26 -4.91
N MET A 20 6.12 8.56 -3.81
CA MET A 20 7.39 8.59 -3.09
C MET A 20 7.90 7.17 -2.91
N GLU A 21 9.20 6.96 -3.05
CA GLU A 21 9.77 5.63 -2.84
C GLU A 21 10.01 5.38 -1.36
N LYS A 22 9.52 4.28 -0.88
CA LYS A 22 9.66 3.90 0.48
C LYS A 22 10.06 2.46 0.63
N LYS A 23 10.72 2.18 1.70
CA LYS A 23 11.24 0.84 1.98
C LYS A 23 10.30 0.13 2.96
N TYR A 24 9.91 -1.08 2.65
CA TYR A 24 9.09 -1.90 3.53
C TYR A 24 9.62 -3.31 3.64
N PRO A 25 9.47 -3.98 4.81
CA PRO A 25 9.91 -5.36 4.99
C PRO A 25 8.95 -6.32 4.32
N ALA A 26 9.49 -7.25 3.57
CA ALA A 26 8.67 -8.21 2.83
C ALA A 26 7.95 -9.18 3.77
N GLY A 27 8.55 -9.42 4.89
CA GLY A 27 7.99 -10.35 5.84
C GLY A 27 6.95 -9.73 6.74
N MET A 28 6.75 -8.44 6.59
CA MET A 28 5.80 -7.72 7.41
C MET A 28 4.39 -7.93 6.85
N SER A 29 3.39 -7.56 7.61
CA SER A 29 2.03 -7.67 7.20
C SER A 29 1.56 -6.37 6.56
N LEU A 30 0.60 -6.49 5.67
CA LEU A 30 -0.02 -5.33 5.05
C LEU A 30 -0.78 -4.58 6.14
N ASN A 31 -1.22 -5.32 7.14
CA ASN A 31 -1.91 -4.76 8.31
C ASN A 31 -1.09 -3.67 8.98
N ASP A 32 0.19 -3.97 9.19
CA ASP A 32 1.10 -3.04 9.85
C ASP A 32 1.37 -1.85 8.94
N LEU A 33 1.53 -2.14 7.67
CA LEU A 33 1.81 -1.11 6.65
C LEU A 33 0.62 -0.16 6.62
N LYS A 34 -0.57 -0.74 6.65
CA LYS A 34 -1.82 -0.01 6.72
C LYS A 34 -1.86 0.89 7.92
N LYS A 35 -1.61 0.34 9.08
CA LYS A 35 -1.67 1.08 10.31
C LYS A 35 -0.64 2.22 10.31
N LYS A 36 0.47 2.01 9.64
CA LYS A 36 1.47 3.00 9.46
C LYS A 36 1.01 4.09 8.48
N LEU A 37 0.23 3.67 7.49
CA LEU A 37 -0.39 4.58 6.55
C LEU A 37 -1.53 5.33 7.24
N GLU A 38 -2.21 4.66 8.13
CA GLU A 38 -3.26 5.23 8.93
C GLU A 38 -2.73 6.33 9.81
N LEU A 39 -1.50 6.20 10.23
CA LEU A 39 -0.84 7.23 11.01
C LEU A 39 -0.60 8.47 10.14
N VAL A 40 -0.43 8.25 8.86
CA VAL A 40 -0.20 9.32 7.91
C VAL A 40 -1.52 9.95 7.46
N VAL A 41 -2.51 9.12 7.19
CA VAL A 41 -3.81 9.60 6.72
C VAL A 41 -4.72 10.02 7.86
N GLY A 42 -4.52 9.43 9.01
CA GLY A 42 -5.32 9.74 10.16
C GLY A 42 -6.71 9.15 10.06
N THR A 43 -6.88 8.18 9.18
CA THR A 43 -8.19 7.59 9.01
C THR A 43 -8.27 6.25 9.74
N THR A 44 -9.24 5.47 9.38
CA THR A 44 -9.41 4.16 9.95
C THR A 44 -9.34 3.13 8.81
N VAL A 45 -8.95 1.94 9.17
CA VAL A 45 -8.57 0.89 8.23
C VAL A 45 -9.68 0.50 7.25
N ASP A 46 -10.90 0.38 7.74
CA ASP A 46 -12.03 -0.07 6.92
C ASP A 46 -12.31 0.87 5.72
N SER A 47 -12.27 2.16 5.97
CA SER A 47 -12.62 3.16 4.98
C SER A 47 -11.47 3.48 4.04
N MET A 48 -10.37 2.85 4.23
CA MET A 48 -9.19 3.17 3.49
C MET A 48 -8.64 1.92 2.78
N ARG A 49 -8.66 1.96 1.46
CA ARG A 49 -8.27 0.81 0.65
C ARG A 49 -6.91 0.94 -0.03
N ILE A 50 -6.22 -0.18 -0.11
CA ILE A 50 -4.89 -0.25 -0.70
C ILE A 50 -4.94 -0.92 -2.07
N GLN A 51 -4.43 -0.24 -3.08
CA GLN A 51 -4.38 -0.76 -4.43
C GLN A 51 -2.94 -1.03 -4.88
N LEU A 52 -2.75 -2.07 -5.65
CA LEU A 52 -1.41 -2.43 -6.14
C LEU A 52 -1.33 -2.22 -7.66
N PHE A 53 -0.41 -1.39 -8.07
CA PHE A 53 -0.16 -1.11 -9.47
C PHE A 53 1.28 -1.51 -9.81
N ASP A 54 1.44 -2.40 -10.78
CA ASP A 54 2.77 -2.81 -11.30
C ASP A 54 2.54 -3.95 -12.25
N GLY A 55 3.59 -4.67 -12.59
CA GLY A 55 3.56 -5.75 -13.56
C GLY A 55 3.46 -5.18 -14.94
N ASP A 56 2.39 -4.53 -15.15
CA ASP A 56 2.10 -3.81 -16.35
C ASP A 56 2.52 -2.39 -16.09
N ASP A 57 1.77 -1.78 -15.17
CA ASP A 57 1.90 -0.40 -14.75
C ASP A 57 0.63 -0.06 -14.03
N GLN A 58 -0.44 -0.58 -14.58
CA GLN A 58 -1.78 -0.39 -14.11
C GLN A 58 -2.09 -1.31 -12.92
N LEU A 59 -3.31 -1.22 -12.43
CA LEU A 59 -3.77 -1.98 -11.28
C LEU A 59 -3.76 -3.48 -11.55
N LYS A 60 -3.29 -4.24 -10.58
CA LYS A 60 -3.36 -5.68 -10.66
C LYS A 60 -4.56 -6.16 -9.85
N GLY A 61 -4.71 -5.58 -8.68
CA GLY A 61 -5.80 -5.93 -7.84
C GLY A 61 -5.82 -5.16 -6.55
N GLU A 62 -6.82 -5.40 -5.76
CA GLU A 62 -6.98 -4.76 -4.49
C GLU A 62 -6.55 -5.74 -3.42
N LEU A 63 -5.59 -5.35 -2.62
CA LEU A 63 -5.11 -6.23 -1.60
C LEU A 63 -5.78 -6.01 -0.27
N THR A 64 -5.03 -5.49 0.65
CA THR A 64 -5.44 -5.05 2.00
C THR A 64 -5.59 -6.24 2.97
N ASP A 65 -5.20 -7.43 2.50
CA ASP A 65 -5.25 -8.69 3.28
C ASP A 65 -4.51 -8.54 4.60
N GLY A 66 -3.20 -8.52 4.52
CA GLY A 66 -2.35 -8.27 5.69
C GLY A 66 -2.19 -9.42 6.65
N ALA A 67 -3.13 -10.35 6.68
CA ALA A 67 -3.04 -11.50 7.59
C ALA A 67 -2.04 -12.54 7.06
N LYS A 68 -1.31 -12.13 6.07
CA LYS A 68 -0.29 -12.86 5.40
C LYS A 68 0.76 -11.82 4.98
N SER A 69 1.97 -12.25 4.66
CA SER A 69 3.05 -11.31 4.50
C SER A 69 2.93 -10.58 3.21
N LEU A 70 3.61 -9.51 3.13
CA LEU A 70 3.69 -8.72 1.94
C LEU A 70 4.40 -9.49 0.85
N LYS A 71 5.30 -10.35 1.29
CA LYS A 71 6.08 -11.15 0.38
C LYS A 71 5.19 -12.26 -0.10
N ASP A 72 4.43 -12.80 0.83
CA ASP A 72 3.48 -13.87 0.59
C ASP A 72 2.36 -13.40 -0.34
N LEU A 73 2.04 -12.13 -0.23
CA LEU A 73 1.05 -11.46 -1.09
C LEU A 73 1.59 -11.21 -2.49
N GLY A 74 2.88 -11.35 -2.67
CA GLY A 74 3.47 -11.14 -3.97
C GLY A 74 3.72 -9.68 -4.24
N VAL A 75 3.82 -8.90 -3.20
CA VAL A 75 4.09 -7.49 -3.33
C VAL A 75 5.60 -7.33 -3.27
N ARG A 76 6.20 -7.11 -4.41
CA ARG A 76 7.63 -7.00 -4.48
C ARG A 76 8.10 -5.59 -4.62
N ASP A 77 9.40 -5.46 -4.70
CA ASP A 77 10.08 -4.21 -4.86
C ASP A 77 9.86 -3.65 -6.22
N GLY A 78 9.80 -2.37 -6.29
CA GLY A 78 9.59 -1.67 -7.55
C GLY A 78 8.11 -1.50 -7.90
N TYR A 79 7.25 -2.14 -7.14
CA TYR A 79 5.80 -2.06 -7.34
C TYR A 79 5.28 -0.78 -6.71
N ARG A 80 4.14 -0.29 -7.15
CA ARG A 80 3.63 0.92 -6.58
C ARG A 80 2.32 0.67 -5.86
N ILE A 81 2.26 1.14 -4.66
CA ILE A 81 1.11 0.96 -3.81
C ILE A 81 0.33 2.25 -3.75
N HIS A 82 -0.91 2.17 -4.14
CA HIS A 82 -1.78 3.28 -4.11
C HIS A 82 -2.68 3.20 -2.92
N ALA A 83 -2.57 4.16 -2.08
CA ALA A 83 -3.35 4.26 -0.91
C ALA A 83 -4.48 5.23 -1.16
N VAL A 84 -5.67 4.90 -0.72
CA VAL A 84 -6.78 5.78 -0.90
C VAL A 84 -7.74 5.69 0.27
N ASP A 85 -8.13 6.83 0.80
CA ASP A 85 -9.16 6.84 1.80
C ASP A 85 -10.41 7.26 1.15
N VAL A 86 -11.46 6.66 1.52
CA VAL A 86 -12.68 6.87 0.84
C VAL A 86 -13.61 7.81 1.61
N THR A 87 -13.51 7.87 2.92
CA THR A 87 -14.46 8.68 3.65
C THR A 87 -13.97 10.11 3.90
N GLY A 88 -12.71 10.25 4.11
CA GLY A 88 -12.11 11.55 4.27
C GLY A 88 -11.27 11.85 3.10
N GLY A 89 -11.20 10.87 2.23
CA GLY A 89 -10.38 10.97 1.08
C GLY A 89 -11.14 11.47 -0.09
N ASN A 90 -10.51 12.30 -0.86
CA ASN A 90 -11.12 12.87 -2.02
C ASN A 90 -10.70 12.15 -3.30
N GLU A 91 -11.62 12.07 -4.21
CA GLU A 91 -11.40 11.69 -5.61
C GLU A 91 -12.16 12.70 -6.45
N ASP A 92 -12.45 13.78 -5.76
CA ASP A 92 -13.16 14.92 -6.25
C ASP A 92 -12.17 15.83 -6.94
N MET A 3 16.79 -14.62 5.48
CA MET A 3 17.22 -13.46 4.72
C MET A 3 16.29 -12.32 5.04
N THR A 4 16.81 -11.21 5.51
CA THR A 4 15.97 -10.08 5.72
C THR A 4 15.71 -9.42 4.37
N GLU A 5 14.50 -9.46 3.94
CA GLU A 5 14.15 -9.00 2.64
C GLU A 5 13.21 -7.85 2.73
N VAL A 6 13.49 -6.84 1.97
CA VAL A 6 12.75 -5.63 1.98
C VAL A 6 12.28 -5.28 0.58
N TYR A 7 11.27 -4.50 0.53
CA TYR A 7 10.72 -4.00 -0.70
C TYR A 7 10.94 -2.51 -0.80
N ASP A 8 11.23 -2.06 -1.98
CA ASP A 8 11.30 -0.65 -2.26
C ASP A 8 10.03 -0.35 -3.02
N LEU A 9 9.18 0.43 -2.46
CA LEU A 9 7.90 0.73 -3.04
C LEU A 9 7.75 2.19 -3.31
N GLU A 10 6.96 2.50 -4.28
CA GLU A 10 6.58 3.85 -4.56
C GLU A 10 5.11 3.96 -4.23
N ILE A 11 4.80 4.85 -3.35
CA ILE A 11 3.47 4.98 -2.83
C ILE A 11 2.76 6.12 -3.52
N THR A 12 1.54 5.87 -3.88
CA THR A 12 0.67 6.85 -4.45
C THR A 12 -0.57 6.91 -3.63
N THR A 13 -1.27 7.99 -3.74
CA THR A 13 -2.48 8.17 -3.04
C THR A 13 -3.29 9.10 -3.92
N ASN A 14 -4.52 9.19 -3.65
CA ASN A 14 -5.43 10.05 -4.38
C ASN A 14 -5.29 11.47 -3.86
N ALA A 15 -4.87 11.58 -2.61
CA ALA A 15 -4.69 12.84 -1.95
C ALA A 15 -3.31 13.42 -2.21
N THR A 16 -2.35 12.57 -2.50
CA THR A 16 -1.01 13.03 -2.74
C THR A 16 -0.73 13.08 -4.23
N ASP A 17 -0.09 14.13 -4.67
CA ASP A 17 0.29 14.25 -6.06
C ASP A 17 1.69 13.73 -6.22
N PHE A 18 2.49 13.99 -5.20
CA PHE A 18 3.87 13.60 -5.17
C PHE A 18 3.99 12.18 -4.59
N PRO A 19 4.47 11.22 -5.39
CA PRO A 19 4.68 9.84 -4.93
C PRO A 19 5.80 9.75 -3.90
N MET A 20 5.67 8.82 -3.00
CA MET A 20 6.64 8.66 -1.92
C MET A 20 7.34 7.34 -2.09
N GLU A 21 8.51 7.20 -1.57
CA GLU A 21 9.20 5.94 -1.65
C GLU A 21 9.36 5.34 -0.28
N LYS A 22 8.99 4.09 -0.15
CA LYS A 22 9.04 3.43 1.09
C LYS A 22 9.79 2.12 0.96
N LYS A 23 10.72 1.90 1.84
CA LYS A 23 11.47 0.69 1.91
C LYS A 23 11.14 0.00 3.24
N TYR A 24 10.54 -1.17 3.17
CA TYR A 24 10.16 -1.93 4.37
C TYR A 24 10.28 -3.43 4.08
N PRO A 25 10.42 -4.28 5.11
CA PRO A 25 10.49 -5.75 4.97
C PRO A 25 9.31 -6.35 4.21
N ALA A 26 9.61 -7.27 3.28
CA ALA A 26 8.56 -7.94 2.50
C ALA A 26 7.84 -9.00 3.33
N GLY A 27 8.45 -9.37 4.41
CA GLY A 27 7.87 -10.35 5.30
C GLY A 27 6.86 -9.72 6.25
N MET A 28 6.79 -8.40 6.25
CA MET A 28 5.84 -7.68 7.10
C MET A 28 4.41 -7.83 6.54
N SER A 29 3.43 -7.65 7.38
CA SER A 29 2.03 -7.80 7.02
C SER A 29 1.46 -6.54 6.39
N LEU A 30 0.43 -6.75 5.58
CA LEU A 30 -0.32 -5.67 4.96
C LEU A 30 -0.98 -4.80 6.02
N ASN A 31 -1.36 -5.44 7.09
CA ASN A 31 -2.01 -4.75 8.21
C ASN A 31 -1.11 -3.74 8.86
N ASP A 32 0.18 -4.01 8.83
CA ASP A 32 1.16 -3.09 9.42
C ASP A 32 1.35 -1.90 8.52
N LEU A 33 1.27 -2.15 7.22
CA LEU A 33 1.50 -1.13 6.21
C LEU A 33 0.33 -0.16 6.30
N LYS A 34 -0.88 -0.70 6.43
CA LYS A 34 -2.04 0.10 6.62
C LYS A 34 -1.95 0.89 7.89
N LYS A 35 -1.45 0.27 8.94
CA LYS A 35 -1.33 0.90 10.23
C LYS A 35 -0.34 2.08 10.16
N LYS A 36 0.69 1.93 9.35
CA LYS A 36 1.64 2.95 9.11
C LYS A 36 1.04 4.06 8.23
N LEU A 37 0.31 3.66 7.22
CA LEU A 37 -0.37 4.60 6.36
C LEU A 37 -1.58 5.23 7.06
N GLU A 38 -2.13 4.51 8.00
CA GLU A 38 -3.22 4.97 8.86
C GLU A 38 -2.75 6.23 9.58
N LEU A 39 -1.50 6.20 9.95
CA LEU A 39 -0.84 7.29 10.64
C LEU A 39 -0.53 8.45 9.67
N VAL A 40 -0.27 8.12 8.42
CA VAL A 40 0.10 9.14 7.43
C VAL A 40 -1.14 9.79 6.81
N VAL A 41 -2.13 9.00 6.51
CA VAL A 41 -3.31 9.51 5.85
C VAL A 41 -4.37 9.93 6.86
N GLY A 42 -4.36 9.33 8.03
CA GLY A 42 -5.33 9.69 9.05
C GLY A 42 -6.59 8.85 8.94
N THR A 43 -6.69 8.08 7.89
CA THR A 43 -7.80 7.21 7.66
C THR A 43 -7.74 6.00 8.56
N THR A 44 -8.87 5.47 8.90
CA THR A 44 -8.94 4.27 9.68
C THR A 44 -8.80 3.04 8.77
N VAL A 45 -8.82 1.85 9.34
CA VAL A 45 -8.55 0.60 8.60
C VAL A 45 -9.50 0.35 7.42
N ASP A 46 -10.80 0.48 7.64
CA ASP A 46 -11.76 0.18 6.56
C ASP A 46 -11.92 1.37 5.64
N SER A 47 -11.68 2.55 6.16
CA SER A 47 -11.76 3.75 5.41
C SER A 47 -10.49 3.96 4.58
N MET A 48 -9.61 3.02 4.66
CA MET A 48 -8.42 3.01 3.84
C MET A 48 -8.42 1.79 2.93
N ARG A 49 -8.50 2.00 1.66
CA ARG A 49 -8.32 0.91 0.75
C ARG A 49 -6.96 0.91 0.14
N ILE A 50 -6.41 -0.25 -0.01
CA ILE A 50 -5.07 -0.40 -0.44
C ILE A 50 -5.00 -1.10 -1.81
N GLN A 51 -4.46 -0.42 -2.80
CA GLN A 51 -4.31 -0.99 -4.11
C GLN A 51 -2.86 -1.22 -4.44
N LEU A 52 -2.59 -2.32 -5.07
CA LEU A 52 -1.24 -2.61 -5.53
C LEU A 52 -1.14 -2.51 -7.05
N PHE A 53 -0.12 -1.82 -7.53
CA PHE A 53 0.17 -1.75 -8.94
C PHE A 53 1.33 -2.69 -9.23
N ASP A 54 1.17 -3.52 -10.22
CA ASP A 54 2.23 -4.42 -10.61
C ASP A 54 3.07 -3.77 -11.61
N GLY A 55 4.29 -4.12 -11.56
CA GLY A 55 5.42 -3.59 -12.36
C GLY A 55 5.46 -2.07 -12.50
N ASP A 56 4.49 -1.59 -13.18
CA ASP A 56 4.31 -0.20 -13.57
C ASP A 56 2.87 0.03 -14.00
N ASP A 57 2.21 0.97 -13.34
CA ASP A 57 0.84 1.45 -13.67
C ASP A 57 -0.31 0.45 -13.45
N GLN A 58 -0.18 -0.74 -13.99
CA GLN A 58 -1.26 -1.74 -13.94
C GLN A 58 -1.74 -2.07 -12.55
N LEU A 59 -2.98 -1.80 -12.37
CA LEU A 59 -3.66 -1.99 -11.11
C LEU A 59 -4.10 -3.44 -11.00
N LYS A 60 -3.65 -4.11 -9.95
CA LYS A 60 -3.99 -5.50 -9.72
C LYS A 60 -5.30 -5.58 -8.95
N GLY A 61 -5.41 -4.76 -7.96
CA GLY A 61 -6.60 -4.72 -7.16
C GLY A 61 -6.29 -4.27 -5.79
N GLU A 62 -7.07 -4.73 -4.84
CA GLU A 62 -6.84 -4.39 -3.48
C GLU A 62 -6.12 -5.50 -2.83
N LEU A 63 -5.30 -5.16 -1.90
CA LEU A 63 -4.61 -6.16 -1.14
C LEU A 63 -5.54 -6.71 -0.08
N THR A 64 -5.59 -6.02 0.98
CA THR A 64 -6.59 -6.19 2.02
C THR A 64 -6.31 -7.40 3.00
N ASP A 65 -5.25 -8.18 2.74
CA ASP A 65 -4.93 -9.32 3.62
C ASP A 65 -3.67 -9.11 4.37
N GLY A 66 -3.75 -8.97 5.64
CA GLY A 66 -2.57 -8.83 6.45
C GLY A 66 -2.27 -10.09 7.19
N ALA A 67 -3.06 -11.13 6.93
CA ALA A 67 -2.86 -12.44 7.53
C ALA A 67 -1.67 -13.14 6.88
N LYS A 68 -1.15 -12.53 5.86
CA LYS A 68 0.00 -13.00 5.15
C LYS A 68 0.96 -11.83 5.00
N SER A 69 2.08 -12.05 4.37
CA SER A 69 3.00 -11.03 4.21
C SER A 69 2.74 -10.29 2.94
N LEU A 70 3.36 -9.17 2.85
CA LEU A 70 3.29 -8.34 1.70
C LEU A 70 3.95 -9.02 0.52
N LYS A 71 4.93 -9.85 0.80
CA LYS A 71 5.64 -10.59 -0.23
C LYS A 71 4.70 -11.56 -0.92
N ASP A 72 3.85 -12.21 -0.15
CA ASP A 72 2.91 -13.20 -0.68
C ASP A 72 1.83 -12.51 -1.47
N LEU A 73 1.54 -11.30 -1.06
CA LEU A 73 0.57 -10.44 -1.74
C LEU A 73 1.12 -9.90 -3.05
N GLY A 74 2.40 -10.07 -3.26
CA GLY A 74 3.00 -9.60 -4.48
C GLY A 74 3.59 -8.23 -4.33
N VAL A 75 3.53 -7.71 -3.13
CA VAL A 75 4.08 -6.42 -2.84
C VAL A 75 5.57 -6.61 -2.60
N ARG A 76 6.31 -6.45 -3.64
CA ARG A 76 7.73 -6.69 -3.61
C ARG A 76 8.40 -5.47 -4.16
N ASP A 77 9.72 -5.49 -4.28
CA ASP A 77 10.40 -4.31 -4.78
C ASP A 77 10.09 -4.08 -6.23
N GLY A 78 9.98 -2.84 -6.56
CA GLY A 78 9.61 -2.45 -7.91
C GLY A 78 8.13 -2.19 -8.05
N TYR A 79 7.39 -2.61 -7.06
CA TYR A 79 5.95 -2.45 -7.03
C TYR A 79 5.55 -1.11 -6.51
N ARG A 80 4.37 -0.69 -6.89
CA ARG A 80 3.87 0.58 -6.46
C ARG A 80 2.57 0.39 -5.70
N ILE A 81 2.47 1.03 -4.60
CA ILE A 81 1.31 0.93 -3.74
C ILE A 81 0.44 2.16 -3.91
N HIS A 82 -0.83 1.97 -3.99
CA HIS A 82 -1.76 3.03 -4.09
C HIS A 82 -2.67 3.04 -2.88
N ALA A 83 -2.66 4.11 -2.15
CA ALA A 83 -3.54 4.26 -1.02
C ALA A 83 -4.67 5.18 -1.42
N VAL A 84 -5.82 4.98 -0.88
CA VAL A 84 -6.94 5.80 -1.18
C VAL A 84 -7.85 5.88 0.04
N ASP A 85 -8.37 7.05 0.29
CA ASP A 85 -9.24 7.25 1.37
C ASP A 85 -10.65 6.89 0.92
N VAL A 86 -11.37 6.28 1.78
CA VAL A 86 -12.75 5.93 1.51
C VAL A 86 -13.63 6.79 2.42
N THR A 87 -13.00 7.70 3.13
CA THR A 87 -13.69 8.51 4.12
C THR A 87 -14.42 9.69 3.47
N GLY A 88 -13.86 10.18 2.38
CA GLY A 88 -14.51 11.26 1.67
C GLY A 88 -15.34 10.76 0.53
N GLY A 89 -15.29 9.44 0.32
CA GLY A 89 -15.99 8.84 -0.79
C GLY A 89 -15.29 9.15 -2.10
N ASN A 90 -14.02 9.49 -2.00
CA ASN A 90 -13.22 9.84 -3.15
C ASN A 90 -12.79 8.59 -3.87
N GLU A 91 -12.82 8.65 -5.20
CA GLU A 91 -12.38 7.57 -6.10
C GLU A 91 -13.28 6.32 -5.98
N ASP A 92 -14.43 6.48 -5.38
CA ASP A 92 -15.32 5.36 -5.15
C ASP A 92 -16.63 5.53 -5.88
N MET A 3 19.90 -12.60 3.95
CA MET A 3 18.48 -12.95 3.86
C MET A 3 17.68 -11.67 3.74
N THR A 4 17.48 -11.22 2.53
CA THR A 4 16.83 -9.98 2.30
C THR A 4 15.35 -10.13 1.94
N GLU A 5 14.52 -9.55 2.75
CA GLU A 5 13.11 -9.45 2.49
C GLU A 5 12.64 -8.06 2.70
N VAL A 6 13.04 -7.22 1.82
CA VAL A 6 12.71 -5.83 1.87
C VAL A 6 12.22 -5.36 0.54
N TYR A 7 11.29 -4.46 0.57
CA TYR A 7 10.76 -3.86 -0.63
C TYR A 7 10.85 -2.35 -0.60
N ASP A 8 11.19 -1.77 -1.71
CA ASP A 8 11.06 -0.33 -1.89
C ASP A 8 9.86 -0.10 -2.73
N LEU A 9 8.91 0.53 -2.18
CA LEU A 9 7.67 0.79 -2.84
C LEU A 9 7.52 2.23 -3.15
N GLU A 10 6.73 2.49 -4.14
CA GLU A 10 6.33 3.82 -4.42
C GLU A 10 4.88 3.89 -4.05
N ILE A 11 4.61 4.66 -3.07
CA ILE A 11 3.29 4.76 -2.52
C ILE A 11 2.62 5.97 -3.09
N THR A 12 1.38 5.83 -3.41
CA THR A 12 0.59 6.94 -3.83
C THR A 12 -0.74 6.80 -3.11
N THR A 13 -1.45 7.85 -3.04
CA THR A 13 -2.67 7.92 -2.27
C THR A 13 -3.50 9.00 -2.92
N ASN A 14 -4.72 9.06 -2.57
CA ASN A 14 -5.60 10.06 -3.10
C ASN A 14 -5.41 11.36 -2.33
N ALA A 15 -4.94 11.22 -1.11
CA ALA A 15 -4.69 12.36 -0.27
C ALA A 15 -3.26 12.89 -0.44
N THR A 16 -2.52 12.26 -1.32
CA THR A 16 -1.16 12.69 -1.62
C THR A 16 -1.10 13.10 -3.08
N ASP A 17 -0.36 14.13 -3.36
CA ASP A 17 -0.21 14.59 -4.73
C ASP A 17 0.94 13.88 -5.36
N PHE A 18 2.03 13.84 -4.64
CA PHE A 18 3.24 13.25 -5.12
C PHE A 18 3.48 11.90 -4.48
N PRO A 19 3.94 10.90 -5.26
CA PRO A 19 4.26 9.58 -4.74
C PRO A 19 5.39 9.63 -3.70
N MET A 20 5.34 8.72 -2.76
CA MET A 20 6.30 8.65 -1.68
C MET A 20 6.95 7.28 -1.67
N GLU A 21 8.24 7.23 -1.71
CA GLU A 21 8.94 5.95 -1.72
C GLU A 21 9.48 5.65 -0.35
N LYS A 22 9.22 4.46 0.13
CA LYS A 22 9.62 4.08 1.46
C LYS A 22 9.81 2.56 1.48
N LYS A 23 10.81 2.10 2.21
CA LYS A 23 11.15 0.68 2.24
C LYS A 23 10.71 0.00 3.52
N TYR A 24 10.14 -1.18 3.40
CA TYR A 24 9.69 -1.96 4.55
C TYR A 24 9.99 -3.45 4.28
N PRO A 25 9.92 -4.31 5.32
CA PRO A 25 10.17 -5.75 5.16
C PRO A 25 8.99 -6.47 4.48
N ALA A 26 9.29 -7.45 3.65
CA ALA A 26 8.26 -8.26 2.97
C ALA A 26 7.59 -9.26 3.91
N GLY A 27 8.16 -9.43 5.09
CA GLY A 27 7.57 -10.31 6.09
C GLY A 27 6.45 -9.64 6.84
N MET A 28 6.41 -8.34 6.69
CA MET A 28 5.40 -7.47 7.28
C MET A 28 4.03 -7.73 6.64
N SER A 29 2.98 -7.41 7.35
CA SER A 29 1.63 -7.59 6.85
C SER A 29 1.17 -6.36 6.12
N LEU A 30 0.25 -6.57 5.18
CA LEU A 30 -0.35 -5.47 4.45
C LEU A 30 -1.08 -4.56 5.42
N ASN A 31 -1.65 -5.17 6.42
CA ASN A 31 -2.44 -4.42 7.42
C ASN A 31 -1.58 -3.48 8.25
N ASP A 32 -0.35 -3.89 8.54
CA ASP A 32 0.55 -3.05 9.31
C ASP A 32 1.06 -1.94 8.42
N LEU A 33 1.19 -2.26 7.14
CA LEU A 33 1.62 -1.28 6.13
C LEU A 33 0.57 -0.23 6.04
N LYS A 34 -0.67 -0.66 6.05
CA LYS A 34 -1.80 0.27 6.07
C LYS A 34 -1.68 1.18 7.25
N LYS A 35 -1.44 0.61 8.43
CA LYS A 35 -1.29 1.37 9.62
C LYS A 35 -0.14 2.38 9.53
N LYS A 36 0.94 2.00 8.87
CA LYS A 36 2.04 2.82 8.61
C LYS A 36 1.64 3.94 7.62
N LEU A 37 0.87 3.58 6.62
CA LEU A 37 0.34 4.51 5.63
C LEU A 37 -0.65 5.45 6.27
N GLU A 38 -1.46 4.90 7.14
CA GLU A 38 -2.45 5.61 7.90
C GLU A 38 -1.84 6.66 8.78
N LEU A 39 -0.64 6.42 9.22
CA LEU A 39 0.11 7.39 10.01
C LEU A 39 0.47 8.60 9.13
N VAL A 40 0.55 8.38 7.84
CA VAL A 40 0.84 9.43 6.88
C VAL A 40 -0.47 10.08 6.38
N VAL A 41 -1.46 9.24 6.12
CA VAL A 41 -2.74 9.73 5.57
C VAL A 41 -3.67 10.30 6.64
N GLY A 42 -3.54 9.81 7.86
CA GLY A 42 -4.35 10.31 8.95
C GLY A 42 -5.69 9.59 9.06
N THR A 43 -5.92 8.66 8.18
CA THR A 43 -7.16 7.91 8.14
C THR A 43 -7.08 6.72 9.15
N THR A 44 -8.16 5.95 9.27
CA THR A 44 -8.16 4.77 10.07
C THR A 44 -8.26 3.55 9.11
N VAL A 45 -7.81 2.42 9.58
CA VAL A 45 -7.49 1.24 8.72
C VAL A 45 -8.68 0.70 7.88
N ASP A 46 -9.86 0.65 8.45
CA ASP A 46 -10.99 0.10 7.76
C ASP A 46 -11.50 1.04 6.67
N SER A 47 -11.12 2.30 6.77
CA SER A 47 -11.54 3.31 5.86
C SER A 47 -10.56 3.44 4.70
N MET A 48 -9.47 2.74 4.80
CA MET A 48 -8.42 2.79 3.80
C MET A 48 -8.47 1.58 2.88
N ARG A 49 -8.54 1.84 1.61
CA ARG A 49 -8.59 0.81 0.58
C ARG A 49 -7.25 0.82 -0.16
N ILE A 50 -6.74 -0.36 -0.51
CA ILE A 50 -5.39 -0.45 -1.09
C ILE A 50 -5.41 -1.14 -2.46
N GLN A 51 -4.82 -0.51 -3.46
CA GLN A 51 -4.66 -1.08 -4.78
C GLN A 51 -3.18 -1.34 -5.08
N LEU A 52 -2.89 -2.43 -5.76
CA LEU A 52 -1.52 -2.76 -6.10
C LEU A 52 -1.33 -2.61 -7.59
N PHE A 53 -0.53 -1.66 -7.97
CA PHE A 53 -0.20 -1.44 -9.34
C PHE A 53 1.22 -1.88 -9.58
N ASP A 54 1.49 -2.29 -10.78
CA ASP A 54 2.79 -2.76 -11.15
C ASP A 54 3.72 -1.60 -11.43
N GLY A 55 4.94 -1.92 -11.72
CA GLY A 55 5.96 -0.94 -12.01
C GLY A 55 5.70 -0.28 -13.31
N ASP A 56 5.14 -1.03 -14.24
CA ASP A 56 4.77 -0.50 -15.53
C ASP A 56 3.45 0.23 -15.42
N ASP A 57 2.40 -0.53 -15.16
CA ASP A 57 1.05 -0.04 -15.02
C ASP A 57 0.20 -1.29 -14.78
N GLN A 58 -1.12 -1.18 -14.96
CA GLN A 58 -2.08 -2.21 -14.76
C GLN A 58 -2.24 -2.60 -13.30
N LEU A 59 -3.45 -2.88 -12.96
CA LEU A 59 -3.81 -3.29 -11.63
C LEU A 59 -3.57 -4.78 -11.53
N LYS A 60 -2.76 -5.17 -10.59
CA LYS A 60 -2.47 -6.58 -10.40
C LYS A 60 -3.56 -7.19 -9.56
N GLY A 61 -3.94 -6.48 -8.55
CA GLY A 61 -4.99 -6.89 -7.69
C GLY A 61 -5.27 -5.86 -6.64
N GLU A 62 -6.32 -6.04 -5.91
CA GLU A 62 -6.66 -5.13 -4.88
C GLU A 62 -6.33 -5.79 -3.56
N LEU A 63 -5.60 -5.07 -2.75
CA LEU A 63 -5.11 -5.59 -1.50
C LEU A 63 -6.10 -5.26 -0.39
N THR A 64 -5.56 -5.10 0.84
CA THR A 64 -6.27 -4.85 2.12
C THR A 64 -6.41 -6.16 2.92
N ASP A 65 -5.80 -7.22 2.37
CA ASP A 65 -5.78 -8.56 2.96
C ASP A 65 -5.07 -8.52 4.31
N GLY A 66 -3.73 -8.44 4.25
CA GLY A 66 -2.87 -8.33 5.43
C GLY A 66 -2.95 -9.48 6.42
N ALA A 67 -3.65 -10.54 6.09
CA ALA A 67 -3.71 -11.70 6.97
C ALA A 67 -2.47 -12.56 6.76
N LYS A 68 -1.73 -12.19 5.73
CA LYS A 68 -0.51 -12.85 5.33
C LYS A 68 0.55 -11.79 5.13
N SER A 69 1.73 -12.18 4.68
CA SER A 69 2.75 -11.24 4.49
C SER A 69 2.68 -10.61 3.16
N LEU A 70 3.39 -9.56 3.04
CA LEU A 70 3.50 -8.82 1.83
C LEU A 70 4.27 -9.60 0.79
N LYS A 71 5.11 -10.50 1.27
CA LYS A 71 5.86 -11.37 0.40
C LYS A 71 4.92 -12.30 -0.35
N ASP A 72 3.99 -12.90 0.38
CA ASP A 72 3.03 -13.83 -0.22
C ASP A 72 2.10 -13.10 -1.17
N LEU A 73 1.84 -11.86 -0.83
CA LEU A 73 1.00 -10.99 -1.65
C LEU A 73 1.73 -10.54 -2.92
N GLY A 74 3.02 -10.76 -2.98
CA GLY A 74 3.78 -10.38 -4.15
C GLY A 74 4.18 -8.94 -4.12
N VAL A 75 4.15 -8.36 -2.95
CA VAL A 75 4.52 -6.98 -2.79
C VAL A 75 6.01 -6.89 -2.57
N ARG A 76 6.71 -6.82 -3.66
CA ARG A 76 8.14 -6.69 -3.65
C ARG A 76 8.52 -5.29 -4.04
N ASP A 77 9.79 -5.06 -4.24
CA ASP A 77 10.26 -3.75 -4.61
C ASP A 77 9.90 -3.44 -6.02
N GLY A 78 9.71 -2.19 -6.26
CA GLY A 78 9.38 -1.73 -7.60
C GLY A 78 7.89 -1.63 -7.85
N TYR A 79 7.10 -2.18 -6.96
CA TYR A 79 5.65 -2.11 -7.08
C TYR A 79 5.13 -0.78 -6.58
N ARG A 80 3.98 -0.40 -7.06
CA ARG A 80 3.42 0.87 -6.71
C ARG A 80 2.15 0.61 -5.94
N ILE A 81 2.08 1.09 -4.74
CA ILE A 81 0.93 0.85 -3.91
C ILE A 81 0.09 2.09 -3.82
N HIS A 82 -1.14 1.95 -4.18
CA HIS A 82 -2.07 3.02 -4.14
C HIS A 82 -3.00 2.86 -2.97
N ALA A 83 -3.02 3.83 -2.12
CA ALA A 83 -3.92 3.85 -1.00
C ALA A 83 -5.01 4.87 -1.30
N VAL A 84 -6.21 4.55 -0.95
CA VAL A 84 -7.28 5.48 -1.18
C VAL A 84 -8.24 5.52 0.00
N ASP A 85 -8.54 6.72 0.42
CA ASP A 85 -9.47 6.97 1.50
C ASP A 85 -10.88 6.84 1.01
N VAL A 86 -11.61 5.99 1.66
CA VAL A 86 -12.96 5.70 1.29
C VAL A 86 -13.94 6.53 2.10
N THR A 87 -13.56 6.88 3.32
CA THR A 87 -14.49 7.54 4.21
C THR A 87 -14.50 9.06 3.96
N GLY A 88 -13.37 9.60 3.57
CA GLY A 88 -13.31 11.00 3.22
C GLY A 88 -13.45 11.18 1.73
N GLY A 89 -13.49 10.05 1.04
CA GLY A 89 -13.67 10.01 -0.39
C GLY A 89 -12.56 10.68 -1.17
N ASN A 90 -12.79 10.89 -2.43
CA ASN A 90 -11.84 11.57 -3.28
C ASN A 90 -12.22 13.03 -3.47
N GLU A 91 -11.27 13.89 -3.24
CA GLU A 91 -11.43 15.31 -3.44
C GLU A 91 -10.74 15.76 -4.72
N ASP A 92 -10.32 14.78 -5.48
CA ASP A 92 -9.68 14.99 -6.76
C ASP A 92 -10.67 14.75 -7.85
N MET A 3 18.23 -10.53 8.09
CA MET A 3 17.70 -11.47 7.11
C MET A 3 17.14 -10.67 5.96
N THR A 4 17.82 -10.68 4.85
CA THR A 4 17.50 -9.80 3.80
C THR A 4 16.44 -10.31 2.82
N GLU A 5 15.32 -9.63 2.86
CA GLU A 5 14.19 -9.72 1.94
C GLU A 5 13.41 -8.48 2.07
N VAL A 6 13.62 -7.61 1.16
CA VAL A 6 13.03 -6.30 1.18
C VAL A 6 12.64 -5.86 -0.20
N TYR A 7 11.52 -5.19 -0.27
CA TYR A 7 11.01 -4.67 -1.53
C TYR A 7 10.96 -3.16 -1.51
N ASP A 8 11.49 -2.56 -2.55
CA ASP A 8 11.43 -1.13 -2.75
C ASP A 8 10.10 -0.80 -3.36
N LEU A 9 9.37 -0.01 -2.66
CA LEU A 9 8.03 0.31 -3.02
C LEU A 9 7.83 1.81 -3.13
N GLU A 10 6.89 2.20 -3.95
CA GLU A 10 6.49 3.57 -4.07
C GLU A 10 5.11 3.67 -3.48
N ILE A 11 4.97 4.48 -2.50
CA ILE A 11 3.73 4.63 -1.80
C ILE A 11 3.03 5.86 -2.36
N THR A 12 1.79 5.68 -2.66
CA THR A 12 0.97 6.73 -3.16
C THR A 12 -0.35 6.73 -2.46
N THR A 13 -1.04 7.82 -2.53
CA THR A 13 -2.33 7.95 -1.98
C THR A 13 -3.03 8.96 -2.86
N ASN A 14 -4.28 9.04 -2.72
CA ASN A 14 -5.10 9.91 -3.53
C ASN A 14 -5.16 11.30 -2.90
N ALA A 15 -4.82 11.38 -1.63
CA ALA A 15 -4.84 12.62 -0.90
C ALA A 15 -3.53 13.37 -1.04
N THR A 16 -2.48 12.65 -1.30
CA THR A 16 -1.16 13.20 -1.42
C THR A 16 -0.78 13.38 -2.88
N ASP A 17 0.15 14.28 -3.13
CA ASP A 17 0.68 14.51 -4.49
C ASP A 17 2.12 14.03 -4.59
N PHE A 18 2.66 13.65 -3.46
CA PHE A 18 4.03 13.22 -3.37
C PHE A 18 4.12 11.70 -3.33
N PRO A 19 4.77 11.07 -4.31
CA PRO A 19 5.07 9.64 -4.29
C PRO A 19 6.19 9.40 -3.30
N MET A 20 6.00 8.50 -2.40
CA MET A 20 6.96 8.28 -1.33
C MET A 20 7.57 6.91 -1.47
N GLU A 21 8.86 6.83 -1.60
CA GLU A 21 9.51 5.55 -1.75
C GLU A 21 10.06 5.06 -0.45
N LYS A 22 9.78 3.82 -0.16
CA LYS A 22 10.19 3.16 1.00
C LYS A 22 10.48 1.70 0.71
N LYS A 23 11.41 1.15 1.41
CA LYS A 23 11.84 -0.19 1.22
C LYS A 23 11.41 -1.01 2.45
N TYR A 24 10.55 -1.97 2.23
CA TYR A 24 9.99 -2.76 3.32
C TYR A 24 10.22 -4.23 3.14
N PRO A 25 10.45 -4.95 4.26
CA PRO A 25 10.69 -6.40 4.24
C PRO A 25 9.55 -7.19 3.59
N ALA A 26 9.93 -8.25 2.91
CA ALA A 26 9.00 -9.17 2.25
C ALA A 26 8.02 -9.78 3.23
N GLY A 27 8.49 -9.99 4.42
CA GLY A 27 7.69 -10.60 5.47
C GLY A 27 6.98 -9.58 6.33
N MET A 28 7.01 -8.32 5.94
CA MET A 28 6.34 -7.29 6.70
C MET A 28 4.84 -7.36 6.40
N SER A 29 4.04 -6.86 7.29
CA SER A 29 2.62 -6.93 7.12
C SER A 29 2.12 -5.73 6.37
N LEU A 30 1.09 -5.94 5.59
CA LEU A 30 0.46 -4.86 4.88
C LEU A 30 -0.29 -4.00 5.90
N ASN A 31 -0.72 -4.64 6.97
CA ASN A 31 -1.44 -3.94 8.05
C ASN A 31 -0.60 -2.90 8.74
N ASP A 32 0.70 -3.15 8.84
CA ASP A 32 1.58 -2.17 9.47
C ASP A 32 1.71 -0.97 8.57
N LEU A 33 1.86 -1.25 7.29
CA LEU A 33 2.00 -0.23 6.27
C LEU A 33 0.72 0.60 6.26
N LYS A 34 -0.40 -0.11 6.34
CA LYS A 34 -1.72 0.49 6.49
C LYS A 34 -1.80 1.39 7.68
N LYS A 35 -1.43 0.90 8.84
CA LYS A 35 -1.53 1.66 10.07
C LYS A 35 -0.66 2.91 9.98
N LYS A 36 0.45 2.80 9.29
CA LYS A 36 1.33 3.87 9.05
C LYS A 36 0.71 4.86 8.05
N LEU A 37 -0.06 4.35 7.11
CA LEU A 37 -0.84 5.15 6.18
C LEU A 37 -1.98 5.83 6.92
N GLU A 38 -2.67 5.06 7.75
CA GLU A 38 -3.77 5.52 8.56
C GLU A 38 -3.31 6.64 9.48
N LEU A 39 -2.07 6.57 9.88
CA LEU A 39 -1.45 7.57 10.72
C LEU A 39 -1.31 8.90 9.96
N VAL A 40 -1.03 8.80 8.67
CA VAL A 40 -0.83 9.98 7.84
C VAL A 40 -2.17 10.53 7.35
N VAL A 41 -3.06 9.65 6.95
CA VAL A 41 -4.34 10.09 6.40
C VAL A 41 -5.36 10.34 7.49
N GLY A 42 -5.15 9.75 8.63
CA GLY A 42 -6.06 9.90 9.73
C GLY A 42 -7.27 9.04 9.51
N THR A 43 -7.13 8.06 8.66
CA THR A 43 -8.20 7.19 8.35
C THR A 43 -8.22 5.95 9.21
N THR A 44 -9.17 5.13 8.94
CA THR A 44 -9.31 3.87 9.57
C THR A 44 -9.15 2.79 8.53
N VAL A 45 -8.88 1.57 8.94
CA VAL A 45 -8.53 0.51 8.03
C VAL A 45 -9.59 0.21 6.96
N ASP A 46 -10.82 0.13 7.36
CA ASP A 46 -11.92 -0.13 6.43
C ASP A 46 -12.14 1.04 5.46
N SER A 47 -11.76 2.23 5.90
CA SER A 47 -11.98 3.44 5.14
C SER A 47 -10.85 3.67 4.12
N MET A 48 -9.79 2.97 4.30
CA MET A 48 -8.64 3.12 3.42
C MET A 48 -8.47 1.88 2.56
N ARG A 49 -8.69 2.03 1.28
CA ARG A 49 -8.61 0.94 0.37
C ARG A 49 -7.23 0.96 -0.28
N ILE A 50 -6.63 -0.20 -0.41
CA ILE A 50 -5.30 -0.27 -0.97
C ILE A 50 -5.33 -0.94 -2.33
N GLN A 51 -4.82 -0.27 -3.32
CA GLN A 51 -4.80 -0.80 -4.64
C GLN A 51 -3.34 -1.06 -4.99
N LEU A 52 -3.05 -2.19 -5.61
CA LEU A 52 -1.66 -2.51 -5.97
C LEU A 52 -1.46 -2.47 -7.46
N PHE A 53 -0.61 -1.59 -7.91
CA PHE A 53 -0.27 -1.49 -9.29
C PHE A 53 1.08 -2.15 -9.50
N ASP A 54 1.18 -2.94 -10.55
CA ASP A 54 2.39 -3.71 -10.83
C ASP A 54 3.51 -2.79 -11.22
N GLY A 55 3.36 -2.23 -12.36
CA GLY A 55 4.36 -1.37 -12.89
C GLY A 55 3.84 0.02 -13.11
N ASP A 56 3.33 0.27 -14.28
CA ASP A 56 2.88 1.58 -14.66
C ASP A 56 1.40 1.79 -14.39
N ASP A 57 0.60 0.73 -14.49
CA ASP A 57 -0.85 0.86 -14.32
C ASP A 57 -1.50 -0.48 -14.13
N GLN A 58 -0.98 -1.48 -14.79
CA GLN A 58 -1.52 -2.82 -14.74
C GLN A 58 -1.74 -3.29 -13.33
N LEU A 59 -2.93 -3.71 -13.10
CA LEU A 59 -3.41 -4.01 -11.79
C LEU A 59 -3.00 -5.40 -11.31
N LYS A 60 -2.72 -5.50 -10.05
CA LYS A 60 -2.43 -6.76 -9.40
C LYS A 60 -3.61 -7.20 -8.57
N GLY A 61 -4.23 -6.24 -7.92
CA GLY A 61 -5.38 -6.49 -7.13
C GLY A 61 -5.54 -5.45 -6.06
N GLU A 62 -6.31 -5.76 -5.05
CA GLU A 62 -6.52 -4.91 -3.95
C GLU A 62 -5.82 -5.57 -2.81
N LEU A 63 -5.05 -4.83 -2.07
CA LEU A 63 -4.37 -5.41 -0.97
C LEU A 63 -5.28 -5.55 0.18
N THR A 64 -5.11 -4.76 1.16
CA THR A 64 -6.08 -4.64 2.23
C THR A 64 -5.96 -5.82 3.27
N ASP A 65 -5.09 -6.78 2.97
CA ASP A 65 -4.85 -7.92 3.86
C ASP A 65 -3.49 -7.80 4.43
N GLY A 66 -3.39 -7.71 5.71
CA GLY A 66 -2.10 -7.59 6.34
C GLY A 66 -1.76 -8.78 7.18
N ALA A 67 -2.67 -9.73 7.25
CA ALA A 67 -2.45 -10.98 7.97
C ALA A 67 -1.48 -11.86 7.20
N LYS A 68 -1.17 -11.41 6.00
CA LYS A 68 -0.26 -12.05 5.12
C LYS A 68 0.79 -11.02 4.71
N SER A 69 1.94 -11.48 4.32
CA SER A 69 3.05 -10.61 4.06
C SER A 69 2.90 -9.93 2.74
N LEU A 70 3.70 -8.92 2.53
CA LEU A 70 3.75 -8.21 1.26
C LEU A 70 4.10 -9.18 0.16
N LYS A 71 4.93 -10.14 0.49
CA LYS A 71 5.42 -11.09 -0.47
C LYS A 71 4.31 -12.04 -0.86
N ASP A 72 3.56 -12.50 0.14
CA ASP A 72 2.47 -13.44 -0.11
C ASP A 72 1.32 -12.73 -0.85
N LEU A 73 1.25 -11.42 -0.65
CA LEU A 73 0.27 -10.55 -1.35
C LEU A 73 0.63 -10.32 -2.81
N GLY A 74 1.85 -10.63 -3.18
CA GLY A 74 2.27 -10.43 -4.55
C GLY A 74 2.94 -9.09 -4.73
N VAL A 75 3.15 -8.41 -3.64
CA VAL A 75 3.83 -7.14 -3.64
C VAL A 75 5.32 -7.43 -3.69
N ARG A 76 5.94 -7.01 -4.74
CA ARG A 76 7.36 -7.23 -4.90
C ARG A 76 8.05 -5.90 -5.09
N ASP A 77 9.32 -5.94 -5.36
CA ASP A 77 10.06 -4.71 -5.60
C ASP A 77 9.77 -4.20 -6.97
N GLY A 78 9.72 -2.91 -7.07
CA GLY A 78 9.39 -2.29 -8.34
C GLY A 78 7.89 -2.05 -8.46
N TYR A 79 7.20 -2.24 -7.36
CA TYR A 79 5.76 -2.06 -7.29
C TYR A 79 5.41 -0.77 -6.61
N ARG A 80 4.24 -0.28 -6.89
CA ARG A 80 3.78 0.92 -6.27
C ARG A 80 2.47 0.63 -5.56
N ILE A 81 2.37 1.09 -4.34
CA ILE A 81 1.21 0.83 -3.52
C ILE A 81 0.35 2.08 -3.56
N HIS A 82 -0.91 1.93 -3.83
CA HIS A 82 -1.78 3.06 -3.87
C HIS A 82 -2.86 2.99 -2.83
N ALA A 83 -2.88 3.96 -1.97
CA ALA A 83 -3.91 4.06 -0.97
C ALA A 83 -4.98 5.03 -1.45
N VAL A 84 -6.22 4.72 -1.18
CA VAL A 84 -7.31 5.57 -1.58
C VAL A 84 -8.39 5.54 -0.49
N ASP A 85 -8.88 6.70 -0.11
CA ASP A 85 -9.84 6.80 0.93
C ASP A 85 -11.23 6.57 0.39
N VAL A 86 -12.01 5.87 1.14
CA VAL A 86 -13.37 5.60 0.78
C VAL A 86 -14.32 6.61 1.46
N THR A 87 -13.86 7.21 2.55
CA THR A 87 -14.70 8.09 3.37
C THR A 87 -15.11 9.38 2.62
N GLY A 88 -14.25 9.86 1.78
CA GLY A 88 -14.57 11.02 0.99
C GLY A 88 -14.85 10.61 -0.43
N GLY A 89 -14.70 9.32 -0.68
CA GLY A 89 -14.88 8.76 -2.01
C GLY A 89 -14.02 9.46 -3.03
N ASN A 90 -12.80 9.78 -2.68
CA ASN A 90 -11.96 10.50 -3.60
C ASN A 90 -11.24 9.53 -4.49
N GLU A 91 -11.45 9.67 -5.75
CA GLU A 91 -10.78 8.89 -6.78
C GLU A 91 -10.95 9.60 -8.10
N ASP A 92 -11.23 10.87 -7.96
CA ASP A 92 -11.54 11.77 -9.03
C ASP A 92 -11.01 13.13 -8.67
N MET A 3 15.08 -14.06 5.76
CA MET A 3 15.64 -13.30 6.89
C MET A 3 15.70 -11.84 6.56
N THR A 4 16.67 -11.45 5.75
CA THR A 4 16.73 -10.10 5.30
C THR A 4 15.97 -10.02 4.01
N GLU A 5 14.85 -9.35 4.06
CA GLU A 5 13.91 -9.28 2.98
C GLU A 5 13.19 -7.99 3.07
N VAL A 6 13.52 -7.12 2.21
CA VAL A 6 12.89 -5.82 2.18
C VAL A 6 12.43 -5.50 0.78
N TYR A 7 11.38 -4.73 0.70
CA TYR A 7 10.85 -4.25 -0.55
C TYR A 7 10.80 -2.74 -0.58
N ASP A 8 11.26 -2.18 -1.65
CA ASP A 8 11.11 -0.77 -1.88
C ASP A 8 9.93 -0.57 -2.74
N LEU A 9 8.99 0.05 -2.22
CA LEU A 9 7.76 0.28 -2.88
C LEU A 9 7.37 1.73 -2.96
N GLU A 10 6.54 1.99 -3.90
CA GLU A 10 6.05 3.31 -4.18
C GLU A 10 4.61 3.39 -3.78
N ILE A 11 4.36 4.18 -2.81
CA ILE A 11 3.03 4.34 -2.28
C ILE A 11 2.38 5.54 -2.92
N THR A 12 1.21 5.34 -3.39
CA THR A 12 0.39 6.37 -3.94
C THR A 12 -0.89 6.39 -3.17
N THR A 13 -1.43 7.53 -2.97
CA THR A 13 -2.57 7.63 -2.15
C THR A 13 -3.53 8.63 -2.74
N ASN A 14 -4.70 8.51 -2.31
CA ASN A 14 -5.87 9.32 -2.67
C ASN A 14 -5.62 10.79 -2.38
N ALA A 15 -4.91 11.04 -1.34
CA ALA A 15 -4.72 12.36 -0.90
C ALA A 15 -3.28 12.86 -1.06
N THR A 16 -2.46 12.09 -1.72
CA THR A 16 -1.08 12.50 -1.92
C THR A 16 -0.80 12.74 -3.40
N ASP A 17 -0.08 13.80 -3.70
CA ASP A 17 0.26 14.11 -5.09
C ASP A 17 1.56 13.43 -5.44
N PHE A 18 2.44 13.39 -4.49
CA PHE A 18 3.74 12.79 -4.66
C PHE A 18 3.72 11.35 -4.19
N PRO A 19 4.38 10.44 -4.92
CA PRO A 19 4.51 9.05 -4.50
C PRO A 19 5.49 8.94 -3.33
N MET A 20 5.18 8.10 -2.38
CA MET A 20 6.01 7.94 -1.21
C MET A 20 6.82 6.67 -1.35
N GLU A 21 8.11 6.79 -1.29
CA GLU A 21 8.99 5.66 -1.41
C GLU A 21 9.28 5.11 -0.04
N LYS A 22 8.95 3.89 0.16
CA LYS A 22 9.10 3.26 1.42
C LYS A 22 9.71 1.88 1.27
N LYS A 23 10.61 1.56 2.15
CA LYS A 23 11.22 0.26 2.17
C LYS A 23 10.84 -0.45 3.46
N TYR A 24 10.13 -1.54 3.33
CA TYR A 24 9.70 -2.32 4.49
C TYR A 24 10.01 -3.78 4.27
N PRO A 25 10.06 -4.59 5.34
CA PRO A 25 10.35 -6.02 5.23
C PRO A 25 9.27 -6.77 4.46
N ALA A 26 9.70 -7.74 3.67
CA ALA A 26 8.81 -8.57 2.88
C ALA A 26 7.82 -9.33 3.75
N GLY A 27 8.26 -9.61 4.95
CA GLY A 27 7.45 -10.34 5.89
C GLY A 27 6.52 -9.43 6.68
N MET A 28 6.54 -8.13 6.39
CA MET A 28 5.65 -7.21 7.06
C MET A 28 4.27 -7.22 6.44
N SER A 29 3.28 -6.92 7.23
CA SER A 29 1.90 -6.93 6.81
C SER A 29 1.51 -5.62 6.17
N LEU A 30 0.52 -5.70 5.30
CA LEU A 30 -0.07 -4.51 4.69
C LEU A 30 -0.61 -3.62 5.78
N ASN A 31 -1.20 -4.26 6.77
CA ASN A 31 -1.82 -3.52 7.86
C ASN A 31 -0.84 -2.69 8.64
N ASP A 32 0.31 -3.26 8.98
CA ASP A 32 1.29 -2.53 9.79
C ASP A 32 1.94 -1.46 9.00
N LEU A 33 2.18 -1.74 7.73
CA LEU A 33 2.85 -0.81 6.86
C LEU A 33 1.98 0.40 6.74
N LYS A 34 0.73 0.15 6.46
CA LYS A 34 -0.17 1.18 6.36
C LYS A 34 -0.50 1.83 7.65
N LYS A 35 -0.58 1.11 8.74
CA LYS A 35 -0.91 1.72 10.03
C LYS A 35 0.15 2.79 10.39
N LYS A 36 1.34 2.62 9.86
CA LYS A 36 2.43 3.56 10.03
C LYS A 36 2.15 4.80 9.15
N LEU A 37 1.61 4.53 7.97
CA LEU A 37 1.24 5.54 7.01
C LEU A 37 -0.07 6.23 7.42
N GLU A 38 -1.02 5.44 7.86
CA GLU A 38 -2.31 5.88 8.32
C GLU A 38 -2.16 6.83 9.46
N LEU A 39 -1.12 6.64 10.23
CA LEU A 39 -0.76 7.54 11.30
C LEU A 39 -0.55 8.96 10.74
N VAL A 40 0.01 9.03 9.54
CA VAL A 40 0.26 10.30 8.86
C VAL A 40 -0.96 10.69 8.00
N VAL A 41 -1.64 9.70 7.45
CA VAL A 41 -2.79 9.95 6.57
C VAL A 41 -4.04 10.29 7.39
N GLY A 42 -4.08 9.88 8.63
CA GLY A 42 -5.20 10.18 9.49
C GLY A 42 -6.38 9.31 9.20
N THR A 43 -6.16 8.29 8.41
CA THR A 43 -7.22 7.38 8.06
C THR A 43 -6.92 6.00 8.73
N THR A 44 -7.78 5.04 8.54
CA THR A 44 -7.57 3.72 9.06
C THR A 44 -7.79 2.73 7.90
N VAL A 45 -7.31 1.51 8.06
CA VAL A 45 -7.32 0.52 6.99
C VAL A 45 -8.76 0.08 6.63
N ASP A 46 -9.66 0.16 7.60
CA ASP A 46 -11.08 -0.22 7.39
C ASP A 46 -11.72 0.64 6.31
N SER A 47 -11.34 1.90 6.26
CA SER A 47 -11.87 2.83 5.33
C SER A 47 -10.98 2.95 4.10
N MET A 48 -9.95 2.16 4.07
CA MET A 48 -8.95 2.25 3.05
C MET A 48 -9.01 1.04 2.12
N ARG A 49 -8.90 1.31 0.84
CA ARG A 49 -8.76 0.29 -0.19
C ARG A 49 -7.36 0.36 -0.73
N ILE A 50 -6.80 -0.77 -1.03
CA ILE A 50 -5.41 -0.83 -1.43
C ILE A 50 -5.27 -1.51 -2.79
N GLN A 51 -4.72 -0.79 -3.73
CA GLN A 51 -4.57 -1.31 -5.06
C GLN A 51 -3.11 -1.53 -5.41
N LEU A 52 -2.84 -2.58 -6.16
CA LEU A 52 -1.48 -2.86 -6.58
C LEU A 52 -1.33 -2.53 -8.04
N PHE A 53 -0.47 -1.60 -8.31
CA PHE A 53 -0.10 -1.24 -9.64
C PHE A 53 1.27 -1.76 -9.90
N ASP A 54 1.46 -2.33 -11.05
CA ASP A 54 2.74 -2.95 -11.37
C ASP A 54 3.69 -1.90 -11.88
N GLY A 55 4.76 -2.34 -12.45
CA GLY A 55 5.75 -1.46 -12.97
C GLY A 55 5.37 -0.99 -14.34
N ASP A 56 4.45 -1.72 -14.96
CA ASP A 56 3.93 -1.36 -16.25
C ASP A 56 3.03 -0.11 -16.15
N ASP A 57 1.81 -0.30 -15.67
CA ASP A 57 0.83 0.77 -15.52
C ASP A 57 -0.46 0.26 -14.91
N GLN A 58 -0.91 -0.89 -15.36
CA GLN A 58 -2.21 -1.39 -14.98
C GLN A 58 -2.27 -2.09 -13.63
N LEU A 59 -3.42 -1.93 -13.01
CA LEU A 59 -3.74 -2.44 -11.71
C LEU A 59 -3.84 -3.95 -11.77
N LYS A 60 -3.07 -4.59 -10.95
CA LYS A 60 -3.01 -6.03 -10.90
C LYS A 60 -4.10 -6.57 -10.03
N GLY A 61 -4.31 -5.95 -8.90
CA GLY A 61 -5.35 -6.43 -8.03
C GLY A 61 -5.63 -5.53 -6.87
N GLU A 62 -6.70 -5.86 -6.17
CA GLU A 62 -7.15 -5.20 -4.97
C GLU A 62 -6.70 -6.06 -3.83
N LEU A 63 -5.94 -5.49 -2.96
CA LEU A 63 -5.40 -6.24 -1.85
C LEU A 63 -6.36 -6.33 -0.69
N THR A 64 -6.16 -5.45 0.25
CA THR A 64 -6.95 -5.20 1.48
C THR A 64 -6.62 -6.20 2.62
N ASP A 65 -5.74 -7.16 2.34
CA ASP A 65 -5.34 -8.15 3.34
C ASP A 65 -4.05 -7.75 3.95
N GLY A 66 -4.03 -7.62 5.24
CA GLY A 66 -2.82 -7.28 5.91
C GLY A 66 -2.54 -8.17 7.06
N ALA A 67 -3.15 -9.33 7.08
CA ALA A 67 -2.79 -10.31 8.08
C ALA A 67 -1.66 -11.14 7.52
N LYS A 68 -1.45 -10.98 6.22
CA LYS A 68 -0.40 -11.64 5.51
C LYS A 68 0.66 -10.62 5.14
N SER A 69 1.76 -11.07 4.57
CA SER A 69 2.83 -10.20 4.22
C SER A 69 2.53 -9.62 2.87
N LEU A 70 3.21 -8.56 2.53
CA LEU A 70 3.07 -8.03 1.20
C LEU A 70 3.73 -8.95 0.20
N LYS A 71 4.69 -9.72 0.69
CA LYS A 71 5.39 -10.69 -0.13
C LYS A 71 4.40 -11.74 -0.60
N ASP A 72 3.52 -12.14 0.32
CA ASP A 72 2.46 -13.12 0.05
C ASP A 72 1.46 -12.57 -0.93
N LEU A 73 1.26 -11.25 -0.86
CA LEU A 73 0.36 -10.55 -1.79
C LEU A 73 0.99 -10.40 -3.18
N GLY A 74 2.25 -10.73 -3.30
CA GLY A 74 2.92 -10.66 -4.57
C GLY A 74 3.65 -9.34 -4.75
N VAL A 75 3.82 -8.62 -3.68
CA VAL A 75 4.47 -7.34 -3.72
C VAL A 75 5.95 -7.50 -3.41
N ARG A 76 6.76 -7.12 -4.36
CA ARG A 76 8.19 -7.14 -4.22
C ARG A 76 8.66 -5.70 -4.37
N ASP A 77 9.94 -5.51 -4.60
CA ASP A 77 10.49 -4.18 -4.80
C ASP A 77 10.03 -3.65 -6.14
N GLY A 78 9.85 -2.38 -6.19
CA GLY A 78 9.50 -1.71 -7.41
C GLY A 78 8.00 -1.69 -7.71
N TYR A 79 7.19 -2.16 -6.80
CA TYR A 79 5.75 -2.12 -7.00
C TYR A 79 5.14 -0.87 -6.46
N ARG A 80 4.06 -0.47 -7.08
CA ARG A 80 3.38 0.69 -6.73
C ARG A 80 2.12 0.29 -5.99
N ILE A 81 2.00 0.74 -4.80
CA ILE A 81 0.87 0.44 -3.98
C ILE A 81 0.05 1.69 -3.82
N HIS A 82 -1.18 1.60 -4.17
CA HIS A 82 -2.06 2.71 -4.09
C HIS A 82 -3.04 2.49 -2.96
N ALA A 83 -3.30 3.53 -2.23
CA ALA A 83 -4.25 3.46 -1.18
C ALA A 83 -5.27 4.55 -1.37
N VAL A 84 -6.51 4.20 -1.26
CA VAL A 84 -7.56 5.14 -1.41
C VAL A 84 -8.57 4.96 -0.31
N ASP A 85 -8.94 6.02 0.32
CA ASP A 85 -9.86 5.97 1.36
C ASP A 85 -11.21 6.39 0.87
N VAL A 86 -12.20 5.72 1.35
CA VAL A 86 -13.55 6.00 0.98
C VAL A 86 -14.26 6.87 2.03
N THR A 87 -13.52 7.26 3.07
CA THR A 87 -14.12 8.02 4.15
C THR A 87 -13.97 9.54 3.94
N GLY A 88 -12.90 9.94 3.33
CA GLY A 88 -12.68 11.34 3.08
C GLY A 88 -13.04 11.72 1.67
N GLY A 89 -13.48 10.74 0.91
CA GLY A 89 -13.81 10.97 -0.47
C GLY A 89 -12.57 10.94 -1.33
N ASN A 90 -12.76 10.95 -2.61
CA ASN A 90 -11.67 10.94 -3.52
C ASN A 90 -11.13 12.35 -3.68
N GLU A 91 -9.80 12.44 -3.66
CA GLU A 91 -9.07 13.67 -3.85
C GLU A 91 -9.27 14.67 -2.73
N ASP A 92 -8.42 14.60 -1.76
CA ASP A 92 -8.38 15.57 -0.70
C ASP A 92 -7.10 16.35 -0.82
N MET A 3 13.24 -13.28 7.82
CA MET A 3 14.58 -12.99 7.27
C MET A 3 14.70 -11.51 7.08
N THR A 4 15.89 -11.02 6.78
CA THR A 4 16.05 -9.64 6.41
C THR A 4 15.56 -9.54 4.98
N GLU A 5 14.47 -8.86 4.80
CA GLU A 5 13.82 -8.83 3.52
C GLU A 5 12.98 -7.60 3.42
N VAL A 6 13.36 -6.72 2.54
CA VAL A 6 12.74 -5.43 2.39
C VAL A 6 12.25 -5.19 0.97
N TYR A 7 11.25 -4.39 0.90
CA TYR A 7 10.56 -4.02 -0.30
C TYR A 7 10.58 -2.48 -0.40
N ASP A 8 10.96 -1.94 -1.56
CA ASP A 8 10.87 -0.49 -1.80
C ASP A 8 9.54 -0.24 -2.46
N LEU A 9 8.69 0.46 -1.82
CA LEU A 9 7.39 0.74 -2.33
C LEU A 9 7.31 2.17 -2.78
N GLU A 10 6.46 2.42 -3.73
CA GLU A 10 6.14 3.75 -4.10
C GLU A 10 4.72 3.97 -3.64
N ILE A 11 4.56 4.82 -2.72
CA ILE A 11 3.30 5.03 -2.07
C ILE A 11 2.55 6.17 -2.71
N THR A 12 1.30 5.93 -2.93
CA THR A 12 0.38 6.91 -3.43
C THR A 12 -0.91 6.81 -2.67
N THR A 13 -1.62 7.86 -2.65
CA THR A 13 -2.89 7.95 -2.03
C THR A 13 -3.66 8.96 -2.84
N ASN A 14 -4.92 9.03 -2.64
CA ASN A 14 -5.79 9.98 -3.32
C ASN A 14 -5.48 11.40 -2.89
N ALA A 15 -4.81 11.53 -1.76
CA ALA A 15 -4.47 12.81 -1.21
C ALA A 15 -3.01 13.19 -1.50
N THR A 16 -2.27 12.32 -2.16
CA THR A 16 -0.86 12.59 -2.41
C THR A 16 -0.63 12.91 -3.86
N ASP A 17 0.02 14.01 -4.12
CA ASP A 17 0.37 14.38 -5.48
C ASP A 17 1.77 13.89 -5.77
N PHE A 18 2.55 13.80 -4.74
CA PHE A 18 3.92 13.38 -4.83
C PHE A 18 4.04 11.90 -4.44
N PRO A 19 4.59 11.06 -5.33
CA PRO A 19 4.83 9.65 -5.03
C PRO A 19 6.00 9.50 -4.06
N MET A 20 5.79 8.78 -3.00
CA MET A 20 6.79 8.64 -1.97
C MET A 20 7.35 7.24 -1.97
N GLU A 21 8.64 7.13 -2.01
CA GLU A 21 9.28 5.85 -1.98
C GLU A 21 9.63 5.52 -0.56
N LYS A 22 9.15 4.42 -0.11
CA LYS A 22 9.29 4.05 1.26
C LYS A 22 9.54 2.56 1.35
N LYS A 23 10.48 2.17 2.16
CA LYS A 23 10.88 0.80 2.29
C LYS A 23 10.25 0.15 3.53
N TYR A 24 9.70 -1.03 3.34
CA TYR A 24 9.10 -1.82 4.41
C TYR A 24 9.55 -3.27 4.25
N PRO A 25 9.52 -4.08 5.32
CA PRO A 25 9.87 -5.49 5.24
C PRO A 25 8.82 -6.28 4.45
N ALA A 26 9.28 -7.14 3.54
CA ALA A 26 8.33 -7.91 2.71
C ALA A 26 7.67 -9.02 3.50
N GLY A 27 8.25 -9.33 4.63
CA GLY A 27 7.73 -10.36 5.51
C GLY A 27 6.85 -9.79 6.61
N MET A 28 6.62 -8.49 6.56
CA MET A 28 5.75 -7.83 7.53
C MET A 28 4.30 -7.91 7.02
N SER A 29 3.35 -7.61 7.87
CA SER A 29 1.97 -7.67 7.50
C SER A 29 1.54 -6.41 6.80
N LEU A 30 0.69 -6.57 5.80
CA LEU A 30 0.13 -5.44 5.09
C LEU A 30 -0.62 -4.55 6.08
N ASN A 31 -1.23 -5.20 7.08
CA ASN A 31 -2.00 -4.47 8.12
C ASN A 31 -1.15 -3.50 8.90
N ASP A 32 0.12 -3.82 9.06
CA ASP A 32 1.02 -2.95 9.80
C ASP A 32 1.40 -1.79 8.94
N LEU A 33 1.71 -2.07 7.71
CA LEU A 33 2.13 -1.07 6.74
C LEU A 33 1.01 -0.07 6.51
N LYS A 34 -0.19 -0.56 6.29
CA LYS A 34 -1.31 0.34 6.08
C LYS A 34 -1.52 1.19 7.31
N LYS A 35 -1.32 0.60 8.49
CA LYS A 35 -1.48 1.27 9.76
C LYS A 35 -0.40 2.37 9.93
N LYS A 36 0.69 2.22 9.20
CA LYS A 36 1.81 3.10 9.26
C LYS A 36 1.53 4.26 8.35
N LEU A 37 0.95 3.93 7.27
CA LEU A 37 0.56 4.84 6.28
C LEU A 37 -0.72 5.60 6.73
N GLU A 38 -1.58 4.93 7.48
CA GLU A 38 -2.73 5.53 8.14
C GLU A 38 -2.28 6.67 9.01
N LEU A 39 -1.17 6.48 9.67
CA LEU A 39 -0.60 7.48 10.55
C LEU A 39 -0.21 8.73 9.77
N VAL A 40 0.27 8.54 8.56
CA VAL A 40 0.72 9.62 7.72
C VAL A 40 -0.45 10.35 7.05
N VAL A 41 -1.42 9.59 6.57
CA VAL A 41 -2.53 10.19 5.85
C VAL A 41 -3.68 10.61 6.80
N GLY A 42 -3.80 9.94 7.91
CA GLY A 42 -4.87 10.23 8.83
C GLY A 42 -6.06 9.34 8.60
N THR A 43 -5.92 8.46 7.63
CA THR A 43 -6.96 7.51 7.25
C THR A 43 -7.11 6.43 8.36
N THR A 44 -8.14 5.63 8.28
CA THR A 44 -8.38 4.57 9.24
C THR A 44 -8.50 3.24 8.46
N VAL A 45 -8.42 2.12 9.17
CA VAL A 45 -8.27 0.77 8.57
C VAL A 45 -9.41 0.37 7.62
N ASP A 46 -10.64 0.54 8.05
CA ASP A 46 -11.80 0.08 7.28
C ASP A 46 -12.05 0.98 6.09
N SER A 47 -11.61 2.18 6.23
CA SER A 47 -11.81 3.18 5.25
C SER A 47 -10.65 3.23 4.27
N MET A 48 -9.70 2.37 4.44
CA MET A 48 -8.50 2.42 3.63
C MET A 48 -8.38 1.22 2.68
N ARG A 49 -8.49 1.50 1.39
CA ARG A 49 -8.27 0.49 0.37
C ARG A 49 -6.87 0.57 -0.17
N ILE A 50 -6.33 -0.57 -0.49
CA ILE A 50 -4.95 -0.68 -0.96
C ILE A 50 -4.91 -1.28 -2.36
N GLN A 51 -4.39 -0.55 -3.32
CA GLN A 51 -4.28 -1.02 -4.69
C GLN A 51 -2.83 -1.20 -5.09
N LEU A 52 -2.57 -2.19 -5.90
CA LEU A 52 -1.21 -2.47 -6.39
C LEU A 52 -1.11 -2.11 -7.85
N PHE A 53 -0.28 -1.15 -8.12
CA PHE A 53 0.08 -0.80 -9.46
C PHE A 53 1.46 -1.36 -9.67
N ASP A 54 1.62 -2.15 -10.67
CA ASP A 54 2.81 -2.95 -10.82
C ASP A 54 3.89 -2.18 -11.57
N GLY A 55 4.81 -2.90 -12.10
CA GLY A 55 5.81 -2.35 -12.95
C GLY A 55 5.16 -2.12 -14.27
N ASP A 56 4.17 -2.96 -14.50
CA ASP A 56 3.27 -2.85 -15.60
C ASP A 56 2.27 -1.76 -15.22
N ASP A 57 1.84 -1.00 -16.17
CA ASP A 57 1.00 0.18 -15.93
C ASP A 57 -0.32 -0.12 -15.21
N GLN A 58 -0.93 -1.24 -15.51
CA GLN A 58 -2.25 -1.54 -14.98
C GLN A 58 -2.24 -1.95 -13.51
N LEU A 59 -3.41 -1.82 -12.91
CA LEU A 59 -3.66 -2.21 -11.55
C LEU A 59 -3.83 -3.71 -11.49
N LYS A 60 -3.06 -4.35 -10.64
CA LYS A 60 -3.09 -5.79 -10.53
C LYS A 60 -4.21 -6.26 -9.67
N GLY A 61 -4.43 -5.59 -8.60
CA GLY A 61 -5.48 -5.98 -7.73
C GLY A 61 -5.53 -5.12 -6.52
N GLU A 62 -6.43 -5.43 -5.64
CA GLU A 62 -6.59 -4.71 -4.45
C GLU A 62 -6.15 -5.59 -3.30
N LEU A 63 -5.27 -5.06 -2.51
CA LEU A 63 -4.72 -5.72 -1.34
C LEU A 63 -5.56 -5.38 -0.14
N THR A 64 -4.91 -5.24 1.03
CA THR A 64 -5.50 -4.92 2.36
C THR A 64 -5.56 -6.17 3.28
N ASP A 65 -5.07 -7.32 2.78
CA ASP A 65 -4.98 -8.51 3.62
C ASP A 65 -3.66 -8.47 4.36
N GLY A 66 -3.74 -8.31 5.63
CA GLY A 66 -2.56 -8.22 6.43
C GLY A 66 -2.33 -9.47 7.22
N ALA A 67 -3.13 -10.48 6.97
CA ALA A 67 -2.95 -11.79 7.61
C ALA A 67 -1.80 -12.52 6.93
N LYS A 68 -1.29 -11.92 5.87
CA LYS A 68 -0.19 -12.43 5.12
C LYS A 68 0.76 -11.28 4.79
N SER A 69 1.97 -11.61 4.39
CA SER A 69 2.98 -10.62 4.14
C SER A 69 2.81 -10.09 2.74
N LEU A 70 3.50 -9.01 2.43
CA LEU A 70 3.47 -8.46 1.09
C LEU A 70 4.06 -9.45 0.11
N LYS A 71 5.00 -10.22 0.58
CA LYS A 71 5.64 -11.20 -0.25
C LYS A 71 4.68 -12.35 -0.50
N ASP A 72 3.99 -12.75 0.56
CA ASP A 72 3.03 -13.85 0.49
C ASP A 72 1.82 -13.43 -0.37
N LEU A 73 1.60 -12.11 -0.44
CA LEU A 73 0.55 -11.50 -1.30
C LEU A 73 0.98 -11.53 -2.77
N GLY A 74 2.26 -11.80 -3.02
CA GLY A 74 2.77 -11.84 -4.38
C GLY A 74 3.09 -10.46 -4.89
N VAL A 75 3.55 -9.61 -4.01
CA VAL A 75 3.88 -8.24 -4.33
C VAL A 75 5.41 -8.08 -4.24
N ARG A 76 6.05 -7.75 -5.33
CA ARG A 76 7.51 -7.59 -5.35
C ARG A 76 7.87 -6.13 -5.20
N ASP A 77 9.14 -5.86 -5.04
CA ASP A 77 9.64 -4.50 -4.88
C ASP A 77 9.55 -3.72 -6.16
N GLY A 78 9.50 -2.42 -6.05
CA GLY A 78 9.44 -1.57 -7.21
C GLY A 78 8.01 -1.31 -7.67
N TYR A 79 7.05 -1.94 -7.01
CA TYR A 79 5.65 -1.75 -7.35
C TYR A 79 5.08 -0.61 -6.54
N ARG A 80 4.03 -0.05 -7.04
CA ARG A 80 3.47 1.13 -6.45
C ARG A 80 2.23 0.76 -5.68
N ILE A 81 2.24 1.09 -4.43
CA ILE A 81 1.14 0.79 -3.56
C ILE A 81 0.32 2.04 -3.36
N HIS A 82 -0.91 1.94 -3.73
CA HIS A 82 -1.83 3.02 -3.69
C HIS A 82 -2.84 2.81 -2.59
N ALA A 83 -3.04 3.82 -1.81
CA ALA A 83 -4.04 3.79 -0.79
C ALA A 83 -5.13 4.75 -1.16
N VAL A 84 -6.34 4.44 -0.83
CA VAL A 84 -7.43 5.31 -1.10
C VAL A 84 -8.47 5.25 0.01
N ASP A 85 -8.99 6.39 0.35
CA ASP A 85 -10.01 6.51 1.37
C ASP A 85 -11.38 6.18 0.80
N VAL A 86 -12.11 5.35 1.48
CA VAL A 86 -13.43 4.92 1.04
C VAL A 86 -14.51 5.91 1.47
N THR A 87 -14.35 6.46 2.65
CA THR A 87 -15.36 7.35 3.24
C THR A 87 -15.56 8.65 2.45
N GLY A 88 -14.53 9.09 1.75
CA GLY A 88 -14.63 10.27 0.93
C GLY A 88 -15.14 9.96 -0.46
N GLY A 89 -15.33 8.68 -0.74
CA GLY A 89 -15.78 8.25 -2.06
C GLY A 89 -14.78 8.63 -3.11
N ASN A 90 -13.54 8.33 -2.85
CA ASN A 90 -12.47 8.68 -3.76
C ASN A 90 -12.19 7.54 -4.71
N GLU A 91 -12.20 7.85 -6.01
CA GLU A 91 -11.88 6.93 -7.11
C GLU A 91 -12.48 5.51 -6.95
N ASP A 92 -13.75 5.46 -6.73
CA ASP A 92 -14.45 4.24 -6.63
C ASP A 92 -15.34 4.07 -7.85
N MET A 3 14.28 -10.21 10.59
CA MET A 3 15.32 -10.37 9.57
C MET A 3 15.25 -9.21 8.61
N THR A 4 16.30 -8.95 7.88
CA THR A 4 16.29 -7.90 6.91
C THR A 4 15.75 -8.41 5.59
N GLU A 5 14.61 -7.93 5.23
CA GLU A 5 13.93 -8.30 4.04
C GLU A 5 12.93 -7.22 3.73
N VAL A 6 13.35 -6.30 2.93
CA VAL A 6 12.61 -5.10 2.67
C VAL A 6 12.48 -4.82 1.19
N TYR A 7 11.40 -4.19 0.84
CA TYR A 7 11.15 -3.79 -0.53
C TYR A 7 10.85 -2.31 -0.58
N ASP A 8 11.34 -1.65 -1.62
CA ASP A 8 11.04 -0.24 -1.85
C ASP A 8 9.70 -0.15 -2.52
N LEU A 9 8.87 0.67 -2.00
CA LEU A 9 7.57 0.87 -2.52
C LEU A 9 7.48 2.27 -3.03
N GLU A 10 6.63 2.46 -3.98
CA GLU A 10 6.28 3.77 -4.42
C GLU A 10 4.84 3.94 -4.05
N ILE A 11 4.58 4.83 -3.17
CA ILE A 11 3.24 4.96 -2.65
C ILE A 11 2.54 6.19 -3.19
N THR A 12 1.37 5.97 -3.69
CA THR A 12 0.51 7.02 -4.17
C THR A 12 -0.75 7.01 -3.36
N THR A 13 -1.41 8.09 -3.35
CA THR A 13 -2.59 8.24 -2.66
C THR A 13 -3.57 8.97 -3.51
N ASN A 14 -4.78 8.90 -3.11
CA ASN A 14 -5.86 9.64 -3.72
C ASN A 14 -5.69 11.10 -3.51
N ALA A 15 -5.30 11.44 -2.34
CA ALA A 15 -5.20 12.79 -1.98
C ALA A 15 -3.97 13.43 -2.60
N THR A 16 -2.89 12.70 -2.64
CA THR A 16 -1.69 13.24 -3.23
C THR A 16 -1.20 12.38 -4.39
N ASP A 17 -0.99 13.01 -5.53
CA ASP A 17 -0.53 12.30 -6.72
C ASP A 17 0.97 12.24 -6.77
N PHE A 18 1.59 12.66 -5.68
CA PHE A 18 3.00 12.61 -5.54
C PHE A 18 3.38 11.23 -5.05
N PRO A 19 4.16 10.48 -5.82
CA PRO A 19 4.61 9.18 -5.42
C PRO A 19 5.73 9.30 -4.40
N MET A 20 5.55 8.68 -3.29
CA MET A 20 6.54 8.74 -2.25
C MET A 20 7.26 7.41 -2.14
N GLU A 21 8.56 7.47 -2.14
CA GLU A 21 9.36 6.28 -1.98
C GLU A 21 9.47 5.96 -0.52
N LYS A 22 9.18 4.75 -0.18
CA LYS A 22 9.29 4.30 1.17
C LYS A 22 9.55 2.82 1.17
N LYS A 23 10.26 2.34 2.15
CA LYS A 23 10.65 0.95 2.21
C LYS A 23 10.01 0.23 3.44
N TYR A 24 9.46 -0.96 3.19
CA TYR A 24 8.84 -1.80 4.25
C TYR A 24 9.35 -3.23 4.13
N PRO A 25 9.24 -4.05 5.21
CA PRO A 25 9.65 -5.46 5.17
C PRO A 25 8.68 -6.31 4.37
N ALA A 26 9.21 -7.11 3.46
CA ALA A 26 8.37 -7.97 2.62
C ALA A 26 7.78 -9.11 3.45
N GLY A 27 8.43 -9.40 4.54
CA GLY A 27 8.00 -10.48 5.40
C GLY A 27 6.99 -10.04 6.44
N MET A 28 6.57 -8.78 6.39
CA MET A 28 5.61 -8.28 7.36
C MET A 28 4.19 -8.33 6.75
N SER A 29 3.17 -8.12 7.58
CA SER A 29 1.79 -8.14 7.15
C SER A 29 1.41 -6.80 6.58
N LEU A 30 0.37 -6.80 5.77
CA LEU A 30 -0.13 -5.56 5.20
C LEU A 30 -0.79 -4.75 6.31
N ASN A 31 -1.34 -5.44 7.30
CA ASN A 31 -2.02 -4.75 8.43
C ASN A 31 -1.06 -3.83 9.17
N ASP A 32 0.20 -4.23 9.21
CA ASP A 32 1.24 -3.40 9.81
C ASP A 32 1.47 -2.19 8.95
N LEU A 33 1.60 -2.42 7.65
CA LEU A 33 1.85 -1.36 6.66
C LEU A 33 0.67 -0.41 6.69
N LYS A 34 -0.50 -0.99 6.81
CA LYS A 34 -1.73 -0.26 6.97
C LYS A 34 -1.66 0.71 8.10
N LYS A 35 -1.26 0.24 9.24
CA LYS A 35 -1.21 1.05 10.42
C LYS A 35 -0.10 2.13 10.31
N LYS A 36 0.89 1.87 9.47
CA LYS A 36 2.00 2.72 9.26
C LYS A 36 1.54 3.84 8.38
N LEU A 37 0.81 3.42 7.39
CA LEU A 37 0.16 4.28 6.45
C LEU A 37 -0.90 5.12 7.15
N GLU A 38 -1.67 4.50 8.01
CA GLU A 38 -2.70 5.16 8.78
C GLU A 38 -2.14 6.22 9.69
N LEU A 39 -0.94 6.02 10.15
CA LEU A 39 -0.25 7.01 10.95
C LEU A 39 -0.05 8.29 10.11
N VAL A 40 0.10 8.10 8.82
CA VAL A 40 0.31 9.18 7.87
C VAL A 40 -1.03 9.71 7.33
N VAL A 41 -1.99 8.82 7.12
CA VAL A 41 -3.30 9.23 6.58
C VAL A 41 -4.17 9.82 7.69
N GLY A 42 -3.94 9.37 8.89
CA GLY A 42 -4.67 9.89 10.00
C GLY A 42 -6.06 9.31 10.11
N THR A 43 -6.31 8.24 9.40
CA THR A 43 -7.62 7.65 9.53
C THR A 43 -7.49 6.21 10.03
N THR A 44 -8.53 5.47 9.87
CA THR A 44 -8.56 4.12 10.29
C THR A 44 -8.36 3.19 9.09
N VAL A 45 -8.02 1.94 9.36
CA VAL A 45 -7.66 0.99 8.32
C VAL A 45 -8.74 0.75 7.27
N ASP A 46 -9.95 0.60 7.70
CA ASP A 46 -11.08 0.34 6.80
C ASP A 46 -11.44 1.58 5.98
N SER A 47 -11.10 2.75 6.47
CA SER A 47 -11.40 3.98 5.84
C SER A 47 -10.38 4.37 4.77
N MET A 48 -9.41 3.53 4.57
CA MET A 48 -8.39 3.79 3.58
C MET A 48 -8.16 2.49 2.79
N ARG A 49 -8.39 2.53 1.50
CA ARG A 49 -8.36 1.33 0.65
C ARG A 49 -7.05 1.29 -0.17
N ILE A 50 -6.48 0.11 -0.35
CA ILE A 50 -5.19 -0.02 -1.05
C ILE A 50 -5.26 -0.84 -2.35
N GLN A 51 -4.74 -0.27 -3.42
CA GLN A 51 -4.60 -0.92 -4.71
C GLN A 51 -3.12 -1.13 -5.01
N LEU A 52 -2.78 -2.21 -5.66
CA LEU A 52 -1.39 -2.49 -6.01
C LEU A 52 -1.21 -2.39 -7.52
N PHE A 53 -0.20 -1.68 -7.94
CA PHE A 53 0.11 -1.54 -9.35
C PHE A 53 1.53 -2.01 -9.60
N ASP A 54 1.75 -2.70 -10.68
CA ASP A 54 3.05 -3.18 -10.99
C ASP A 54 3.79 -2.24 -11.94
N GLY A 55 4.92 -2.70 -12.42
CA GLY A 55 5.80 -1.90 -13.26
C GLY A 55 5.23 -1.60 -14.64
N ASP A 56 4.20 -2.33 -15.03
CA ASP A 56 3.58 -2.11 -16.31
C ASP A 56 2.43 -1.14 -16.19
N ASP A 57 2.33 -0.51 -15.00
CA ASP A 57 1.33 0.56 -14.67
C ASP A 57 -0.06 -0.01 -14.40
N GLN A 58 -0.29 -1.17 -14.95
CA GLN A 58 -1.52 -1.92 -14.80
C GLN A 58 -1.79 -2.29 -13.34
N LEU A 59 -3.04 -2.52 -13.05
CA LEU A 59 -3.46 -2.90 -11.73
C LEU A 59 -3.11 -4.35 -11.49
N LYS A 60 -2.44 -4.61 -10.39
CA LYS A 60 -2.06 -5.94 -10.05
C LYS A 60 -3.24 -6.56 -9.32
N GLY A 61 -3.81 -5.80 -8.44
CA GLY A 61 -4.96 -6.23 -7.70
C GLY A 61 -5.24 -5.31 -6.56
N GLU A 62 -6.30 -5.58 -5.86
CA GLU A 62 -6.68 -4.80 -4.72
C GLU A 62 -6.24 -5.55 -3.50
N LEU A 63 -5.50 -4.91 -2.66
CA LEU A 63 -4.94 -5.54 -1.49
C LEU A 63 -5.88 -5.36 -0.30
N THR A 64 -5.28 -5.24 0.90
CA THR A 64 -5.91 -5.11 2.27
C THR A 64 -5.83 -6.41 3.09
N ASP A 65 -5.27 -7.46 2.51
CA ASP A 65 -5.10 -8.71 3.25
C ASP A 65 -3.84 -8.63 4.04
N GLY A 66 -3.98 -8.58 5.33
CA GLY A 66 -2.83 -8.52 6.18
C GLY A 66 -2.67 -9.79 6.99
N ALA A 67 -3.46 -10.79 6.67
CA ALA A 67 -3.34 -12.10 7.30
C ALA A 67 -2.14 -12.82 6.71
N LYS A 68 -1.68 -12.30 5.61
CA LYS A 68 -0.56 -12.81 4.89
C LYS A 68 0.48 -11.70 4.73
N SER A 69 1.66 -12.04 4.27
CA SER A 69 2.69 -11.09 4.17
C SER A 69 2.65 -10.37 2.88
N LEU A 70 3.38 -9.31 2.83
CA LEU A 70 3.52 -8.48 1.66
C LEU A 70 4.17 -9.27 0.54
N LYS A 71 5.03 -10.19 0.94
CA LYS A 71 5.72 -11.06 0.00
C LYS A 71 4.73 -11.98 -0.65
N ASP A 72 3.90 -12.57 0.18
CA ASP A 72 2.94 -13.58 -0.25
C ASP A 72 1.81 -12.94 -1.03
N LEU A 73 1.64 -11.67 -0.82
CA LEU A 73 0.67 -10.85 -1.57
C LEU A 73 1.19 -10.55 -2.98
N GLY A 74 2.48 -10.77 -3.17
CA GLY A 74 3.08 -10.48 -4.46
C GLY A 74 3.53 -9.05 -4.55
N VAL A 75 3.55 -8.38 -3.41
CA VAL A 75 3.97 -7.01 -3.34
C VAL A 75 5.48 -7.02 -3.14
N ARG A 76 6.20 -6.82 -4.20
CA ARG A 76 7.63 -6.86 -4.14
C ARG A 76 8.20 -5.48 -4.39
N ASP A 77 9.52 -5.37 -4.39
CA ASP A 77 10.16 -4.09 -4.59
C ASP A 77 9.95 -3.59 -5.98
N GLY A 78 9.71 -2.33 -6.05
CA GLY A 78 9.47 -1.68 -7.31
C GLY A 78 7.99 -1.60 -7.66
N TYR A 79 7.16 -2.28 -6.89
CA TYR A 79 5.74 -2.24 -7.12
C TYR A 79 5.19 -1.01 -6.47
N ARG A 80 4.17 -0.43 -7.03
CA ARG A 80 3.66 0.76 -6.44
C ARG A 80 2.33 0.55 -5.80
N ILE A 81 2.22 1.05 -4.62
CA ILE A 81 1.07 0.89 -3.80
C ILE A 81 0.27 2.18 -3.81
N HIS A 82 -0.95 2.07 -4.17
CA HIS A 82 -1.85 3.17 -4.23
C HIS A 82 -2.86 3.04 -3.12
N ALA A 83 -3.02 4.07 -2.38
CA ALA A 83 -3.99 4.09 -1.34
C ALA A 83 -5.03 5.17 -1.62
N VAL A 84 -6.28 4.87 -1.37
CA VAL A 84 -7.34 5.78 -1.65
C VAL A 84 -8.13 6.07 -0.38
N ASP A 85 -8.34 7.32 -0.16
CA ASP A 85 -9.01 7.80 0.99
C ASP A 85 -10.48 7.62 0.82
N VAL A 86 -11.06 6.75 1.58
CA VAL A 86 -12.48 6.52 1.50
C VAL A 86 -13.19 7.59 2.34
N THR A 87 -12.60 7.88 3.48
CA THR A 87 -13.16 8.86 4.39
C THR A 87 -12.98 10.29 3.88
N GLY A 88 -11.91 10.51 3.16
CA GLY A 88 -11.62 11.83 2.67
C GLY A 88 -12.22 12.08 1.31
N GLY A 89 -12.84 11.07 0.75
CA GLY A 89 -13.43 11.19 -0.58
C GLY A 89 -12.38 11.30 -1.67
N ASN A 90 -12.79 11.23 -2.90
CA ASN A 90 -11.88 11.33 -3.98
C ASN A 90 -11.58 12.79 -4.28
N GLU A 91 -10.28 13.12 -4.23
CA GLU A 91 -9.74 14.45 -4.52
C GLU A 91 -10.46 15.57 -3.76
N ASP A 92 -10.08 15.74 -2.52
CA ASP A 92 -10.67 16.72 -1.64
C ASP A 92 -9.58 17.50 -0.92
N MET A 3 15.30 -15.08 4.10
CA MET A 3 14.64 -14.90 5.40
C MET A 3 14.20 -13.46 5.56
N THR A 4 15.14 -12.54 5.55
CA THR A 4 14.79 -11.16 5.57
C THR A 4 14.87 -10.59 4.15
N GLU A 5 13.74 -10.25 3.62
CA GLU A 5 13.65 -9.66 2.33
C GLU A 5 13.20 -8.27 2.48
N VAL A 6 13.61 -7.43 1.60
CA VAL A 6 13.22 -6.05 1.63
C VAL A 6 12.76 -5.60 0.27
N TYR A 7 11.72 -4.85 0.26
CA TYR A 7 11.17 -4.31 -0.95
C TYR A 7 11.16 -2.81 -0.91
N ASP A 8 11.44 -2.20 -2.00
CA ASP A 8 11.25 -0.79 -2.15
C ASP A 8 10.03 -0.60 -2.94
N LEU A 9 9.12 0.11 -2.40
CA LEU A 9 7.87 0.35 -3.01
C LEU A 9 7.64 1.80 -3.15
N GLU A 10 6.84 2.13 -4.09
CA GLU A 10 6.46 3.47 -4.32
C GLU A 10 5.02 3.58 -3.91
N ILE A 11 4.80 4.33 -2.90
CA ILE A 11 3.51 4.45 -2.29
C ILE A 11 2.81 5.66 -2.84
N THR A 12 1.59 5.48 -3.20
CA THR A 12 0.75 6.54 -3.67
C THR A 12 -0.47 6.60 -2.83
N THR A 13 -1.13 7.67 -2.86
CA THR A 13 -2.32 7.86 -2.12
C THR A 13 -3.12 8.86 -2.90
N ASN A 14 -4.33 8.97 -2.57
CA ASN A 14 -5.25 9.85 -3.22
C ASN A 14 -5.11 11.28 -2.71
N ALA A 15 -4.40 11.43 -1.61
CA ALA A 15 -4.17 12.71 -1.00
C ALA A 15 -2.80 13.27 -1.38
N THR A 16 -1.92 12.40 -1.79
CA THR A 16 -0.57 12.78 -2.11
C THR A 16 -0.38 12.87 -3.62
N ASP A 17 0.49 13.76 -4.05
CA ASP A 17 0.78 13.91 -5.46
C ASP A 17 2.11 13.30 -5.78
N PHE A 18 3.04 13.44 -4.87
CA PHE A 18 4.36 12.91 -5.04
C PHE A 18 4.45 11.55 -4.36
N PRO A 19 4.74 10.49 -5.12
CA PRO A 19 4.84 9.13 -4.58
C PRO A 19 5.98 9.00 -3.55
N MET A 20 5.72 8.24 -2.52
CA MET A 20 6.67 8.09 -1.42
C MET A 20 7.35 6.74 -1.56
N GLU A 21 8.65 6.73 -1.65
CA GLU A 21 9.38 5.50 -1.85
C GLU A 21 10.14 5.12 -0.61
N LYS A 22 9.83 3.96 -0.09
CA LYS A 22 10.45 3.43 1.06
C LYS A 22 10.69 1.95 0.96
N LYS A 23 11.62 1.49 1.74
CA LYS A 23 12.04 0.12 1.79
C LYS A 23 11.53 -0.54 3.07
N TYR A 24 10.77 -1.61 2.93
CA TYR A 24 10.24 -2.35 4.07
C TYR A 24 10.49 -3.84 3.85
N PRO A 25 10.53 -4.67 4.92
CA PRO A 25 10.73 -6.12 4.80
C PRO A 25 9.51 -6.82 4.16
N ALA A 26 9.78 -7.83 3.31
CA ALA A 26 8.71 -8.59 2.65
C ALA A 26 7.86 -9.37 3.65
N GLY A 27 8.46 -9.66 4.77
CA GLY A 27 7.80 -10.37 5.83
C GLY A 27 6.89 -9.46 6.66
N MET A 28 6.95 -8.17 6.41
CA MET A 28 6.14 -7.21 7.15
C MET A 28 4.69 -7.37 6.73
N SER A 29 3.79 -7.04 7.60
CA SER A 29 2.38 -7.14 7.35
C SER A 29 1.89 -5.91 6.61
N LEU A 30 0.86 -6.10 5.80
CA LEU A 30 0.25 -4.97 5.10
C LEU A 30 -0.45 -4.11 6.15
N ASN A 31 -0.85 -4.76 7.25
CA ASN A 31 -1.47 -4.05 8.38
C ASN A 31 -0.56 -3.00 8.97
N ASP A 32 0.73 -3.28 8.97
CA ASP A 32 1.70 -2.31 9.47
C ASP A 32 1.79 -1.13 8.52
N LEU A 33 1.84 -1.44 7.24
CA LEU A 33 1.92 -0.44 6.18
C LEU A 33 0.67 0.42 6.14
N LYS A 34 -0.49 -0.21 6.18
CA LYS A 34 -1.75 0.56 6.18
C LYS A 34 -1.83 1.40 7.44
N LYS A 35 -1.30 0.90 8.56
CA LYS A 35 -1.33 1.63 9.82
C LYS A 35 -0.47 2.90 9.68
N LYS A 36 0.61 2.77 8.93
CA LYS A 36 1.49 3.83 8.58
C LYS A 36 0.75 4.87 7.74
N LEU A 37 -0.03 4.37 6.81
CA LEU A 37 -0.85 5.18 5.93
C LEU A 37 -1.98 5.85 6.72
N GLU A 38 -2.63 5.05 7.55
CA GLU A 38 -3.67 5.48 8.45
C GLU A 38 -3.19 6.59 9.37
N LEU A 39 -1.94 6.55 9.71
CA LEU A 39 -1.36 7.52 10.61
C LEU A 39 -1.18 8.87 9.90
N VAL A 40 -0.97 8.82 8.60
CA VAL A 40 -0.74 10.00 7.81
C VAL A 40 -2.07 10.58 7.29
N VAL A 41 -2.95 9.71 6.85
CA VAL A 41 -4.21 10.16 6.27
C VAL A 41 -5.31 10.32 7.35
N GLY A 42 -5.15 9.63 8.47
CA GLY A 42 -6.12 9.72 9.54
C GLY A 42 -7.29 8.77 9.34
N THR A 43 -7.18 7.99 8.30
CA THR A 43 -8.21 7.03 7.94
C THR A 43 -8.18 5.81 8.90
N THR A 44 -9.19 4.97 8.81
CA THR A 44 -9.27 3.77 9.59
C THR A 44 -8.94 2.55 8.70
N VAL A 45 -8.90 1.36 9.30
CA VAL A 45 -8.51 0.12 8.60
C VAL A 45 -9.43 -0.19 7.41
N ASP A 46 -10.72 -0.12 7.63
CA ASP A 46 -11.68 -0.49 6.60
C ASP A 46 -11.79 0.58 5.54
N SER A 47 -11.65 1.81 5.94
CA SER A 47 -11.77 2.90 5.07
C SER A 47 -10.48 3.17 4.30
N MET A 48 -9.45 2.43 4.58
CA MET A 48 -8.22 2.54 3.84
C MET A 48 -8.23 1.46 2.80
N ARG A 49 -8.34 1.83 1.57
CA ARG A 49 -8.39 0.84 0.53
C ARG A 49 -7.01 0.78 -0.12
N ILE A 50 -6.52 -0.43 -0.39
CA ILE A 50 -5.16 -0.63 -0.89
C ILE A 50 -5.14 -1.32 -2.26
N GLN A 51 -4.59 -0.65 -3.24
CA GLN A 51 -4.46 -1.17 -4.59
C GLN A 51 -3.00 -1.41 -4.93
N LEU A 52 -2.75 -2.40 -5.76
CA LEU A 52 -1.40 -2.69 -6.24
C LEU A 52 -1.30 -2.33 -7.72
N PHE A 53 -0.38 -1.45 -8.04
CA PHE A 53 -0.12 -1.02 -9.39
C PHE A 53 1.29 -1.37 -9.81
N ASP A 54 1.47 -1.55 -11.09
CA ASP A 54 2.79 -1.79 -11.66
C ASP A 54 3.15 -0.55 -12.48
N GLY A 55 4.01 -0.69 -13.41
CA GLY A 55 4.45 0.41 -14.21
C GLY A 55 3.76 0.46 -15.54
N ASP A 56 2.79 -0.43 -15.73
CA ASP A 56 2.03 -0.48 -16.96
C ASP A 56 1.22 0.79 -17.09
N ASP A 57 0.17 0.85 -16.29
CA ASP A 57 -0.80 1.92 -16.27
C ASP A 57 -1.93 1.55 -15.34
N GLN A 58 -2.52 0.40 -15.60
CA GLN A 58 -3.66 -0.04 -14.87
C GLN A 58 -3.31 -0.91 -13.67
N LEU A 59 -4.29 -1.10 -12.84
CA LEU A 59 -4.25 -1.80 -11.57
C LEU A 59 -4.08 -3.32 -11.76
N LYS A 60 -3.22 -3.91 -10.92
CA LYS A 60 -2.93 -5.36 -10.94
C LYS A 60 -3.87 -6.11 -10.02
N GLY A 61 -4.12 -5.55 -8.89
CA GLY A 61 -4.97 -6.22 -7.92
C GLY A 61 -5.26 -5.34 -6.74
N GLU A 62 -6.22 -5.74 -5.96
CA GLU A 62 -6.61 -4.98 -4.80
C GLU A 62 -6.51 -5.90 -3.59
N LEU A 63 -5.62 -5.57 -2.69
CA LEU A 63 -5.24 -6.45 -1.59
C LEU A 63 -6.12 -6.33 -0.38
N THR A 64 -5.72 -5.46 0.48
CA THR A 64 -6.35 -5.06 1.77
C THR A 64 -6.05 -6.03 2.94
N ASP A 65 -5.36 -7.13 2.66
CA ASP A 65 -5.04 -8.10 3.72
C ASP A 65 -3.70 -7.84 4.28
N GLY A 66 -3.62 -7.71 5.58
CA GLY A 66 -2.37 -7.50 6.22
C GLY A 66 -2.08 -8.51 7.26
N ALA A 67 -2.95 -9.51 7.38
CA ALA A 67 -2.73 -10.61 8.29
C ALA A 67 -1.58 -11.44 7.76
N LYS A 68 -1.33 -11.28 6.47
CA LYS A 68 -0.27 -11.92 5.81
C LYS A 68 0.76 -10.86 5.39
N SER A 69 1.91 -11.30 4.97
CA SER A 69 2.94 -10.42 4.57
C SER A 69 2.85 -10.08 3.12
N LEU A 70 3.61 -9.09 2.73
CA LEU A 70 3.71 -8.66 1.38
C LEU A 70 4.27 -9.76 0.50
N LYS A 71 5.08 -10.61 1.11
CA LYS A 71 5.65 -11.75 0.43
C LYS A 71 4.53 -12.71 0.04
N ASP A 72 3.57 -12.89 0.93
CA ASP A 72 2.43 -13.79 0.70
C ASP A 72 1.47 -13.11 -0.29
N LEU A 73 1.40 -11.80 -0.19
CA LEU A 73 0.52 -10.96 -1.02
C LEU A 73 1.02 -10.86 -2.46
N GLY A 74 2.26 -11.28 -2.68
CA GLY A 74 2.79 -11.27 -4.02
C GLY A 74 3.34 -9.92 -4.39
N VAL A 75 3.70 -9.16 -3.40
CA VAL A 75 4.25 -7.86 -3.62
C VAL A 75 5.76 -7.96 -3.65
N ARG A 76 6.33 -7.67 -4.79
CA ARG A 76 7.76 -7.63 -4.92
C ARG A 76 8.19 -6.18 -4.93
N ASP A 77 9.46 -5.92 -5.11
CA ASP A 77 9.95 -4.55 -5.16
C ASP A 77 9.67 -3.95 -6.52
N GLY A 78 9.70 -2.65 -6.59
CA GLY A 78 9.44 -1.97 -7.85
C GLY A 78 7.95 -1.87 -8.16
N TYR A 79 7.14 -2.06 -7.15
CA TYR A 79 5.71 -1.96 -7.29
C TYR A 79 5.17 -0.72 -6.63
N ARG A 80 4.04 -0.30 -7.11
CA ARG A 80 3.39 0.87 -6.59
C ARG A 80 2.18 0.48 -5.79
N ILE A 81 2.17 0.88 -4.56
CA ILE A 81 1.05 0.60 -3.70
C ILE A 81 0.24 1.84 -3.59
N HIS A 82 -1.00 1.72 -3.88
CA HIS A 82 -1.88 2.83 -3.88
C HIS A 82 -2.85 2.74 -2.71
N ALA A 83 -2.93 3.80 -1.97
CA ALA A 83 -3.86 3.88 -0.89
C ALA A 83 -4.89 4.93 -1.22
N VAL A 84 -6.10 4.67 -0.86
CA VAL A 84 -7.17 5.59 -1.08
C VAL A 84 -8.13 5.52 0.08
N ASP A 85 -8.54 6.66 0.59
CA ASP A 85 -9.44 6.69 1.65
C ASP A 85 -10.84 6.58 1.11
N VAL A 86 -11.63 5.83 1.77
CA VAL A 86 -12.99 5.66 1.42
C VAL A 86 -13.85 6.31 2.52
N THR A 87 -13.18 7.03 3.43
CA THR A 87 -13.86 7.64 4.56
C THR A 87 -14.44 8.98 4.19
N GLY A 88 -13.77 9.68 3.33
CA GLY A 88 -14.28 10.94 2.87
C GLY A 88 -14.74 10.81 1.48
N GLY A 89 -14.59 9.60 0.94
CA GLY A 89 -14.90 9.35 -0.45
C GLY A 89 -14.09 10.25 -1.36
N ASN A 90 -12.85 10.47 -0.98
CA ASN A 90 -12.00 11.38 -1.68
C ASN A 90 -11.36 10.64 -2.82
N GLU A 91 -11.42 11.23 -4.00
CA GLU A 91 -10.95 10.60 -5.22
C GLU A 91 -11.86 9.42 -5.56
N ASP A 92 -12.93 9.72 -6.23
CA ASP A 92 -13.91 8.73 -6.61
C ASP A 92 -14.66 9.23 -7.82
#